data_5M21
#
_entry.id   5M21
#
_cell.length_a   88.782
_cell.length_b   124.869
_cell.length_c   92.371
_cell.angle_alpha   90.000
_cell.angle_beta   105.150
_cell.angle_gamma   90.000
#
_symmetry.space_group_name_H-M   'P 1 21 1'
#
loop_
_entity.id
_entity.type
_entity.pdbx_description
1 polymer 'Hydroquinone dioxygenase small subunit'
2 polymer 'Hydroquinone dioxygenase large subunit'
3 non-polymer 'FE (III) ION'
4 non-polymer 'P-HYDROXYBENZOIC ACID'
5 water water
#
loop_
_entity_poly.entity_id
_entity_poly.type
_entity_poly.pdbx_seq_one_letter_code
_entity_poly.pdbx_strand_id
1 'polypeptide(L)'
;MADVVTEFGALTDYRKGGVEIIDDDPRNYVFSNVFEVAANAAPYERVAVGKNFEYVIESARAEGTSGWFSCAHDEFVLAM
DGQIEVHLLKLDNSDAYVDPDSEGAVAIGEALPEGRKMGRIVLRRGHMALLPVGAAYRFYAEQPAAMLFQSIEGAVTVQK
WGEICQTEAA
;
A,C,E,G
2 'polypeptide(L)'
;MAMSEALEIIDFGDSKARTDTEHLAINNETGYRSFRAGGFTFTRDEYFARLTWPGGSHIIPIDAFLRAMMRDVAWGFFYG
VVNFDHVFGTINHYGEVTMFAGRFNDAYRNAGRDHEERFKSSALMAVFKDILSDWTVEGYDPFAAPMETGLPWGIKNGNN
DEAISRQRVTARRMVGLPGDTPVRTDANGFPVNRQFADVPQEQPVVEAEPGFEAEVSAYNLFGYLSRSDVTWNPSVCSVV
GDSLFCPTSEEFILPVEHGNDRCEWFLQLSDEIVWDVKDKESGKPRARVTARAGDICCMPADIRHQGYSTKRSMLLVWEN
GSPKIPQMIADGTAPVVPVTF
;
B,D,F,H
#
loop_
_chem_comp.id
_chem_comp.type
_chem_comp.name
_chem_comp.formula
FE non-polymer 'FE (III) ION' 'Fe 3'
PHB non-polymer 'P-HYDROXYBENZOIC ACID' 'C7 H6 O3'
#
# COMPACT_ATOMS: atom_id res chain seq x y z
N ASP A 3 -24.30 -7.01 31.19
CA ASP A 3 -23.17 -6.49 30.43
C ASP A 3 -22.23 -7.67 30.31
N VAL A 4 -21.43 -7.69 29.26
CA VAL A 4 -20.45 -8.77 29.09
C VAL A 4 -19.28 -8.67 30.12
N VAL A 5 -19.00 -9.76 30.81
CA VAL A 5 -17.84 -9.84 31.72
C VAL A 5 -16.91 -10.96 31.28
N THR A 6 -15.75 -10.61 30.76
CA THR A 6 -14.73 -11.58 30.40
C THR A 6 -13.88 -11.89 31.67
N GLU A 7 -13.82 -13.15 32.07
CA GLU A 7 -13.23 -13.52 33.35
C GLU A 7 -11.73 -13.80 33.17
N PHE A 8 -10.88 -12.92 33.70
CA PHE A 8 -9.42 -13.16 33.78
C PHE A 8 -8.93 -13.52 35.20
N GLY A 9 -7.87 -14.32 35.27
CA GLY A 9 -7.27 -14.66 36.58
C GLY A 9 -6.23 -13.63 37.00
N ALA A 10 -5.82 -13.72 38.28
CA ALA A 10 -4.82 -12.83 38.89
C ALA A 10 -4.19 -13.64 40.01
N LEU A 11 -2.94 -13.32 40.42
CA LEU A 11 -2.29 -14.01 41.57
C LEU A 11 -3.21 -14.09 42.76
N THR A 12 -3.98 -13.03 42.96
CA THR A 12 -4.87 -12.84 44.13
C THR A 12 -6.30 -13.34 43.93
N ASP A 13 -6.66 -13.73 42.71
CA ASP A 13 -8.02 -14.11 42.41
C ASP A 13 -8.02 -15.08 41.25
N TYR A 14 -7.86 -16.37 41.53
CA TYR A 14 -7.99 -17.39 40.51
C TYR A 14 -8.89 -18.49 41.03
N ARG A 15 -9.48 -19.25 40.12
CA ARG A 15 -10.33 -20.36 40.53
C ARG A 15 -10.03 -21.66 39.78
N LYS A 16 -9.13 -22.47 40.30
CA LYS A 16 -8.70 -23.71 39.60
C LYS A 16 -9.84 -24.72 39.24
N GLY A 17 -9.81 -25.29 38.04
CA GLY A 17 -10.75 -26.37 37.68
C GLY A 17 -10.00 -27.67 37.87
N GLY A 18 -10.17 -28.63 36.98
CA GLY A 18 -9.51 -29.92 37.17
C GLY A 18 -9.98 -31.02 36.28
N VAL A 19 -9.41 -32.19 36.45
CA VAL A 19 -9.74 -33.35 35.65
C VAL A 19 -10.77 -34.17 36.44
N GLU A 20 -11.98 -34.38 35.86
CA GLU A 20 -12.98 -35.36 36.36
C GLU A 20 -12.72 -36.65 35.58
N ILE A 21 -12.62 -37.76 36.29
CA ILE A 21 -12.21 -39.03 35.70
C ILE A 21 -13.37 -40.04 35.39
N ILE A 22 -13.29 -40.69 34.24
CA ILE A 22 -14.25 -41.73 33.93
C ILE A 22 -13.48 -43.01 33.97
N ASP A 23 -12.39 -43.06 33.23
CA ASP A 23 -11.50 -44.21 33.26
C ASP A 23 -10.19 -43.65 32.77
N ASP A 24 -9.36 -43.15 33.71
CA ASP A 24 -8.08 -42.52 33.41
C ASP A 24 -7.29 -42.27 34.70
N ASP A 25 -6.15 -41.63 34.57
CA ASP A 25 -5.27 -41.23 35.66
C ASP A 25 -5.14 -39.70 35.51
N PRO A 26 -5.60 -38.93 36.50
CA PRO A 26 -5.50 -37.48 36.32
C PRO A 26 -4.09 -36.92 36.08
N ARG A 27 -3.05 -37.67 36.46
CA ARG A 27 -1.71 -37.19 36.33
C ARG A 27 -1.34 -37.12 34.86
N ASN A 28 -2.05 -37.85 34.00
CA ASN A 28 -1.80 -37.84 32.55
C ASN A 28 -2.02 -36.45 31.93
N TYR A 29 -2.82 -35.61 32.58
CA TYR A 29 -3.18 -34.31 32.01
C TYR A 29 -2.33 -33.20 32.57
N VAL A 30 -1.43 -33.56 33.50
CA VAL A 30 -0.45 -32.64 34.02
C VAL A 30 -1.04 -31.23 34.28
N PHE A 31 -2.08 -31.14 35.08
CA PHE A 31 -2.97 -29.93 35.20
C PHE A 31 -2.51 -29.05 36.39
N SER A 32 -2.23 -27.75 36.16
CA SER A 32 -1.85 -26.80 37.21
C SER A 32 -2.46 -25.45 36.91
N ASN A 33 -2.34 -24.49 37.82
CA ASN A 33 -2.84 -23.18 37.51
C ASN A 33 -1.70 -22.26 37.61
N VAL A 34 -1.36 -21.60 36.51
CA VAL A 34 -0.15 -20.78 36.47
C VAL A 34 -0.11 -19.67 37.55
N PHE A 35 -1.27 -19.19 37.99
CA PHE A 35 -1.27 -18.18 39.07
C PHE A 35 -0.87 -18.77 40.42
N GLU A 36 -1.46 -19.92 40.74
CA GLU A 36 -1.12 -20.64 41.91
C GLU A 36 0.36 -20.92 41.90
N VAL A 37 0.88 -21.32 40.73
CA VAL A 37 2.31 -21.62 40.59
C VAL A 37 3.13 -20.37 40.87
N ALA A 38 2.80 -19.25 40.20
CA ALA A 38 3.52 -17.99 40.41
C ALA A 38 3.40 -17.52 41.87
N ALA A 39 2.23 -17.73 42.45
CA ALA A 39 1.95 -17.21 43.79
C ALA A 39 2.90 -17.82 44.82
N ASN A 40 3.26 -19.09 44.63
CA ASN A 40 4.05 -19.91 45.53
C ASN A 40 5.55 -19.92 45.30
N ALA A 41 6.02 -19.38 44.18
CA ALA A 41 7.46 -19.40 43.90
C ALA A 41 8.23 -18.17 44.42
N ALA A 42 9.55 -18.30 44.40
CA ALA A 42 10.45 -17.17 44.67
C ALA A 42 10.33 -16.16 43.51
N PRO A 43 10.40 -14.84 43.82
CA PRO A 43 10.33 -13.81 42.77
C PRO A 43 11.29 -14.15 41.62
N TYR A 44 10.75 -14.13 40.39
CA TYR A 44 11.50 -14.38 39.17
C TYR A 44 12.03 -15.81 38.97
N GLU A 45 11.66 -16.72 39.85
CA GLU A 45 11.91 -18.15 39.74
C GLU A 45 11.03 -18.64 38.57
N ARG A 46 11.60 -19.40 37.62
CA ARG A 46 10.86 -19.71 36.40
C ARG A 46 10.46 -21.18 36.42
N VAL A 47 9.21 -21.41 36.80
CA VAL A 47 8.72 -22.75 37.02
C VAL A 47 8.04 -23.32 35.78
N ALA A 48 8.49 -24.50 35.34
CA ALA A 48 7.93 -25.16 34.19
C ALA A 48 6.47 -25.48 34.54
N VAL A 49 5.58 -25.04 33.64
CA VAL A 49 4.15 -25.41 33.72
C VAL A 49 3.70 -26.15 32.46
N GLY A 50 4.47 -26.07 31.35
CA GLY A 50 4.30 -27.05 30.29
C GLY A 50 5.61 -27.48 29.70
N LYS A 51 5.65 -28.65 29.06
CA LYS A 51 6.90 -29.12 28.47
C LYS A 51 6.53 -30.01 27.32
N ASN A 52 7.21 -29.84 26.20
CA ASN A 52 7.01 -30.68 25.10
C ASN A 52 8.36 -30.84 24.46
N PHE A 53 8.93 -32.03 24.61
CA PHE A 53 10.35 -32.24 24.36
C PHE A 53 11.13 -31.15 25.08
N GLU A 54 11.96 -30.42 24.36
CA GLU A 54 12.81 -29.45 25.06
C GLU A 54 12.10 -28.13 25.31
N TYR A 55 10.94 -27.91 24.69
CA TYR A 55 10.34 -26.60 24.79
C TYR A 55 9.55 -26.52 26.09
N VAL A 56 9.41 -25.32 26.62
CA VAL A 56 8.67 -25.16 27.86
C VAL A 56 7.86 -23.90 27.85
N ILE A 57 6.83 -23.94 28.68
CA ILE A 57 6.18 -22.72 29.17
C ILE A 57 6.52 -22.63 30.66
N GLU A 58 6.96 -21.43 31.09
CA GLU A 58 7.37 -21.15 32.47
C GLU A 58 6.46 -20.10 33.11
N SER A 59 6.12 -20.28 34.37
CA SER A 59 5.38 -19.27 35.12
C SER A 59 6.31 -18.68 36.17
N ALA A 60 6.11 -17.41 36.48
CA ALA A 60 7.00 -16.69 37.39
C ALA A 60 6.21 -15.55 37.93
N ARG A 61 6.54 -15.17 39.15
CA ARG A 61 6.05 -13.96 39.74
C ARG A 61 7.16 -12.93 39.62
N ALA A 62 6.79 -11.78 39.08
CA ALA A 62 7.60 -10.60 39.02
C ALA A 62 7.27 -9.75 40.26
N GLU A 63 8.34 -9.38 40.95
CA GLU A 63 8.24 -8.65 42.23
C GLU A 63 9.58 -8.00 42.50
N GLY A 64 9.60 -6.66 42.50
CA GLY A 64 10.87 -5.95 42.56
C GLY A 64 11.66 -6.12 41.27
N THR A 65 12.97 -6.07 41.38
CA THR A 65 13.81 -5.99 40.20
C THR A 65 14.54 -7.32 40.02
N SER A 66 14.51 -7.89 38.82
CA SER A 66 15.19 -9.17 38.59
C SER A 66 16.68 -8.93 38.33
N GLY A 67 17.46 -10.01 38.30
CA GLY A 67 18.78 -9.98 37.69
C GLY A 67 18.62 -9.98 36.17
N TRP A 68 19.75 -9.90 35.46
CA TRP A 68 19.75 -9.93 34.01
C TRP A 68 19.73 -11.35 33.46
N PHE A 69 18.99 -11.54 32.36
CA PHE A 69 18.96 -12.79 31.63
C PHE A 69 19.36 -12.53 30.16
N SER A 70 19.83 -13.59 29.49
CA SER A 70 20.03 -13.59 28.05
C SER A 70 19.88 -15.02 27.50
N CYS A 71 19.77 -15.18 26.19
CA CYS A 71 19.42 -16.50 25.72
C CYS A 71 20.03 -16.70 24.34
N ALA A 72 20.40 -17.95 23.98
CA ALA A 72 20.89 -18.26 22.65
C ALA A 72 19.81 -18.31 21.50
N HIS A 73 18.53 -18.15 21.83
CA HIS A 73 17.43 -18.14 20.84
C HIS A 73 16.46 -17.10 21.35
N ASP A 74 15.42 -16.79 20.57
CA ASP A 74 14.36 -15.85 21.02
C ASP A 74 13.53 -16.50 22.16
N GLU A 75 12.80 -15.67 22.89
CA GLU A 75 11.85 -16.13 23.88
C GLU A 75 10.80 -15.04 23.84
N PHE A 76 9.66 -15.28 24.45
CA PHE A 76 8.56 -14.38 24.54
C PHE A 76 8.12 -14.48 25.96
N VAL A 77 7.65 -13.36 26.47
CA VAL A 77 7.06 -13.23 27.78
C VAL A 77 5.67 -12.63 27.60
N LEU A 78 4.70 -13.16 28.34
CA LEU A 78 3.32 -12.71 28.31
C LEU A 78 2.94 -12.36 29.72
N ALA A 79 2.54 -11.11 29.92
CA ALA A 79 2.18 -10.70 31.27
C ALA A 79 0.77 -11.24 31.53
N MET A 80 0.52 -11.81 32.72
CA MET A 80 -0.79 -12.41 32.96
C MET A 80 -1.60 -11.62 33.94
N ASP A 81 -0.94 -10.77 34.70
CA ASP A 81 -1.60 -9.98 35.74
C ASP A 81 -0.59 -8.94 36.20
N GLY A 82 -1.07 -7.80 36.70
CA GLY A 82 -0.21 -6.73 37.19
C GLY A 82 0.49 -5.97 36.07
N GLN A 83 1.49 -5.16 36.40
CA GLN A 83 2.17 -4.35 35.40
C GLN A 83 3.66 -4.62 35.50
N ILE A 84 4.33 -4.83 34.36
CA ILE A 84 5.74 -5.32 34.37
C ILE A 84 6.62 -4.59 33.37
N GLU A 85 7.69 -4.01 33.89
CA GLU A 85 8.58 -3.22 33.07
C GLU A 85 9.74 -4.11 32.53
N VAL A 86 10.00 -4.05 31.23
CA VAL A 86 11.08 -4.82 30.67
C VAL A 86 12.13 -3.89 30.13
N HIS A 87 13.37 -4.13 30.54
CA HIS A 87 14.49 -3.38 29.99
C HIS A 87 15.33 -4.28 29.12
N LEU A 88 15.68 -3.75 27.95
CA LEU A 88 16.45 -4.51 26.96
C LEU A 88 17.82 -3.85 26.76
N LEU A 89 18.86 -4.68 26.69
CA LEU A 89 20.21 -4.21 26.47
C LEU A 89 20.81 -4.99 25.35
N LYS A 90 21.47 -4.34 24.40
CA LYS A 90 22.13 -5.09 23.34
C LYS A 90 23.54 -5.45 23.83
N LEU A 91 23.90 -6.72 23.87
CA LEU A 91 25.15 -7.08 24.51
C LEU A 91 26.32 -6.72 23.58
N ASP A 92 27.42 -6.19 24.11
CA ASP A 92 28.58 -5.99 23.28
C ASP A 92 29.10 -7.37 22.89
N ASN A 93 29.15 -8.34 23.80
CA ASN A 93 29.67 -9.68 23.47
C ASN A 93 28.79 -10.65 24.24
N SER A 94 27.69 -11.05 23.62
CA SER A 94 26.73 -11.88 24.29
C SER A 94 27.34 -13.27 24.44
N ASP A 95 28.32 -13.57 23.59
CA ASP A 95 29.09 -14.81 23.68
C ASP A 95 29.92 -14.87 25.00
N ALA A 96 30.01 -13.75 25.70
CA ALA A 96 30.75 -13.70 26.95
C ALA A 96 29.84 -14.13 28.05
N TYR A 97 28.53 -14.18 27.76
CA TYR A 97 27.53 -14.49 28.79
C TYR A 97 26.74 -15.72 28.48
N VAL A 98 26.45 -15.93 27.21
CA VAL A 98 25.64 -17.07 26.83
C VAL A 98 26.42 -18.00 25.94
N ASP A 99 26.46 -19.30 26.26
CA ASP A 99 27.09 -20.29 25.39
C ASP A 99 26.22 -20.49 24.12
N PRO A 100 26.81 -20.22 22.94
CA PRO A 100 26.13 -20.38 21.66
C PRO A 100 25.41 -21.73 21.53
N ASP A 101 26.01 -22.82 22.04
CA ASP A 101 25.39 -24.15 21.97
C ASP A 101 24.29 -24.42 23.06
N SER A 102 24.03 -23.44 23.93
CA SER A 102 23.06 -23.61 24.99
C SER A 102 21.61 -23.28 24.59
N GLU A 103 20.65 -23.83 25.33
CA GLU A 103 19.25 -23.46 25.20
C GLU A 103 18.67 -22.99 26.54
N GLY A 104 17.53 -22.31 26.48
CA GLY A 104 16.82 -21.83 27.67
C GLY A 104 17.48 -20.56 28.13
N ALA A 105 16.75 -19.70 28.82
CA ALA A 105 17.35 -18.54 29.44
C ALA A 105 18.53 -18.87 30.39
N VAL A 106 19.39 -17.87 30.58
CA VAL A 106 20.58 -17.99 31.44
C VAL A 106 20.51 -16.78 32.36
N ALA A 107 20.64 -16.99 33.67
CA ALA A 107 20.74 -15.84 34.61
C ALA A 107 22.14 -15.28 34.48
N ILE A 108 22.27 -14.08 33.91
CA ILE A 108 23.63 -13.63 33.59
C ILE A 108 24.19 -12.68 34.61
N GLY A 109 23.42 -12.40 35.67
CA GLY A 109 23.95 -11.72 36.86
C GLY A 109 23.17 -10.46 37.21
N GLU A 110 23.38 -9.95 38.43
CA GLU A 110 22.86 -8.58 38.76
C GLU A 110 23.79 -7.48 38.23
N ALA A 111 25.10 -7.72 38.17
CA ALA A 111 26.02 -6.75 37.53
C ALA A 111 25.47 -6.36 36.16
N LEU A 112 25.32 -5.07 35.91
CA LEU A 112 25.01 -4.53 34.58
C LEU A 112 25.95 -5.11 33.52
N PRO A 113 25.43 -5.87 32.52
CA PRO A 113 26.40 -6.30 31.50
C PRO A 113 26.74 -5.14 30.59
N GLU A 114 27.84 -5.25 29.85
CA GLU A 114 28.28 -4.18 28.96
C GLU A 114 27.46 -4.28 27.63
N GLY A 115 26.77 -3.21 27.26
CA GLY A 115 26.09 -3.14 25.96
C GLY A 115 25.33 -1.83 25.82
N ARG A 116 24.54 -1.67 24.75
CA ARG A 116 23.81 -0.41 24.59
C ARG A 116 22.36 -0.62 24.87
N LYS A 117 21.77 0.37 25.51
CA LYS A 117 20.35 0.43 25.80
C LYS A 117 19.51 0.24 24.52
N MET A 118 18.59 -0.75 24.50
CA MET A 118 17.72 -1.02 23.29
C MET A 118 16.38 -0.37 23.47
N GLY A 119 15.85 -0.46 24.67
CA GLY A 119 14.63 0.19 24.99
C GLY A 119 14.03 -0.37 26.24
N ARG A 120 12.77 -0.06 26.37
CA ARG A 120 12.00 -0.40 27.54
C ARG A 120 10.58 -0.70 27.11
N ILE A 121 9.96 -1.69 27.76
CA ILE A 121 8.57 -2.04 27.56
C ILE A 121 7.80 -2.12 28.89
N VAL A 122 6.59 -1.57 28.90
CA VAL A 122 5.68 -1.79 30.03
C VAL A 122 4.48 -2.63 29.57
N LEU A 123 4.41 -3.85 30.08
CA LEU A 123 3.41 -4.85 29.85
C LEU A 123 2.36 -4.83 30.97
N ARG A 124 1.09 -4.90 30.59
CA ARG A 124 0.04 -5.20 31.56
C ARG A 124 -0.54 -6.55 31.18
N ARG A 125 -1.57 -6.99 31.91
CA ARG A 125 -2.23 -8.25 31.61
C ARG A 125 -2.56 -8.39 30.12
N GLY A 126 -2.15 -9.51 29.54
CA GLY A 126 -2.50 -9.78 28.14
C GLY A 126 -1.47 -9.26 27.11
N HIS A 127 -0.35 -8.68 27.55
CA HIS A 127 0.61 -8.06 26.63
C HIS A 127 1.75 -9.05 26.52
N MET A 128 2.21 -9.29 25.30
CA MET A 128 3.30 -10.19 25.07
C MET A 128 4.41 -9.33 24.47
N ALA A 129 5.66 -9.55 24.90
CA ALA A 129 6.80 -8.87 24.30
C ALA A 129 7.80 -9.88 23.77
N LEU A 130 8.55 -9.47 22.75
CA LEU A 130 9.63 -10.30 22.23
C LEU A 130 10.88 -10.18 23.08
N LEU A 131 11.58 -11.27 23.31
CA LEU A 131 12.83 -11.17 23.99
C LEU A 131 13.86 -11.68 23.02
N PRO A 132 14.52 -10.77 22.32
CA PRO A 132 15.25 -11.26 21.15
C PRO A 132 16.63 -11.84 21.44
N VAL A 133 16.98 -12.90 20.75
CA VAL A 133 18.34 -13.42 20.85
C VAL A 133 19.35 -12.28 20.74
N GLY A 134 20.34 -12.25 21.65
CA GLY A 134 21.41 -11.23 21.64
C GLY A 134 21.17 -10.04 22.58
N ALA A 135 19.95 -9.93 23.11
CA ALA A 135 19.62 -8.90 24.07
C ALA A 135 19.79 -9.55 25.45
N ALA A 136 20.17 -8.76 26.44
CA ALA A 136 19.98 -9.13 27.82
C ALA A 136 18.72 -8.40 28.23
N TYR A 137 17.91 -8.98 29.12
CA TYR A 137 16.70 -8.32 29.59
C TYR A 137 16.62 -8.49 31.10
N ARG A 138 15.90 -7.58 31.74
CA ARG A 138 15.67 -7.65 33.17
C ARG A 138 14.34 -6.97 33.40
N PHE A 139 13.68 -7.36 34.50
CA PHE A 139 12.31 -6.91 34.78
C PHE A 139 12.23 -6.11 36.04
N TYR A 140 11.23 -5.24 36.11
CA TYR A 140 10.89 -4.59 37.37
C TYR A 140 9.40 -4.68 37.54
N ALA A 141 8.92 -5.09 38.71
CA ALA A 141 7.49 -4.91 39.00
C ALA A 141 7.28 -4.37 40.40
N GLU A 142 6.60 -3.20 40.46
CA GLU A 142 6.27 -2.51 41.72
C GLU A 142 5.47 -3.40 42.66
N GLN A 143 4.34 -3.90 42.18
CA GLN A 143 3.47 -4.82 42.90
C GLN A 143 3.64 -6.25 42.34
N PRO A 144 3.38 -7.32 43.14
CA PRO A 144 3.68 -8.64 42.54
C PRO A 144 2.80 -8.88 41.27
N ALA A 145 3.36 -9.43 40.20
CA ALA A 145 2.63 -9.62 38.96
C ALA A 145 3.01 -11.00 38.46
N ALA A 146 2.19 -11.59 37.57
CA ALA A 146 2.44 -12.91 37.05
C ALA A 146 2.88 -12.83 35.60
N MET A 147 3.76 -13.74 35.19
CA MET A 147 4.11 -13.77 33.78
C MET A 147 4.46 -15.17 33.28
N LEU A 148 4.43 -15.38 31.96
CA LEU A 148 4.75 -16.70 31.45
C LEU A 148 5.79 -16.55 30.39
N PHE A 149 6.58 -17.60 30.17
CA PHE A 149 7.62 -17.50 29.20
C PHE A 149 7.44 -18.63 28.25
N GLN A 150 7.74 -18.35 26.98
CA GLN A 150 7.72 -19.36 25.98
C GLN A 150 9.18 -19.53 25.82
N SER A 151 9.73 -20.70 26.14
CA SER A 151 11.13 -20.83 25.97
C SER A 151 11.54 -22.28 25.73
N ILE A 152 12.78 -22.60 26.15
CA ILE A 152 13.38 -23.93 26.06
C ILE A 152 13.89 -24.26 27.49
N GLU A 153 13.86 -25.53 27.89
CA GLU A 153 14.32 -25.89 29.23
C GLU A 153 15.81 -25.59 29.26
N GLY A 154 16.26 -24.93 30.31
CA GLY A 154 17.69 -24.58 30.42
C GLY A 154 18.09 -24.37 31.85
N ALA A 155 19.13 -23.59 32.06
CA ALA A 155 19.74 -23.50 33.39
C ALA A 155 18.86 -22.77 34.40
N VAL A 156 17.82 -22.06 33.95
CA VAL A 156 16.96 -21.33 34.89
C VAL A 156 15.60 -22.07 35.11
N THR A 157 15.41 -23.20 34.46
CA THR A 157 14.05 -23.72 34.48
C THR A 157 13.84 -24.67 35.64
N VAL A 158 12.85 -24.38 36.47
CA VAL A 158 12.60 -25.27 37.59
C VAL A 158 11.43 -26.22 37.31
N GLN A 159 11.67 -27.52 37.51
CA GLN A 159 10.65 -28.56 37.35
C GLN A 159 10.21 -29.09 38.71
N LYS A 160 8.91 -29.08 38.97
CA LYS A 160 8.40 -29.53 40.25
C LYS A 160 6.93 -29.99 40.03
N TRP A 161 6.77 -30.93 39.10
CA TRP A 161 5.47 -31.36 38.62
C TRP A 161 4.63 -31.96 39.74
N GLY A 162 5.27 -32.73 40.64
CA GLY A 162 4.56 -33.43 41.75
C GLY A 162 3.91 -32.45 42.72
N GLU A 163 4.47 -31.26 42.76
CA GLU A 163 4.11 -30.29 43.72
C GLU A 163 3.03 -29.40 43.14
N ILE A 164 3.06 -29.17 41.82
CA ILE A 164 2.07 -28.24 41.21
C ILE A 164 0.82 -28.86 40.55
N CYS A 165 0.91 -30.14 40.15
CA CYS A 165 -0.12 -30.78 39.34
C CYS A 165 -1.17 -31.58 40.14
N GLN A 166 -2.41 -31.63 39.63
CA GLN A 166 -3.39 -32.52 40.13
C GLN A 166 -2.89 -34.01 40.13
N THR A 167 -3.01 -34.65 41.29
CA THR A 167 -2.87 -36.11 41.34
C THR A 167 -4.23 -36.73 41.71
N GLU A 168 -5.20 -35.88 42.02
CA GLU A 168 -6.59 -36.26 42.41
C GLU A 168 -6.70 -37.37 43.46
N ALA B 17 -0.92 -43.31 -3.10
CA ALA B 17 -1.78 -42.24 -2.54
C ALA B 17 -2.58 -41.57 -3.67
N ARG B 18 -3.91 -41.74 -3.61
CA ARG B 18 -4.82 -41.37 -4.70
C ARG B 18 -4.97 -39.87 -5.00
N THR B 19 -5.58 -39.61 -6.14
CA THR B 19 -5.56 -38.30 -6.73
C THR B 19 -6.91 -38.07 -7.45
N ASP B 20 -7.62 -39.15 -7.68
CA ASP B 20 -8.91 -39.12 -8.40
C ASP B 20 -10.08 -38.55 -7.61
N THR B 21 -10.51 -37.35 -7.98
CA THR B 21 -11.73 -36.79 -7.43
C THR B 21 -12.59 -36.26 -8.56
N GLU B 22 -13.84 -35.92 -8.28
CA GLU B 22 -14.75 -35.61 -9.34
C GLU B 22 -15.93 -34.82 -8.81
N HIS B 23 -16.32 -33.82 -9.58
CA HIS B 23 -17.57 -33.12 -9.45
C HIS B 23 -18.68 -33.88 -10.15
N LEU B 24 -19.71 -34.29 -9.40
CA LEU B 24 -20.81 -35.05 -9.97
C LEU B 24 -21.92 -34.08 -10.27
N ALA B 25 -23.15 -34.60 -10.45
CA ALA B 25 -24.30 -33.77 -10.91
C ALA B 25 -24.86 -32.76 -9.87
N ILE B 26 -25.38 -31.62 -10.32
CA ILE B 26 -26.19 -30.81 -9.43
C ILE B 26 -27.54 -31.53 -9.31
N ASN B 27 -28.07 -31.69 -8.11
CA ASN B 27 -29.37 -32.27 -7.95
C ASN B 27 -30.42 -31.22 -8.28
N ASN B 28 -31.32 -31.58 -9.18
CA ASN B 28 -32.47 -30.82 -9.60
C ASN B 28 -33.32 -30.26 -8.48
N GLU B 29 -33.62 -31.07 -7.47
CA GLU B 29 -34.52 -30.62 -6.39
C GLU B 29 -33.74 -29.82 -5.34
N THR B 30 -32.55 -30.28 -4.98
CA THR B 30 -31.82 -29.65 -3.87
C THR B 30 -30.99 -28.47 -4.30
N GLY B 31 -30.53 -28.46 -5.55
CA GLY B 31 -29.66 -27.39 -6.00
C GLY B 31 -28.19 -27.65 -5.68
N TYR B 32 -27.87 -28.74 -4.96
CA TYR B 32 -26.48 -28.92 -4.56
C TYR B 32 -25.82 -29.92 -5.46
N ARG B 33 -24.50 -29.83 -5.57
CA ARG B 33 -23.72 -30.73 -6.35
C ARG B 33 -23.31 -31.85 -5.44
N SER B 34 -23.15 -33.03 -5.99
CA SER B 34 -22.44 -34.02 -5.22
C SER B 34 -20.97 -34.18 -5.69
N PHE B 35 -20.13 -34.86 -4.91
CA PHE B 35 -18.70 -34.90 -5.17
C PHE B 35 -18.19 -36.32 -4.87
N ARG B 36 -17.16 -36.72 -5.58
CA ARG B 36 -16.51 -38.01 -5.27
C ARG B 36 -15.04 -37.75 -4.96
N ALA B 37 -14.50 -38.50 -4.01
CA ALA B 37 -13.07 -38.50 -3.84
C ALA B 37 -12.70 -39.95 -3.63
N GLY B 38 -11.90 -40.50 -4.50
CA GLY B 38 -11.60 -41.94 -4.52
C GLY B 38 -12.88 -42.79 -4.48
N GLY B 39 -13.02 -43.65 -3.48
CA GLY B 39 -14.26 -44.41 -3.27
C GLY B 39 -15.38 -43.69 -2.51
N PHE B 40 -15.10 -42.52 -1.95
CA PHE B 40 -16.10 -41.85 -1.08
C PHE B 40 -16.95 -40.96 -1.94
N THR B 41 -18.26 -40.97 -1.67
CA THR B 41 -19.15 -40.00 -2.25
C THR B 41 -19.75 -39.07 -1.16
N PHE B 42 -19.97 -37.82 -1.52
CA PHE B 42 -20.52 -36.80 -0.66
C PHE B 42 -21.75 -36.21 -1.34
N THR B 43 -22.86 -36.14 -0.61
CA THR B 43 -24.08 -35.51 -1.10
C THR B 43 -24.73 -34.83 0.06
N ARG B 44 -25.28 -33.63 -0.09
CA ARG B 44 -26.08 -33.06 1.01
C ARG B 44 -27.53 -32.83 0.57
N ASP B 45 -28.46 -32.78 1.52
CA ASP B 45 -29.82 -32.42 1.21
C ASP B 45 -30.18 -31.26 2.15
N GLU B 46 -31.46 -31.08 2.38
CA GLU B 46 -31.94 -29.94 3.19
C GLU B 46 -31.41 -29.96 4.65
N TYR B 47 -31.11 -31.15 5.17
CA TYR B 47 -30.71 -31.29 6.58
C TYR B 47 -29.40 -32.02 6.79
N PHE B 48 -29.00 -32.84 5.83
CA PHE B 48 -27.91 -33.77 6.07
C PHE B 48 -26.73 -33.74 5.10
N ALA B 49 -25.54 -34.09 5.60
CA ALA B 49 -24.53 -34.63 4.72
C ALA B 49 -24.65 -36.15 4.71
N ARG B 50 -24.60 -36.71 3.50
CA ARG B 50 -24.72 -38.12 3.30
C ARG B 50 -23.44 -38.63 2.71
N LEU B 51 -22.79 -39.57 3.41
CA LEU B 51 -21.49 -40.10 2.96
C LEU B 51 -21.64 -41.57 2.55
N THR B 52 -20.96 -41.97 1.48
CA THR B 52 -20.94 -43.37 1.12
C THR B 52 -19.49 -43.72 0.82
N TRP B 53 -19.14 -44.99 0.95
CA TRP B 53 -17.81 -45.54 0.59
C TRP B 53 -18.10 -47.00 0.25
N PRO B 54 -17.13 -47.72 -0.34
CA PRO B 54 -17.35 -49.13 -0.67
C PRO B 54 -17.71 -49.93 0.59
N GLY B 55 -18.89 -50.49 0.68
CA GLY B 55 -19.19 -51.21 1.91
C GLY B 55 -20.12 -50.57 2.95
N GLY B 56 -20.43 -49.27 2.85
CA GLY B 56 -21.35 -48.61 3.81
C GLY B 56 -21.60 -47.10 3.58
N SER B 57 -22.34 -46.50 4.49
CA SER B 57 -22.86 -45.13 4.34
C SER B 57 -23.00 -44.55 5.70
N HIS B 58 -23.11 -43.21 5.78
CA HIS B 58 -23.22 -42.53 7.06
C HIS B 58 -23.92 -41.19 6.84
N ILE B 59 -24.51 -40.61 7.88
CA ILE B 59 -25.26 -39.34 7.76
C ILE B 59 -24.79 -38.46 8.89
N ILE B 60 -24.46 -37.20 8.59
CA ILE B 60 -24.07 -36.26 9.63
C ILE B 60 -24.99 -35.05 9.47
N PRO B 61 -25.46 -34.41 10.56
CA PRO B 61 -26.31 -33.23 10.27
C PRO B 61 -25.51 -32.16 9.55
N ILE B 62 -26.09 -31.47 8.57
CA ILE B 62 -25.28 -30.58 7.72
C ILE B 62 -24.56 -29.42 8.47
N ASP B 63 -25.17 -28.91 9.54
CA ASP B 63 -24.53 -27.86 10.31
C ASP B 63 -23.20 -28.30 10.96
N ALA B 64 -23.25 -29.39 11.71
CA ALA B 64 -22.05 -29.99 12.26
C ALA B 64 -21.07 -30.34 11.18
N PHE B 65 -21.55 -30.93 10.08
CA PHE B 65 -20.63 -31.31 9.00
C PHE B 65 -19.80 -30.15 8.44
N LEU B 66 -20.44 -29.00 8.28
CA LEU B 66 -19.85 -27.87 7.58
C LEU B 66 -18.90 -27.14 8.52
N ARG B 67 -19.26 -27.09 9.81
CA ARG B 67 -18.32 -26.56 10.80
C ARG B 67 -17.07 -27.41 10.87
N ALA B 68 -17.21 -28.74 10.87
CA ALA B 68 -16.05 -29.69 10.85
C ALA B 68 -15.21 -29.53 9.57
N MET B 69 -15.88 -29.43 8.44
CA MET B 69 -15.21 -29.29 7.13
C MET B 69 -14.47 -27.96 7.05
N MET B 70 -15.13 -26.89 7.51
CA MET B 70 -14.51 -25.62 7.61
C MET B 70 -13.15 -25.66 8.38
N ARG B 71 -13.15 -26.26 9.56
CA ARG B 71 -11.88 -26.35 10.30
C ARG B 71 -10.89 -27.25 9.51
N ASP B 72 -11.35 -28.35 8.93
CA ASP B 72 -10.33 -29.25 8.33
C ASP B 72 -9.73 -28.53 7.11
N VAL B 73 -10.57 -27.71 6.46
CA VAL B 73 -10.06 -26.90 5.33
C VAL B 73 -9.11 -25.77 5.82
N ALA B 74 -9.62 -24.90 6.70
CA ALA B 74 -8.84 -23.80 7.25
C ALA B 74 -7.54 -24.26 7.89
N TRP B 75 -7.50 -25.48 8.43
CA TRP B 75 -6.25 -25.93 9.08
C TRP B 75 -5.37 -26.75 8.16
N GLY B 76 -5.72 -26.90 6.89
CA GLY B 76 -4.88 -27.74 6.07
C GLY B 76 -4.69 -29.18 6.58
N PHE B 77 -5.75 -29.74 7.21
CA PHE B 77 -5.76 -31.11 7.75
C PHE B 77 -5.12 -31.18 9.15
N PHE B 78 -4.80 -30.01 9.71
CA PHE B 78 -4.28 -29.84 11.08
C PHE B 78 -3.13 -30.82 11.42
N TYR B 79 -3.11 -31.36 12.63
CA TYR B 79 -2.15 -32.41 13.07
C TYR B 79 -2.90 -33.70 13.39
N GLY B 80 -2.39 -34.86 12.98
CA GLY B 80 -3.01 -36.13 13.39
C GLY B 80 -4.41 -36.31 12.87
N VAL B 81 -5.33 -36.65 13.77
CA VAL B 81 -6.62 -37.12 13.35
C VAL B 81 -7.63 -36.02 13.59
N VAL B 82 -8.28 -35.61 12.53
CA VAL B 82 -9.46 -34.76 12.66
C VAL B 82 -10.72 -35.63 12.50
N ASN B 83 -11.29 -36.01 13.63
CA ASN B 83 -12.56 -36.78 13.63
C ASN B 83 -13.73 -35.80 13.46
N PHE B 84 -14.55 -35.92 12.39
CA PHE B 84 -15.75 -35.04 12.27
C PHE B 84 -16.76 -35.54 13.29
N ASP B 85 -16.78 -36.85 13.53
CA ASP B 85 -17.62 -37.47 14.57
C ASP B 85 -17.07 -38.85 14.91
N HIS B 86 -17.91 -39.74 15.40
CA HIS B 86 -17.43 -41.09 15.84
C HIS B 86 -17.14 -42.03 14.67
N VAL B 87 -17.49 -41.62 13.44
CA VAL B 87 -17.23 -42.46 12.26
C VAL B 87 -16.22 -41.86 11.24
N PHE B 88 -16.43 -40.62 10.83
CA PHE B 88 -15.79 -40.05 9.66
C PHE B 88 -14.69 -39.02 10.05
N GLY B 89 -13.60 -39.01 9.31
CA GLY B 89 -12.59 -37.97 9.48
C GLY B 89 -11.33 -38.15 8.62
N THR B 90 -10.28 -37.38 8.92
CA THR B 90 -9.07 -37.42 8.13
C THR B 90 -7.85 -37.61 9.10
N ILE B 91 -6.72 -38.07 8.54
CA ILE B 91 -5.49 -38.23 9.29
C ILE B 91 -4.46 -37.48 8.43
N ASN B 92 -3.86 -36.43 9.00
CA ASN B 92 -2.82 -35.73 8.28
C ASN B 92 -1.49 -36.51 8.18
N HIS B 93 -1.01 -36.78 6.96
CA HIS B 93 0.37 -37.30 6.85
C HIS B 93 1.32 -36.24 6.27
N TYR B 94 0.94 -34.95 6.33
CA TYR B 94 1.80 -33.81 5.88
C TYR B 94 2.31 -33.93 4.44
N GLY B 95 1.39 -33.77 3.50
CA GLY B 95 1.66 -34.03 2.07
C GLY B 95 0.73 -35.07 1.47
N GLU B 96 0.29 -36.00 2.32
CA GLU B 96 -0.73 -36.99 1.98
C GLU B 96 -1.74 -37.03 3.13
N VAL B 97 -2.93 -37.55 2.89
CA VAL B 97 -3.93 -37.49 3.93
C VAL B 97 -4.81 -38.71 3.80
N THR B 98 -5.07 -39.36 4.93
CA THR B 98 -5.96 -40.50 4.94
C THR B 98 -7.39 -39.99 5.22
N MET B 99 -8.35 -40.37 4.40
CA MET B 99 -9.76 -40.17 4.78
C MET B 99 -10.32 -41.55 5.15
N PHE B 100 -11.11 -41.60 6.22
CA PHE B 100 -11.59 -42.88 6.79
C PHE B 100 -13.09 -42.89 7.18
N ALA B 101 -13.67 -44.09 7.21
CA ALA B 101 -14.96 -44.31 7.89
C ALA B 101 -14.76 -45.45 8.87
N GLY B 102 -14.83 -45.13 10.15
CA GLY B 102 -14.76 -46.12 11.20
C GLY B 102 -13.37 -46.62 11.60
N ARG B 103 -12.31 -45.97 11.11
CA ARG B 103 -10.98 -46.30 11.51
C ARG B 103 -10.75 -46.18 13.02
N PHE B 104 -11.38 -45.21 13.67
CA PHE B 104 -11.24 -45.07 15.11
C PHE B 104 -12.55 -45.31 15.87
N ASN B 105 -13.22 -46.37 15.45
CA ASN B 105 -14.47 -46.82 16.02
C ASN B 105 -14.36 -48.34 16.28
N ASP B 106 -14.34 -48.70 17.56
CA ASP B 106 -14.23 -50.12 18.00
C ASP B 106 -15.21 -51.09 17.28
N ALA B 107 -16.48 -50.68 17.19
CA ALA B 107 -17.48 -51.45 16.49
C ALA B 107 -17.07 -51.74 15.07
N TYR B 108 -16.68 -50.72 14.30
CA TYR B 108 -16.30 -50.94 12.90
C TYR B 108 -15.01 -51.75 12.84
N ARG B 109 -14.01 -51.38 13.64
CA ARG B 109 -12.72 -52.07 13.55
C ARG B 109 -12.80 -53.51 13.93
N ASN B 110 -13.51 -53.83 15.01
CA ASN B 110 -13.64 -55.24 15.41
C ASN B 110 -14.30 -56.06 14.35
N ALA B 111 -15.18 -55.40 13.62
CA ALA B 111 -15.93 -56.10 12.62
C ALA B 111 -15.19 -56.14 11.32
N GLY B 112 -14.05 -55.46 11.20
CA GLY B 112 -13.38 -55.29 9.91
C GLY B 112 -14.25 -54.53 8.93
N ARG B 113 -15.04 -53.57 9.39
CA ARG B 113 -15.86 -52.76 8.46
C ARG B 113 -15.32 -51.36 8.29
N ASP B 114 -14.24 -50.99 8.97
CA ASP B 114 -13.65 -49.69 8.69
C ASP B 114 -13.19 -49.62 7.22
N HIS B 115 -13.12 -48.42 6.66
CA HIS B 115 -12.60 -48.19 5.34
C HIS B 115 -11.70 -46.98 5.35
N GLU B 116 -10.53 -47.07 4.76
CA GLU B 116 -9.65 -45.88 4.62
C GLU B 116 -9.05 -45.76 3.23
N GLU B 117 -8.97 -44.53 2.74
CA GLU B 117 -8.27 -44.28 1.51
C GLU B 117 -7.26 -43.18 1.70
N ARG B 118 -6.13 -43.28 1.02
CA ARG B 118 -5.07 -42.31 1.21
C ARG B 118 -4.96 -41.42 -0.02
N PHE B 119 -4.91 -40.09 0.14
CA PHE B 119 -4.89 -39.11 -1.00
C PHE B 119 -3.64 -38.24 -1.00
N LYS B 120 -3.27 -37.68 -2.16
CA LYS B 120 -2.38 -36.50 -2.15
C LYS B 120 -3.14 -35.32 -1.52
N SER B 121 -2.52 -34.61 -0.58
CA SER B 121 -3.29 -33.62 0.20
C SER B 121 -3.92 -32.59 -0.69
N SER B 122 -3.18 -32.13 -1.68
CA SER B 122 -3.78 -31.06 -2.52
C SER B 122 -5.02 -31.51 -3.29
N ALA B 123 -5.09 -32.80 -3.61
CA ALA B 123 -6.22 -33.39 -4.33
C ALA B 123 -7.45 -33.45 -3.43
N LEU B 124 -7.28 -33.93 -2.19
CA LEU B 124 -8.40 -33.99 -1.28
C LEU B 124 -8.82 -32.59 -0.82
N MET B 125 -7.83 -31.72 -0.62
CA MET B 125 -8.13 -30.37 -0.21
C MET B 125 -8.94 -29.62 -1.25
N ALA B 126 -8.61 -29.83 -2.54
CA ALA B 126 -9.33 -29.13 -3.61
C ALA B 126 -10.82 -29.57 -3.62
N VAL B 127 -11.10 -30.87 -3.43
CA VAL B 127 -12.49 -31.34 -3.43
C VAL B 127 -13.20 -30.87 -2.15
N PHE B 128 -12.49 -30.84 -1.01
CA PHE B 128 -13.09 -30.41 0.24
C PHE B 128 -13.46 -28.93 0.12
N LYS B 129 -12.61 -28.12 -0.49
CA LYS B 129 -12.93 -26.71 -0.69
C LYS B 129 -14.19 -26.50 -1.57
N ASP B 130 -14.34 -27.33 -2.62
CA ASP B 130 -15.49 -27.24 -3.51
C ASP B 130 -16.80 -27.67 -2.82
N ILE B 131 -16.70 -28.73 -2.02
CA ILE B 131 -17.80 -29.18 -1.10
C ILE B 131 -18.25 -28.03 -0.24
N LEU B 132 -17.31 -27.43 0.50
CA LEU B 132 -17.61 -26.32 1.42
C LEU B 132 -18.26 -25.10 0.75
N SER B 133 -17.69 -24.71 -0.39
CA SER B 133 -18.28 -23.65 -1.18
C SER B 133 -19.73 -23.97 -1.67
N ASP B 134 -19.88 -25.15 -2.25
CA ASP B 134 -21.18 -25.50 -2.86
C ASP B 134 -22.18 -25.67 -1.76
N TRP B 135 -21.76 -26.18 -0.59
CA TRP B 135 -22.80 -26.55 0.41
C TRP B 135 -23.18 -25.47 1.40
N THR B 136 -22.39 -24.40 1.41
CA THR B 136 -22.59 -23.24 2.28
C THR B 136 -23.52 -22.31 1.55
N VAL B 137 -24.53 -21.82 2.26
CA VAL B 137 -25.55 -21.02 1.59
C VAL B 137 -25.44 -19.57 2.11
N GLU B 138 -26.25 -18.67 1.56
CA GLU B 138 -26.23 -17.24 1.90
C GLU B 138 -26.46 -17.08 3.39
N GLY B 139 -25.67 -16.23 4.03
CA GLY B 139 -25.88 -15.83 5.42
C GLY B 139 -25.47 -16.90 6.44
N TYR B 140 -24.80 -17.96 6.01
CA TYR B 140 -24.37 -18.98 6.95
C TYR B 140 -22.86 -19.03 7.04
N ASP B 141 -22.31 -18.86 8.22
CA ASP B 141 -20.83 -18.81 8.34
C ASP B 141 -20.38 -20.03 9.15
N PRO B 142 -19.89 -21.09 8.48
CA PRO B 142 -19.56 -22.27 9.30
C PRO B 142 -18.35 -22.10 10.23
N PHE B 143 -17.66 -20.95 10.15
CA PHE B 143 -16.54 -20.53 11.05
C PHE B 143 -17.03 -19.83 12.32
N ALA B 144 -18.31 -19.41 12.31
CA ALA B 144 -18.86 -18.67 13.46
C ALA B 144 -19.64 -19.55 14.47
N ALA B 145 -19.98 -18.93 15.60
CA ALA B 145 -20.74 -19.63 16.66
C ALA B 145 -22.22 -19.50 16.30
N PRO B 146 -23.08 -20.39 16.86
CA PRO B 146 -24.47 -20.39 16.34
C PRO B 146 -25.20 -19.09 16.56
N MET B 147 -24.88 -18.37 17.62
CA MET B 147 -25.62 -17.12 17.86
C MET B 147 -25.15 -16.00 16.92
N GLU B 148 -24.08 -16.24 16.18
CA GLU B 148 -23.52 -15.17 15.38
C GLU B 148 -23.87 -15.31 13.89
N THR B 149 -24.53 -16.40 13.52
CA THR B 149 -24.75 -16.66 12.13
C THR B 149 -26.16 -17.18 11.84
N GLY B 150 -26.50 -17.32 10.57
CA GLY B 150 -27.82 -17.92 10.16
C GLY B 150 -27.79 -19.45 10.06
N LEU B 151 -28.56 -20.04 9.15
CA LEU B 151 -28.75 -21.49 9.19
C LEU B 151 -28.35 -22.17 7.90
N PRO B 152 -27.94 -23.46 7.96
CA PRO B 152 -27.58 -24.11 6.71
C PRO B 152 -28.71 -24.94 6.01
N TRP B 153 -29.88 -25.00 6.65
CA TRP B 153 -31.00 -25.84 6.20
C TRP B 153 -31.58 -25.45 4.81
N GLY B 154 -32.22 -26.41 4.16
CA GLY B 154 -32.98 -26.18 2.94
C GLY B 154 -32.16 -26.35 1.68
N ILE B 155 -32.77 -25.97 0.56
CA ILE B 155 -32.17 -26.06 -0.76
C ILE B 155 -31.12 -24.97 -0.90
N LYS B 156 -30.26 -25.14 -1.90
CA LYS B 156 -29.19 -24.21 -2.27
C LYS B 156 -29.74 -22.79 -2.44
N ASN B 157 -29.21 -21.87 -1.65
CA ASN B 157 -29.63 -20.49 -1.74
C ASN B 157 -28.37 -19.65 -1.66
N GLY B 158 -27.85 -19.28 -2.82
CA GLY B 158 -26.63 -18.46 -2.88
C GLY B 158 -25.43 -19.20 -2.25
N ASN B 159 -24.48 -18.44 -1.75
CA ASN B 159 -23.27 -18.99 -1.19
C ASN B 159 -22.76 -18.08 -0.15
N ASN B 160 -21.71 -18.51 0.53
CA ASN B 160 -20.97 -17.60 1.40
C ASN B 160 -19.49 -17.80 1.19
N ASP B 161 -19.06 -17.60 -0.06
CA ASP B 161 -17.67 -17.82 -0.39
C ASP B 161 -16.72 -16.90 0.39
N GLU B 162 -17.16 -15.70 0.78
CA GLU B 162 -16.35 -14.79 1.63
C GLU B 162 -16.04 -15.42 3.01
N ALA B 163 -17.03 -16.04 3.67
CA ALA B 163 -16.78 -16.63 5.00
C ALA B 163 -15.83 -17.84 4.94
N ILE B 164 -15.90 -18.58 3.86
CA ILE B 164 -15.19 -19.85 3.83
C ILE B 164 -13.82 -19.77 3.18
N SER B 165 -13.43 -18.56 2.78
CA SER B 165 -12.14 -18.30 2.08
C SER B 165 -11.20 -17.39 2.84
N ARG B 166 -11.44 -17.14 4.13
CA ARG B 166 -10.55 -16.28 4.93
C ARG B 166 -9.09 -16.72 4.85
N GLN B 167 -8.20 -15.74 4.70
CA GLN B 167 -6.75 -15.97 4.76
C GLN B 167 -6.33 -16.40 6.18
N ARG B 168 -5.62 -17.51 6.23
CA ARG B 168 -4.87 -17.96 7.41
C ARG B 168 -3.88 -16.88 7.86
N VAL B 169 -3.84 -16.55 9.15
CA VAL B 169 -2.75 -15.72 9.61
C VAL B 169 -1.85 -16.58 10.48
N THR B 170 -0.55 -16.37 10.28
CA THR B 170 0.46 -17.10 10.96
C THR B 170 1.59 -16.10 11.10
N ALA B 171 2.04 -15.84 12.34
CA ALA B 171 3.21 -15.03 12.58
C ALA B 171 4.39 -15.90 12.26
N ARG B 172 5.44 -15.31 11.67
CA ARG B 172 6.70 -15.96 11.36
C ARG B 172 7.50 -15.88 12.65
N ARG B 173 7.33 -14.78 13.38
CA ARG B 173 8.12 -14.64 14.60
C ARG B 173 7.25 -14.17 15.73
N MET B 174 6.65 -12.99 15.51
CA MET B 174 5.68 -12.52 16.45
C MET B 174 4.80 -11.46 15.77
N VAL B 175 3.54 -11.46 16.16
CA VAL B 175 2.60 -10.44 15.72
C VAL B 175 3.15 -9.03 15.92
N GLY B 176 2.85 -8.14 14.98
CA GLY B 176 3.20 -6.73 15.09
C GLY B 176 4.64 -6.36 14.75
N LEU B 177 5.52 -7.32 14.44
CA LEU B 177 6.93 -6.99 14.12
C LEU B 177 6.98 -6.53 12.65
N PRO B 178 8.05 -5.80 12.21
CA PRO B 178 8.02 -5.31 10.83
C PRO B 178 8.00 -6.48 9.84
N GLY B 179 7.08 -6.45 8.87
CA GLY B 179 7.05 -7.54 7.88
C GLY B 179 6.35 -8.82 8.34
N ASP B 180 5.88 -8.82 9.59
CA ASP B 180 5.17 -9.96 10.15
C ASP B 180 3.66 -9.68 10.22
N THR B 181 2.86 -10.68 10.57
CA THR B 181 1.41 -10.50 10.68
C THR B 181 1.01 -9.31 11.55
N PRO B 182 0.04 -8.48 11.11
CA PRO B 182 -0.25 -7.25 11.86
C PRO B 182 -1.21 -7.35 13.04
N VAL B 183 -1.07 -6.41 13.97
CA VAL B 183 -2.07 -6.22 15.03
C VAL B 183 -3.44 -5.99 14.31
N ARG B 184 -4.53 -6.37 14.97
CA ARG B 184 -5.91 -6.15 14.49
C ARG B 184 -6.46 -4.83 15.06
N THR B 185 -7.24 -4.13 14.26
CA THR B 185 -7.76 -2.82 14.59
C THR B 185 -9.11 -2.75 13.90
N ASP B 186 -9.95 -1.75 14.24
CA ASP B 186 -11.19 -1.53 13.52
C ASP B 186 -10.88 -1.21 12.05
N ALA B 187 -9.90 -0.34 11.84
CA ALA B 187 -9.50 0.12 10.53
C ALA B 187 -9.10 -1.04 9.62
N ASN B 188 -8.33 -2.05 10.07
CA ASN B 188 -8.02 -3.14 9.15
C ASN B 188 -9.04 -4.28 9.12
N GLY B 189 -10.22 -4.03 9.69
CA GLY B 189 -11.39 -4.90 9.52
C GLY B 189 -11.68 -5.90 10.62
N PHE B 190 -11.06 -5.70 11.80
CA PHE B 190 -11.21 -6.61 12.93
C PHE B 190 -11.69 -5.94 14.21
N PRO B 191 -12.99 -5.60 14.30
CA PRO B 191 -13.45 -5.07 15.55
C PRO B 191 -13.59 -6.11 16.65
N VAL B 192 -13.66 -5.64 17.88
CA VAL B 192 -13.97 -6.42 19.06
C VAL B 192 -15.32 -7.16 18.97
N ASN B 193 -15.26 -8.48 19.12
CA ASN B 193 -16.44 -9.32 19.19
C ASN B 193 -17.34 -8.89 20.34
N ARG B 194 -18.68 -8.96 20.17
CA ARG B 194 -19.62 -8.51 21.23
C ARG B 194 -19.32 -9.19 22.60
N GLN B 195 -18.87 -10.45 22.60
CA GLN B 195 -18.65 -11.12 23.86
C GLN B 195 -17.29 -10.86 24.53
N PHE B 196 -16.52 -9.94 23.94
CA PHE B 196 -15.30 -9.44 24.54
C PHE B 196 -15.33 -7.91 24.65
N ALA B 197 -16.54 -7.35 24.64
CA ALA B 197 -16.72 -5.88 24.60
C ALA B 197 -16.00 -5.22 25.74
N ASP B 198 -15.81 -5.95 26.84
CA ASP B 198 -15.26 -5.35 28.02
C ASP B 198 -13.71 -5.53 28.07
N VAL B 199 -13.09 -6.15 27.07
CA VAL B 199 -11.64 -6.44 27.16
C VAL B 199 -10.79 -5.18 26.93
N PRO B 200 -9.82 -4.87 27.84
CA PRO B 200 -8.99 -3.66 27.54
C PRO B 200 -8.20 -3.77 26.20
N GLN B 201 -8.13 -2.67 25.48
CA GLN B 201 -7.55 -2.67 24.16
C GLN B 201 -6.27 -1.84 24.07
N GLU B 202 -5.76 -1.31 25.17
CA GLU B 202 -4.59 -0.41 25.02
C GLU B 202 -3.37 -1.25 24.69
N GLN B 203 -2.47 -0.76 23.81
CA GLN B 203 -1.22 -1.44 23.55
C GLN B 203 -0.20 -1.19 24.68
N PRO B 204 0.76 -2.12 24.89
CA PRO B 204 1.77 -1.84 25.89
C PRO B 204 2.63 -0.65 25.47
N VAL B 205 3.23 0.02 26.44
CA VAL B 205 4.21 1.08 26.17
C VAL B 205 5.49 0.43 25.63
N VAL B 206 5.92 0.88 24.44
CA VAL B 206 7.14 0.40 23.80
C VAL B 206 7.96 1.67 23.45
N GLU B 207 9.06 1.90 24.16
CA GLU B 207 10.01 2.98 23.77
C GLU B 207 11.37 2.42 23.38
N ALA B 208 11.65 2.45 22.08
CA ALA B 208 12.89 1.98 21.52
C ALA B 208 13.84 3.16 21.48
N GLU B 209 15.07 2.86 21.83
CA GLU B 209 16.21 3.69 21.61
C GLU B 209 16.52 3.77 20.12
N PRO B 210 17.06 4.92 19.68
CA PRO B 210 17.24 5.13 18.25
C PRO B 210 18.03 3.96 17.70
N GLY B 211 17.53 3.38 16.60
CA GLY B 211 18.24 2.30 15.89
C GLY B 211 17.79 0.90 16.32
N PHE B 212 16.92 0.82 17.33
CA PHE B 212 16.44 -0.51 17.77
C PHE B 212 14.96 -0.75 17.60
N GLU B 213 14.25 0.15 16.93
CA GLU B 213 12.81 0.01 16.82
C GLU B 213 12.32 -1.32 16.17
N ALA B 214 13.14 -1.98 15.36
CA ALA B 214 12.71 -3.27 14.80
C ALA B 214 12.77 -4.41 15.84
N GLU B 215 13.54 -4.23 16.91
CA GLU B 215 13.80 -5.31 17.85
C GLU B 215 13.12 -5.15 19.22
N VAL B 216 12.58 -3.97 19.49
CA VAL B 216 11.91 -3.68 20.74
C VAL B 216 10.41 -3.71 20.35
N SER B 217 9.71 -4.81 20.67
CA SER B 217 8.34 -5.00 20.20
C SER B 217 7.40 -5.70 21.23
N ALA B 218 6.22 -5.12 21.44
CA ALA B 218 5.19 -5.77 22.25
C ALA B 218 3.77 -5.44 21.74
N TYR B 219 2.81 -6.30 21.95
CA TYR B 219 1.43 -5.99 21.52
C TYR B 219 0.48 -6.55 22.54
N ASN B 220 -0.78 -6.11 22.48
CA ASN B 220 -1.82 -6.53 23.39
C ASN B 220 -2.43 -7.84 22.85
N LEU B 221 -1.93 -9.00 23.33
CA LEU B 221 -2.43 -10.29 22.87
C LEU B 221 -3.90 -10.56 23.23
N PHE B 222 -4.34 -10.28 24.45
CA PHE B 222 -5.78 -10.51 24.72
C PHE B 222 -6.68 -9.63 23.82
N GLY B 223 -6.22 -8.41 23.54
CA GLY B 223 -6.93 -7.51 22.63
C GLY B 223 -6.97 -8.12 21.22
N TYR B 224 -5.85 -8.69 20.77
CA TYR B 224 -5.79 -9.32 19.43
C TYR B 224 -6.86 -10.44 19.35
N LEU B 225 -6.93 -11.26 20.41
CA LEU B 225 -7.81 -12.42 20.43
C LEU B 225 -9.28 -11.98 20.54
N SER B 226 -9.54 -10.85 21.21
CA SER B 226 -10.88 -10.26 21.31
C SER B 226 -11.40 -9.82 19.97
N ARG B 227 -10.48 -9.75 19.00
CA ARG B 227 -10.79 -9.26 17.68
C ARG B 227 -10.88 -10.34 16.61
N SER B 228 -10.60 -11.58 17.00
CA SER B 228 -10.71 -12.69 16.10
C SER B 228 -12.13 -12.79 15.57
N ASP B 229 -12.25 -12.93 14.25
CA ASP B 229 -13.58 -13.06 13.60
C ASP B 229 -14.11 -14.53 13.40
N VAL B 230 -13.40 -15.52 13.93
CA VAL B 230 -13.77 -16.92 13.78
C VAL B 230 -13.62 -17.57 15.19
N THR B 231 -14.19 -18.77 15.36
CA THR B 231 -14.17 -19.50 16.60
C THR B 231 -13.34 -20.75 16.38
N TRP B 232 -12.68 -21.25 17.41
CA TRP B 232 -11.96 -22.53 17.28
C TRP B 232 -11.01 -22.56 16.09
N ASN B 233 -10.02 -21.67 16.14
CA ASN B 233 -9.08 -21.52 15.06
C ASN B 233 -7.69 -21.08 15.56
N PRO B 234 -6.91 -22.04 16.11
CA PRO B 234 -5.58 -21.80 16.64
C PRO B 234 -4.75 -21.11 15.55
N SER B 235 -4.10 -20.01 15.90
CA SER B 235 -3.45 -19.16 14.93
C SER B 235 -2.14 -18.70 15.54
N VAL B 236 -1.00 -18.96 14.85
CA VAL B 236 0.33 -18.77 15.44
C VAL B 236 0.55 -17.29 15.76
N CYS B 237 0.81 -16.97 17.02
CA CYS B 237 1.14 -15.61 17.43
C CYS B 237 2.63 -15.42 17.79
N SER B 238 3.37 -16.49 18.12
CA SER B 238 4.79 -16.31 18.45
C SER B 238 5.49 -17.64 18.28
N VAL B 239 6.74 -17.60 17.86
CA VAL B 239 7.48 -18.80 17.44
C VAL B 239 8.84 -18.84 18.13
N VAL B 240 9.23 -20.02 18.63
CA VAL B 240 10.58 -20.26 19.11
C VAL B 240 10.84 -21.63 18.58
N GLY B 241 11.58 -21.72 17.46
CA GLY B 241 11.86 -23.04 16.86
C GLY B 241 10.54 -23.65 16.44
N ASP B 242 10.31 -24.92 16.84
CA ASP B 242 9.07 -25.61 16.54
C ASP B 242 7.94 -25.33 17.57
N SER B 243 8.23 -24.51 18.58
CA SER B 243 7.24 -24.21 19.60
C SER B 243 6.39 -23.10 19.13
N LEU B 244 5.09 -23.36 19.06
CA LEU B 244 4.16 -22.37 18.46
C LEU B 244 3.09 -21.99 19.48
N PHE B 245 2.96 -20.74 19.87
CA PHE B 245 1.79 -20.33 20.63
C PHE B 245 0.70 -20.09 19.65
N CYS B 246 -0.42 -20.81 19.74
CA CYS B 246 -1.50 -20.64 18.73
C CYS B 246 -2.82 -20.30 19.40
N PRO B 247 -2.96 -19.08 19.93
CA PRO B 247 -4.21 -18.76 20.64
C PRO B 247 -5.41 -18.57 19.70
N THR B 248 -6.62 -18.54 20.26
CA THR B 248 -7.86 -18.51 19.47
C THR B 248 -8.98 -18.15 20.42
N SER B 249 -10.09 -17.63 19.89
CA SER B 249 -11.28 -17.46 20.71
C SER B 249 -12.35 -18.52 20.43
N GLU B 250 -12.91 -19.06 21.49
CA GLU B 250 -13.68 -20.29 21.43
C GLU B 250 -15.11 -20.04 21.88
N GLU B 251 -16.09 -20.57 21.15
CA GLU B 251 -17.53 -20.37 21.51
C GLU B 251 -18.32 -21.56 20.98
N PHE B 252 -19.25 -22.05 21.79
CA PHE B 252 -20.08 -23.22 21.49
C PHE B 252 -19.21 -24.48 21.61
N ILE B 253 -19.12 -25.31 20.57
CA ILE B 253 -18.42 -26.61 20.66
C ILE B 253 -17.37 -26.68 19.58
N LEU B 254 -16.16 -27.10 19.95
CA LEU B 254 -15.16 -27.42 18.96
C LEU B 254 -15.82 -28.37 17.96
N PRO B 255 -15.81 -28.00 16.67
CA PRO B 255 -16.62 -28.78 15.73
C PRO B 255 -15.97 -30.14 15.35
N VAL B 256 -14.82 -30.45 15.92
CA VAL B 256 -14.20 -31.79 15.69
C VAL B 256 -13.77 -32.42 17.02
N GLU B 257 -13.46 -33.73 17.02
CA GLU B 257 -12.73 -34.37 18.10
C GLU B 257 -11.32 -34.56 17.57
N HIS B 258 -10.38 -33.85 18.16
CA HIS B 258 -9.01 -33.87 17.73
C HIS B 258 -8.22 -35.00 18.42
N GLY B 259 -7.70 -35.94 17.64
CA GLY B 259 -6.74 -36.91 18.14
C GLY B 259 -5.35 -36.60 17.61
N ASN B 260 -4.54 -35.97 18.42
CA ASN B 260 -3.30 -35.42 17.91
C ASN B 260 -2.30 -36.55 17.77
N ASP B 261 -1.29 -36.36 16.92
CA ASP B 261 -0.26 -37.42 16.77
C ASP B 261 1.02 -37.04 17.57
N ARG B 262 0.82 -36.17 18.55
CA ARG B 262 1.87 -35.63 19.39
C ARG B 262 1.16 -35.15 20.66
N CYS B 263 1.90 -34.75 21.70
CA CYS B 263 1.22 -34.05 22.81
C CYS B 263 0.95 -32.59 22.51
N GLU B 264 -0.08 -32.05 23.14
CA GLU B 264 -0.34 -30.64 23.02
C GLU B 264 -0.87 -30.10 24.34
N TRP B 265 -0.82 -28.79 24.51
CA TRP B 265 -1.10 -28.18 25.79
C TRP B 265 -2.08 -27.05 25.57
N PHE B 266 -2.94 -26.80 26.55
CA PHE B 266 -4.01 -25.79 26.52
C PHE B 266 -3.81 -24.90 27.70
N LEU B 267 -3.82 -23.60 27.46
CA LEU B 267 -3.82 -22.70 28.58
C LEU B 267 -5.03 -21.83 28.40
N GLN B 268 -5.90 -21.87 29.40
CA GLN B 268 -7.08 -21.05 29.39
C GLN B 268 -6.67 -19.64 29.78
N LEU B 269 -6.98 -18.72 28.91
CA LEU B 269 -6.65 -17.30 29.14
C LEU B 269 -7.79 -16.54 29.75
N SER B 270 -9.03 -16.89 29.42
CA SER B 270 -10.19 -16.20 30.01
C SER B 270 -11.35 -17.21 30.17
N ASP B 271 -12.26 -16.94 31.11
CA ASP B 271 -13.58 -17.63 31.19
C ASP B 271 -13.33 -19.11 31.38
N GLU B 272 -14.05 -19.96 30.65
CA GLU B 272 -14.02 -21.39 30.97
C GLU B 272 -14.30 -22.33 29.79
N ILE B 273 -13.60 -23.45 29.76
CA ILE B 273 -13.86 -24.50 28.75
C ILE B 273 -13.89 -25.86 29.46
N VAL B 274 -14.79 -26.73 29.06
CA VAL B 274 -14.76 -28.08 29.51
C VAL B 274 -14.33 -28.94 28.33
N TRP B 275 -13.35 -29.81 28.54
CA TRP B 275 -12.92 -30.72 27.49
C TRP B 275 -13.47 -32.13 27.71
N ASP B 276 -14.14 -32.70 26.70
CA ASP B 276 -14.55 -34.09 26.72
C ASP B 276 -13.43 -34.94 26.14
N VAL B 277 -12.80 -35.76 26.97
CA VAL B 277 -11.63 -36.50 26.51
C VAL B 277 -12.01 -37.97 26.30
N LYS B 278 -11.82 -38.48 25.10
CA LYS B 278 -12.07 -39.89 24.89
C LYS B 278 -10.84 -40.55 24.43
N ASP B 279 -10.91 -41.87 24.40
CA ASP B 279 -9.80 -42.64 23.89
C ASP B 279 -9.59 -42.36 22.39
N LYS B 280 -8.34 -42.13 21.97
CA LYS B 280 -8.12 -41.89 20.54
C LYS B 280 -8.51 -43.04 19.58
N GLU B 281 -8.15 -44.27 19.95
CA GLU B 281 -8.31 -45.41 19.08
C GLU B 281 -9.76 -45.95 19.08
N SER B 282 -10.42 -45.95 20.24
CA SER B 282 -11.77 -46.57 20.37
C SER B 282 -12.91 -45.54 20.42
N GLY B 283 -12.58 -44.33 20.86
CA GLY B 283 -13.58 -43.28 21.13
C GLY B 283 -14.36 -43.39 22.45
N LYS B 284 -13.96 -44.32 23.32
CA LYS B 284 -14.55 -44.41 24.68
C LYS B 284 -14.20 -43.23 25.64
N PRO B 285 -15.21 -42.67 26.34
CA PRO B 285 -15.02 -41.54 27.28
C PRO B 285 -13.94 -41.88 28.31
N ARG B 286 -13.04 -40.94 28.59
CA ARG B 286 -11.94 -41.15 29.55
C ARG B 286 -11.92 -40.16 30.65
N ALA B 287 -12.22 -38.89 30.32
CA ALA B 287 -12.15 -37.83 31.28
C ALA B 287 -12.89 -36.60 30.83
N ARG B 288 -13.22 -35.73 31.78
CA ARG B 288 -13.70 -34.38 31.44
C ARG B 288 -12.84 -33.35 32.16
N VAL B 289 -12.21 -32.45 31.41
CA VAL B 289 -11.31 -31.47 31.99
C VAL B 289 -11.97 -30.05 32.01
N THR B 290 -12.17 -29.45 33.20
CA THR B 290 -12.72 -28.08 33.29
C THR B 290 -11.51 -27.19 33.49
N ALA B 291 -11.30 -26.23 32.58
CA ALA B 291 -10.20 -25.26 32.71
C ALA B 291 -10.80 -23.88 32.86
N ARG B 292 -10.50 -23.18 33.96
CA ARG B 292 -10.81 -21.74 34.07
C ARG B 292 -9.51 -20.96 33.87
N ALA B 293 -9.57 -19.63 34.03
CA ALA B 293 -8.43 -18.78 33.70
C ALA B 293 -7.16 -19.16 34.46
N GLY B 294 -6.10 -19.37 33.72
CA GLY B 294 -4.86 -19.65 34.34
C GLY B 294 -4.59 -21.12 34.31
N ASP B 295 -5.60 -21.93 34.07
CA ASP B 295 -5.41 -23.41 34.11
C ASP B 295 -4.62 -23.88 32.86
N ILE B 296 -3.63 -24.72 33.05
CA ILE B 296 -2.92 -25.27 31.90
C ILE B 296 -2.89 -26.80 32.06
N CYS B 297 -3.15 -27.53 30.96
CA CYS B 297 -3.12 -28.96 31.05
C CYS B 297 -2.57 -29.52 29.79
N CYS B 298 -2.24 -30.80 29.82
CA CYS B 298 -1.76 -31.50 28.64
C CYS B 298 -2.86 -32.39 28.03
N MET B 299 -2.95 -32.48 26.69
CA MET B 299 -3.72 -33.58 26.11
C MET B 299 -2.75 -34.67 25.68
N PRO B 300 -2.86 -35.84 26.25
CA PRO B 300 -1.88 -36.85 25.78
C PRO B 300 -2.13 -37.34 24.37
N ALA B 301 -1.10 -37.94 23.78
CA ALA B 301 -1.10 -38.32 22.38
C ALA B 301 -2.04 -39.49 22.06
N ASP B 302 -2.58 -40.18 23.08
CA ASP B 302 -3.41 -41.36 22.86
C ASP B 302 -4.89 -41.07 23.19
N ILE B 303 -5.21 -39.78 23.34
CA ILE B 303 -6.61 -39.41 23.46
C ILE B 303 -7.10 -38.48 22.30
N ARG B 304 -8.42 -38.32 22.19
CA ARG B 304 -8.97 -37.28 21.35
C ARG B 304 -9.78 -36.36 22.25
N HIS B 305 -10.01 -35.13 21.80
CA HIS B 305 -10.72 -34.21 22.69
C HIS B 305 -11.59 -33.25 21.93
N GLN B 306 -12.62 -32.74 22.62
CA GLN B 306 -13.52 -31.78 22.04
C GLN B 306 -13.98 -30.86 23.15
N GLY B 307 -13.86 -29.55 22.92
CA GLY B 307 -14.12 -28.53 23.92
C GLY B 307 -15.49 -27.87 23.83
N TYR B 308 -16.00 -27.41 24.97
CA TYR B 308 -17.30 -26.68 25.08
C TYR B 308 -17.10 -25.35 25.82
N SER B 309 -17.65 -24.26 25.26
CA SER B 309 -17.37 -22.94 25.80
C SER B 309 -18.63 -22.12 25.69
N THR B 310 -19.24 -21.86 26.83
CA THR B 310 -20.48 -21.17 26.79
C THR B 310 -20.30 -19.75 26.30
N LYS B 311 -19.47 -19.00 27.03
CA LYS B 311 -19.11 -17.64 26.60
C LYS B 311 -17.91 -17.76 25.72
N ARG B 312 -17.87 -16.93 24.70
CA ARG B 312 -16.65 -16.79 23.91
C ARG B 312 -15.44 -16.59 24.87
N SER B 313 -14.40 -17.43 24.74
CA SER B 313 -13.34 -17.49 25.73
C SER B 313 -11.96 -17.50 25.00
N MET B 314 -10.89 -17.07 25.67
CA MET B 314 -9.64 -17.00 24.96
C MET B 314 -8.81 -18.18 25.43
N LEU B 315 -8.24 -18.90 24.48
CA LEU B 315 -7.51 -20.08 24.81
C LEU B 315 -6.14 -19.99 24.13
N LEU B 316 -5.08 -20.43 24.80
CA LEU B 316 -3.82 -20.63 24.13
C LEU B 316 -3.65 -22.11 23.83
N VAL B 317 -3.45 -22.46 22.56
CA VAL B 317 -3.15 -23.86 22.24
C VAL B 317 -1.62 -23.90 21.98
N TRP B 318 -0.86 -24.72 22.69
CA TRP B 318 0.55 -24.74 22.49
C TRP B 318 1.01 -26.05 21.83
N GLU B 319 1.72 -25.91 20.71
CA GLU B 319 2.11 -27.00 19.83
C GLU B 319 3.63 -27.11 19.64
N ASN B 320 4.08 -28.33 19.47
CA ASN B 320 5.42 -28.58 19.02
C ASN B 320 5.29 -29.11 17.58
N GLY B 321 5.68 -28.27 16.61
CA GLY B 321 5.44 -28.57 15.17
C GLY B 321 6.46 -29.55 14.61
N SER B 322 7.34 -30.09 15.43
CA SER B 322 8.40 -30.96 14.87
C SER B 322 7.84 -32.16 14.09
N PRO B 323 8.32 -32.41 12.85
CA PRO B 323 7.76 -33.56 12.13
C PRO B 323 8.26 -34.90 12.62
N LYS B 324 9.28 -34.93 13.48
CA LYS B 324 9.80 -36.20 14.01
C LYS B 324 8.82 -36.86 15.00
N ILE B 325 7.95 -36.07 15.63
CA ILE B 325 7.16 -36.63 16.75
C ILE B 325 6.27 -37.88 16.47
N PRO B 326 5.42 -37.86 15.42
CA PRO B 326 4.47 -38.97 15.28
C PRO B 326 5.19 -40.35 15.21
N GLN B 327 6.31 -40.41 14.52
CA GLN B 327 6.98 -41.71 14.36
C GLN B 327 7.63 -42.09 15.73
N MET B 328 8.10 -41.10 16.47
CA MET B 328 8.65 -41.35 17.80
C MET B 328 7.60 -41.90 18.80
N ILE B 329 6.44 -41.26 18.83
CA ILE B 329 5.33 -41.83 19.58
C ILE B 329 4.94 -43.23 19.13
N ALA B 330 4.90 -43.46 17.82
CA ALA B 330 4.60 -44.77 17.28
C ALA B 330 5.63 -45.76 17.79
N ASP B 331 6.91 -45.41 17.66
CA ASP B 331 7.98 -46.27 18.08
C ASP B 331 8.06 -46.47 19.60
N GLY B 332 7.60 -45.49 20.39
CA GLY B 332 7.83 -45.48 21.83
C GLY B 332 9.12 -44.76 22.24
N THR B 333 9.74 -44.03 21.30
CA THR B 333 10.94 -43.27 21.65
C THR B 333 10.59 -41.89 22.20
N ALA B 334 9.30 -41.53 22.11
CA ALA B 334 8.71 -40.33 22.70
C ALA B 334 7.48 -40.75 23.51
N PRO B 335 7.25 -40.14 24.65
CA PRO B 335 6.17 -40.69 25.48
C PRO B 335 4.80 -40.17 25.03
N VAL B 336 3.74 -40.86 25.41
CA VAL B 336 2.36 -40.38 25.20
C VAL B 336 2.02 -39.16 26.09
N VAL B 337 2.67 -39.07 27.27
CA VAL B 337 2.51 -37.93 28.16
C VAL B 337 3.87 -37.30 28.34
N PRO B 338 3.96 -35.95 28.29
CA PRO B 338 5.34 -35.44 28.14
C PRO B 338 6.12 -35.45 29.45
N VAL B 339 5.41 -35.51 30.57
CA VAL B 339 5.99 -35.37 31.86
C VAL B 339 5.33 -36.42 32.74
N THR B 340 6.10 -37.11 33.57
CA THR B 340 5.48 -38.02 34.55
C THR B 340 6.05 -37.72 35.93
N PHE B 341 5.27 -37.95 36.99
CA PHE B 341 5.67 -37.52 38.35
C PHE B 341 5.11 -38.41 39.46
N ASP C 3 38.77 8.75 -17.29
CA ASP C 3 37.38 8.60 -16.77
C ASP C 3 37.25 7.26 -16.06
N VAL C 4 36.52 7.23 -14.94
CA VAL C 4 36.55 6.05 -14.04
C VAL C 4 36.00 4.71 -14.60
N VAL C 5 36.79 3.64 -14.58
CA VAL C 5 36.31 2.33 -15.02
C VAL C 5 36.43 1.32 -13.89
N THR C 6 35.30 0.81 -13.43
CA THR C 6 35.28 -0.20 -12.36
C THR C 6 35.20 -1.57 -13.03
N GLU C 7 36.22 -2.41 -12.80
CA GLU C 7 36.39 -3.66 -13.54
C GLU C 7 35.68 -4.79 -12.83
N PHE C 8 34.66 -5.37 -13.48
CA PHE C 8 33.96 -6.56 -12.98
C PHE C 8 34.35 -7.73 -13.86
N GLY C 9 34.29 -8.95 -13.35
CA GLY C 9 34.59 -10.12 -14.20
C GLY C 9 33.32 -10.60 -14.88
N ALA C 10 33.44 -11.59 -15.77
CA ALA C 10 32.28 -12.17 -16.47
C ALA C 10 32.73 -13.58 -16.82
N LEU C 11 31.78 -14.48 -17.08
CA LEU C 11 32.11 -15.86 -17.54
C LEU C 11 33.13 -15.88 -18.69
N THR C 12 33.01 -14.89 -19.59
CA THR C 12 33.74 -14.85 -20.85
C THR C 12 34.89 -13.88 -20.77
N ASP C 13 35.07 -13.23 -19.63
CA ASP C 13 36.08 -12.18 -19.46
C ASP C 13 36.48 -12.05 -17.97
N TYR C 14 37.42 -12.88 -17.57
CA TYR C 14 37.94 -12.70 -16.23
C TYR C 14 39.43 -12.81 -16.35
N ARG C 15 40.15 -12.40 -15.32
CA ARG C 15 41.59 -12.29 -15.38
C ARG C 15 42.12 -12.72 -14.03
N LYS C 16 42.43 -14.02 -13.91
CA LYS C 16 42.67 -14.61 -12.61
C LYS C 16 44.07 -14.18 -12.07
N GLY C 17 44.14 -13.95 -10.74
CA GLY C 17 45.39 -13.55 -10.11
C GLY C 17 45.97 -14.81 -9.50
N GLY C 18 46.53 -14.70 -8.30
CA GLY C 18 47.10 -15.85 -7.64
C GLY C 18 48.09 -15.51 -6.51
N VAL C 19 48.79 -16.56 -6.11
CA VAL C 19 49.62 -16.59 -4.96
C VAL C 19 51.07 -16.61 -5.41
N GLU C 20 51.85 -15.63 -4.95
CA GLU C 20 53.31 -15.65 -5.05
C GLU C 20 53.84 -16.02 -3.68
N ILE C 21 54.81 -16.91 -3.71
CA ILE C 21 55.26 -17.55 -2.53
C ILE C 21 56.62 -16.97 -2.16
N ILE C 22 56.73 -16.56 -0.91
CA ILE C 22 58.04 -16.30 -0.34
C ILE C 22 58.48 -17.56 0.43
N ASP C 23 57.67 -17.96 1.41
CA ASP C 23 57.94 -19.18 2.16
C ASP C 23 56.61 -19.76 2.64
N ASP C 24 56.02 -20.62 1.83
CA ASP C 24 54.67 -21.09 2.09
C ASP C 24 54.27 -22.07 1.00
N ASP C 25 53.04 -22.53 1.10
CA ASP C 25 52.43 -23.44 0.15
C ASP C 25 51.14 -22.78 -0.39
N PRO C 26 51.05 -22.67 -1.71
CA PRO C 26 49.91 -21.97 -2.30
C PRO C 26 48.59 -22.64 -1.99
N ARG C 27 48.59 -23.98 -1.84
CA ARG C 27 47.35 -24.70 -1.42
C ARG C 27 46.77 -24.23 -0.07
N ASN C 28 47.60 -23.60 0.78
CA ASN C 28 47.05 -22.99 2.01
C ASN C 28 46.03 -21.86 1.75
N TYR C 29 46.01 -21.31 0.53
CA TYR C 29 45.19 -20.09 0.21
C TYR C 29 43.95 -20.41 -0.65
N VAL C 30 43.84 -21.70 -1.03
CA VAL C 30 42.66 -22.28 -1.63
C VAL C 30 42.10 -21.30 -2.68
N PHE C 31 42.95 -21.02 -3.70
CA PHE C 31 42.77 -19.87 -4.61
C PHE C 31 42.15 -20.28 -5.92
N SER C 32 40.96 -19.74 -6.23
CA SER C 32 40.29 -20.09 -7.47
C SER C 32 39.59 -18.82 -7.95
N ASN C 33 39.03 -18.85 -9.16
CA ASN C 33 38.24 -17.78 -9.66
C ASN C 33 36.84 -18.30 -9.89
N VAL C 34 35.85 -17.62 -9.35
CA VAL C 34 34.47 -18.12 -9.41
C VAL C 34 33.93 -18.17 -10.86
N PHE C 35 34.47 -17.35 -11.75
CA PHE C 35 34.04 -17.40 -13.13
C PHE C 35 34.59 -18.58 -13.86
N GLU C 36 35.86 -18.87 -13.63
CA GLU C 36 36.47 -20.05 -14.20
C GLU C 36 35.74 -21.31 -13.73
N VAL C 37 35.46 -21.38 -12.44
CA VAL C 37 34.75 -22.48 -11.83
C VAL C 37 33.37 -22.65 -12.49
N ALA C 38 32.58 -21.57 -12.59
CA ALA C 38 31.23 -21.70 -13.17
C ALA C 38 31.36 -22.01 -14.65
N ALA C 39 32.42 -21.50 -15.30
CA ALA C 39 32.63 -21.70 -16.75
C ALA C 39 32.78 -23.17 -17.04
N ASN C 40 33.42 -23.90 -16.15
CA ASN C 40 33.77 -25.29 -16.40
C ASN C 40 32.80 -26.32 -15.82
N ALA C 41 31.76 -25.86 -15.14
CA ALA C 41 30.80 -26.71 -14.43
C ALA C 41 29.57 -27.05 -15.33
N ALA C 42 28.77 -28.06 -15.00
CA ALA C 42 27.51 -28.33 -15.68
C ALA C 42 26.48 -27.26 -15.24
N PRO C 43 25.45 -26.99 -16.05
CA PRO C 43 24.41 -26.03 -15.63
C PRO C 43 23.87 -26.28 -14.26
N TYR C 44 23.74 -25.22 -13.46
CA TYR C 44 23.23 -25.33 -12.08
C TYR C 44 24.03 -26.18 -11.07
N GLU C 45 25.10 -26.84 -11.51
CA GLU C 45 26.00 -27.47 -10.58
C GLU C 45 26.59 -26.47 -9.63
N ARG C 46 26.45 -26.80 -8.33
CA ARG C 46 26.85 -25.96 -7.20
C ARG C 46 28.20 -26.40 -6.62
N VAL C 47 29.26 -25.75 -7.11
CA VAL C 47 30.64 -26.11 -6.79
C VAL C 47 31.10 -25.28 -5.62
N ALA C 48 31.54 -25.94 -4.52
CA ALA C 48 32.09 -25.18 -3.42
C ALA C 48 33.37 -24.41 -3.89
N VAL C 49 33.39 -23.08 -3.64
CA VAL C 49 34.58 -22.23 -3.83
C VAL C 49 35.14 -21.61 -2.53
N GLY C 50 34.30 -21.60 -1.49
CA GLY C 50 34.67 -21.25 -0.13
C GLY C 50 34.01 -22.22 0.86
N LYS C 51 34.70 -22.49 1.97
CA LYS C 51 34.20 -23.39 2.99
C LYS C 51 34.86 -23.06 4.31
N ASN C 52 34.04 -22.88 5.33
CA ASN C 52 34.52 -22.57 6.65
C ASN C 52 33.68 -23.41 7.58
N PHE C 53 34.22 -24.57 7.99
CA PHE C 53 33.47 -25.62 8.71
C PHE C 53 32.36 -26.10 7.81
N GLU C 54 31.09 -25.92 8.23
CA GLU C 54 29.93 -26.37 7.45
C GLU C 54 29.44 -25.33 6.44
N TYR C 55 29.73 -24.05 6.66
CA TYR C 55 29.32 -22.98 5.76
C TYR C 55 30.12 -23.00 4.42
N VAL C 56 29.43 -22.80 3.30
CA VAL C 56 30.06 -22.76 1.97
C VAL C 56 29.67 -21.50 1.17
N ILE C 57 30.53 -21.17 0.20
CA ILE C 57 30.11 -20.32 -0.87
C ILE C 57 30.20 -21.24 -2.09
N GLU C 58 29.14 -21.30 -2.86
CA GLU C 58 29.11 -22.20 -4.05
C GLU C 58 29.07 -21.35 -5.32
N SER C 59 29.77 -21.79 -6.35
CA SER C 59 29.69 -21.02 -7.60
C SER C 59 28.86 -21.82 -8.56
N ALA C 60 27.91 -21.21 -9.27
CA ALA C 60 27.21 -21.95 -10.30
C ALA C 60 26.98 -21.18 -11.60
N ARG C 61 26.95 -21.89 -12.71
CA ARG C 61 26.49 -21.32 -13.97
C ARG C 61 25.00 -21.60 -14.17
N ALA C 62 24.18 -20.55 -14.21
CA ALA C 62 22.78 -20.68 -14.54
C ALA C 62 22.72 -20.81 -16.07
N GLU C 63 21.91 -21.73 -16.59
CA GLU C 63 21.68 -21.85 -18.04
C GLU C 63 20.33 -22.52 -18.26
N GLY C 64 19.37 -21.87 -18.89
CA GLY C 64 18.03 -22.52 -19.01
C GLY C 64 17.36 -22.52 -17.65
N THR C 65 16.39 -23.43 -17.43
CA THR C 65 15.57 -23.48 -16.19
C THR C 65 16.14 -24.54 -15.26
N SER C 66 16.31 -24.24 -13.98
CA SER C 66 16.86 -25.27 -13.06
C SER C 66 15.71 -26.14 -12.60
N GLY C 67 16.02 -27.29 -12.00
CA GLY C 67 14.98 -27.94 -11.16
C GLY C 67 14.70 -27.04 -9.95
N TRP C 68 13.77 -27.44 -9.07
CA TRP C 68 13.44 -26.70 -7.87
C TRP C 68 14.35 -27.10 -6.73
N PHE C 69 14.56 -26.16 -5.81
CA PHE C 69 15.38 -26.41 -4.63
C PHE C 69 14.59 -25.98 -3.43
N SER C 70 14.86 -26.62 -2.30
CA SER C 70 14.44 -26.08 -1.03
C SER C 70 15.51 -26.33 0.01
N CYS C 71 15.37 -25.64 1.14
CA CYS C 71 16.42 -25.70 2.16
C CYS C 71 15.79 -25.54 3.53
N ALA C 72 16.41 -26.15 4.55
CA ALA C 72 15.93 -26.02 5.93
C ALA C 72 16.34 -24.66 6.61
N HIS C 73 17.18 -23.88 5.96
CA HIS C 73 17.58 -22.59 6.50
C HIS C 73 17.61 -21.59 5.31
N ASP C 74 17.58 -20.29 5.62
CA ASP C 74 17.84 -19.22 4.66
C ASP C 74 19.13 -19.47 3.82
N GLU C 75 19.10 -19.03 2.57
CA GLU C 75 20.29 -18.96 1.72
C GLU C 75 20.25 -17.64 1.00
N PHE C 76 21.36 -17.26 0.35
CA PHE C 76 21.33 -16.05 -0.44
C PHE C 76 22.02 -16.34 -1.75
N VAL C 77 21.60 -15.64 -2.79
CA VAL C 77 22.19 -15.84 -4.12
C VAL C 77 22.60 -14.45 -4.59
N LEU C 78 23.84 -14.37 -5.04
CA LEU C 78 24.37 -13.15 -5.63
C LEU C 78 24.63 -13.36 -7.09
N ALA C 79 23.97 -12.55 -7.93
CA ALA C 79 24.23 -12.67 -9.38
C ALA C 79 25.56 -12.00 -9.70
N MET C 80 26.47 -12.72 -10.38
CA MET C 80 27.82 -12.17 -10.70
C MET C 80 28.01 -11.68 -12.16
N ASP C 81 27.14 -12.10 -13.08
CA ASP C 81 27.28 -11.75 -14.52
C ASP C 81 26.16 -12.36 -15.35
N GLY C 82 25.21 -11.57 -15.80
CA GLY C 82 24.15 -12.06 -16.65
C GLY C 82 22.84 -12.00 -15.89
N GLN C 83 21.74 -11.88 -16.62
CA GLN C 83 20.41 -11.83 -16.03
C GLN C 83 19.89 -13.21 -15.59
N ILE C 84 19.48 -13.32 -14.34
CA ILE C 84 18.97 -14.57 -13.80
C ILE C 84 17.68 -14.28 -13.09
N GLU C 85 16.65 -15.02 -13.46
CA GLU C 85 15.32 -14.89 -12.89
C GLU C 85 15.15 -15.92 -11.76
N VAL C 86 14.62 -15.47 -10.63
CA VAL C 86 14.34 -16.38 -9.53
C VAL C 86 12.81 -16.51 -9.32
N HIS C 87 12.35 -17.73 -9.23
CA HIS C 87 10.90 -17.97 -8.93
C HIS C 87 10.76 -18.60 -7.54
N LEU C 88 9.88 -18.03 -6.76
CA LEU C 88 9.65 -18.47 -5.39
C LEU C 88 8.24 -19.05 -5.24
N LEU C 89 8.17 -20.15 -4.48
CA LEU C 89 6.91 -20.85 -4.20
C LEU C 89 6.89 -21.19 -2.68
N LYS C 90 5.86 -20.77 -1.98
CA LYS C 90 5.65 -21.10 -0.55
C LYS C 90 5.14 -22.52 -0.47
N LEU C 91 5.95 -23.47 0.01
CA LEU C 91 5.55 -24.88 0.02
C LEU C 91 4.44 -25.13 1.07
N ASP C 92 3.39 -25.84 0.66
CA ASP C 92 2.33 -26.31 1.57
C ASP C 92 2.85 -27.09 2.77
N ASN C 93 3.76 -28.01 2.49
CA ASN C 93 4.34 -28.86 3.48
C ASN C 93 5.83 -28.96 3.18
N SER C 94 6.63 -28.00 3.64
CA SER C 94 8.08 -28.03 3.33
C SER C 94 8.75 -29.32 3.86
N ASP C 95 8.29 -29.77 5.03
CA ASP C 95 8.72 -31.06 5.64
C ASP C 95 8.58 -32.25 4.68
N ALA C 96 7.65 -32.18 3.73
CA ALA C 96 7.51 -33.26 2.74
C ALA C 96 8.62 -33.24 1.69
N TYR C 97 9.32 -32.12 1.58
CA TYR C 97 10.42 -32.06 0.60
C TYR C 97 11.82 -31.98 1.24
N VAL C 98 11.90 -31.42 2.44
CA VAL C 98 13.20 -31.13 3.04
C VAL C 98 13.12 -31.45 4.49
N ASP C 99 14.11 -32.20 4.91
CA ASP C 99 14.13 -32.61 6.28
C ASP C 99 14.48 -31.38 7.10
N PRO C 100 13.58 -31.01 8.02
CA PRO C 100 13.84 -29.75 8.72
C PRO C 100 15.08 -29.85 9.62
N ASP C 101 15.78 -30.98 9.60
CA ASP C 101 17.03 -31.09 10.36
C ASP C 101 18.29 -31.20 9.50
N SER C 102 18.11 -31.36 8.19
CA SER C 102 19.23 -31.36 7.23
C SER C 102 19.77 -29.92 7.09
N GLU C 103 20.87 -29.76 6.39
CA GLU C 103 21.28 -28.41 5.98
C GLU C 103 21.88 -28.45 4.59
N GLY C 104 21.92 -27.30 3.92
CA GLY C 104 22.39 -27.21 2.51
C GLY C 104 21.19 -27.36 1.62
N ALA C 105 21.26 -26.82 0.40
CA ALA C 105 20.08 -26.95 -0.52
C ALA C 105 19.81 -28.41 -0.81
N VAL C 106 18.53 -28.70 -1.00
CA VAL C 106 18.10 -29.99 -1.49
C VAL C 106 17.49 -29.77 -2.85
N ALA C 107 17.81 -30.67 -3.79
CA ALA C 107 17.21 -30.65 -5.15
C ALA C 107 15.90 -31.38 -5.09
N ILE C 108 14.80 -30.70 -5.29
CA ILE C 108 13.52 -31.36 -5.06
C ILE C 108 12.76 -31.70 -6.34
N GLY C 109 13.46 -31.71 -7.47
CA GLY C 109 12.85 -32.12 -8.73
C GLY C 109 12.38 -31.06 -9.70
N GLU C 110 12.19 -31.49 -10.94
CA GLU C 110 11.69 -30.57 -11.99
C GLU C 110 10.19 -30.25 -11.90
N ALA C 111 9.42 -31.17 -11.35
CA ALA C 111 8.01 -30.97 -11.26
C ALA C 111 7.73 -29.87 -10.24
N LEU C 112 6.72 -29.07 -10.53
CA LEU C 112 6.23 -28.07 -9.62
C LEU C 112 5.82 -28.69 -8.27
N PRO C 113 6.54 -28.36 -7.17
CA PRO C 113 6.09 -28.80 -5.85
C PRO C 113 4.77 -28.17 -5.51
N GLU C 114 4.12 -28.70 -4.46
CA GLU C 114 2.81 -28.19 -4.03
C GLU C 114 2.92 -26.90 -3.23
N GLY C 115 2.21 -25.90 -3.63
CA GLY C 115 2.23 -24.70 -2.79
C GLY C 115 1.76 -23.48 -3.53
N ARG C 116 1.96 -22.30 -2.95
CA ARG C 116 1.48 -21.06 -3.52
C ARG C 116 2.63 -20.26 -4.16
N LYS C 117 2.39 -19.75 -5.37
CA LYS C 117 3.23 -18.73 -6.00
C LYS C 117 3.53 -17.61 -5.00
N MET C 118 4.81 -17.44 -4.71
CA MET C 118 5.27 -16.39 -3.80
C MET C 118 5.70 -15.10 -4.52
N GLY C 119 6.43 -15.26 -5.61
CA GLY C 119 6.95 -14.13 -6.30
C GLY C 119 8.00 -14.45 -7.32
N ARG C 120 8.46 -13.39 -7.97
CA ARG C 120 9.49 -13.49 -8.98
C ARG C 120 10.53 -12.39 -8.79
N ILE C 121 11.78 -12.76 -8.97
CA ILE C 121 12.84 -11.79 -8.88
C ILE C 121 13.69 -11.86 -10.15
N VAL C 122 14.03 -10.71 -10.70
CA VAL C 122 15.02 -10.73 -11.79
C VAL C 122 16.32 -10.07 -11.35
N LEU C 123 17.39 -10.84 -11.35
CA LEU C 123 18.67 -10.25 -10.91
C LEU C 123 19.59 -10.02 -12.10
N ARG C 124 20.37 -8.94 -12.03
CA ARG C 124 21.48 -8.67 -12.93
C ARG C 124 22.77 -8.66 -12.08
N ARG C 125 23.91 -8.52 -12.71
CA ARG C 125 25.20 -8.44 -11.98
C ARG C 125 25.15 -7.60 -10.74
N GLY C 126 25.62 -8.16 -9.65
CA GLY C 126 25.75 -7.37 -8.44
C GLY C 126 24.52 -7.36 -7.58
N HIS C 127 23.49 -8.11 -8.00
CA HIS C 127 22.21 -8.14 -7.29
C HIS C 127 22.14 -9.40 -6.44
N MET C 128 21.73 -9.18 -5.18
CA MET C 128 21.64 -10.31 -4.25
C MET C 128 20.18 -10.53 -3.89
N ALA C 129 19.79 -11.79 -3.84
CA ALA C 129 18.43 -12.12 -3.32
C ALA C 129 18.41 -13.05 -2.10
N LEU C 130 17.47 -12.80 -1.20
CA LEU C 130 17.04 -13.76 -0.19
C LEU C 130 16.37 -15.00 -0.77
N LEU C 131 16.89 -16.16 -0.39
CA LEU C 131 16.19 -17.42 -0.63
C LEU C 131 15.70 -17.94 0.73
N PRO C 132 14.44 -17.59 1.09
CA PRO C 132 13.91 -17.84 2.45
C PRO C 132 13.49 -19.27 2.79
N VAL C 133 13.84 -19.69 4.01
CA VAL C 133 13.48 -21.01 4.52
C VAL C 133 11.97 -21.22 4.36
N GLY C 134 11.56 -22.43 3.95
CA GLY C 134 10.11 -22.68 3.69
C GLY C 134 9.64 -22.38 2.27
N ALA C 135 10.48 -21.71 1.47
CA ALA C 135 10.13 -21.49 0.06
C ALA C 135 10.89 -22.47 -0.76
N ALA C 136 10.31 -22.91 -1.87
CA ALA C 136 11.11 -23.59 -2.91
C ALA C 136 11.47 -22.51 -3.92
N TYR C 137 12.56 -22.73 -4.63
CA TYR C 137 13.05 -21.76 -5.60
C TYR C 137 13.57 -22.49 -6.81
N ARG C 138 13.40 -21.82 -7.94
CA ARG C 138 13.92 -22.26 -9.20
C ARG C 138 14.55 -21.05 -9.87
N PHE C 139 15.49 -21.32 -10.80
CA PHE C 139 16.08 -20.28 -11.65
C PHE C 139 15.80 -20.39 -13.15
N TYR C 140 15.68 -19.24 -13.78
CA TYR C 140 15.74 -19.21 -15.24
C TYR C 140 16.78 -18.23 -15.82
N ALA C 141 17.62 -18.72 -16.73
CA ALA C 141 18.59 -17.86 -17.40
C ALA C 141 18.66 -18.13 -18.90
N GLU C 142 18.23 -17.18 -19.70
CA GLU C 142 18.23 -17.25 -21.17
C GLU C 142 19.64 -17.52 -21.72
N GLN C 143 20.61 -16.74 -21.24
CA GLN C 143 22.01 -17.00 -21.56
C GLN C 143 22.78 -17.35 -20.28
N PRO C 144 23.82 -18.19 -20.41
CA PRO C 144 24.73 -18.51 -19.32
C PRO C 144 25.05 -17.28 -18.47
N ALA C 145 24.85 -17.43 -17.15
CA ALA C 145 25.04 -16.36 -16.19
C ALA C 145 25.81 -16.97 -14.97
N ALA C 146 26.68 -16.19 -14.31
CA ALA C 146 27.41 -16.67 -13.13
C ALA C 146 26.66 -16.28 -11.86
N MET C 147 26.58 -17.19 -10.89
CA MET C 147 25.94 -16.84 -9.61
C MET C 147 26.66 -17.45 -8.45
N LEU C 148 26.44 -16.89 -7.27
CA LEU C 148 27.09 -17.46 -6.11
C LEU C 148 26.05 -17.70 -5.01
N PHE C 149 26.22 -18.79 -4.27
CA PHE C 149 25.34 -19.05 -3.13
C PHE C 149 26.08 -18.90 -1.79
N GLN C 150 25.42 -18.24 -0.84
CA GLN C 150 25.76 -18.31 0.57
C GLN C 150 24.87 -19.43 1.21
N SER C 151 25.46 -20.58 1.53
CA SER C 151 24.67 -21.68 2.09
C SER C 151 25.50 -22.55 3.07
N ILE C 152 25.12 -23.81 3.21
CA ILE C 152 25.76 -24.75 4.08
C ILE C 152 26.01 -25.99 3.20
N GLU C 153 27.14 -26.63 3.42
CA GLU C 153 27.51 -27.88 2.71
C GLU C 153 26.33 -28.87 2.80
N GLY C 154 25.88 -29.43 1.68
CA GLY C 154 24.87 -30.45 1.76
C GLY C 154 24.80 -31.34 0.55
N ALA C 155 23.59 -31.81 0.25
CA ALA C 155 23.31 -32.77 -0.84
C ALA C 155 23.65 -32.23 -2.25
N VAL C 156 23.54 -30.91 -2.50
CA VAL C 156 23.85 -30.40 -3.86
C VAL C 156 25.28 -29.84 -4.01
N THR C 157 26.06 -29.85 -2.94
CA THR C 157 27.34 -29.16 -2.92
C THR C 157 28.44 -30.02 -3.48
N VAL C 158 29.02 -29.65 -4.62
CA VAL C 158 30.12 -30.41 -5.23
C VAL C 158 31.47 -29.89 -4.75
N GLN C 159 32.34 -30.78 -4.34
CA GLN C 159 33.67 -30.37 -3.91
C GLN C 159 34.71 -30.86 -4.89
N LYS C 160 35.53 -29.96 -5.40
CA LYS C 160 36.57 -30.38 -6.33
C LYS C 160 37.80 -29.48 -6.20
N TRP C 161 38.23 -29.29 -4.95
CA TRP C 161 39.30 -28.37 -4.62
C TRP C 161 40.56 -28.59 -5.46
N GLY C 162 40.95 -29.85 -5.66
CA GLY C 162 42.13 -30.18 -6.46
C GLY C 162 42.09 -29.64 -7.87
N GLU C 163 40.91 -29.60 -8.50
CA GLU C 163 40.78 -29.08 -9.86
C GLU C 163 40.52 -27.57 -9.95
N ILE C 164 40.01 -26.94 -8.91
CA ILE C 164 39.70 -25.50 -9.06
C ILE C 164 40.78 -24.52 -8.57
N CYS C 165 41.61 -24.93 -7.60
CA CYS C 165 42.52 -24.02 -6.87
C CYS C 165 43.94 -24.13 -7.36
N GLN C 166 44.73 -23.10 -7.06
CA GLN C 166 46.14 -23.08 -7.45
C GLN C 166 46.91 -24.09 -6.60
N THR C 167 47.68 -24.95 -7.26
CA THR C 167 48.44 -25.98 -6.54
C THR C 167 49.95 -25.77 -6.63
N GLU C 168 50.42 -25.08 -7.68
CA GLU C 168 51.84 -24.74 -7.82
C GLU C 168 52.08 -23.22 -7.77
N ALA C 169 53.33 -22.84 -7.60
CA ALA C 169 53.73 -21.43 -7.80
C ALA C 169 55.08 -21.32 -8.47
N SER D 15 42.94 -13.46 39.22
CA SER D 15 43.83 -12.80 38.22
C SER D 15 43.00 -11.93 37.25
N LYS D 16 42.37 -10.88 37.79
CA LYS D 16 41.39 -10.05 37.05
C LYS D 16 41.94 -9.16 35.87
N ALA D 17 41.06 -8.87 34.91
CA ALA D 17 41.38 -8.04 33.76
C ALA D 17 41.30 -6.61 34.21
N ARG D 18 42.19 -5.76 33.70
CA ARG D 18 42.33 -4.40 34.19
C ARG D 18 41.28 -3.38 33.74
N THR D 19 41.15 -2.29 34.49
CA THR D 19 40.17 -1.21 34.18
C THR D 19 40.77 0.17 34.41
N ASP D 20 42.04 0.22 34.86
CA ASP D 20 42.74 1.48 35.14
C ASP D 20 43.17 2.23 33.85
N THR D 21 42.46 3.30 33.54
CA THR D 21 42.79 4.16 32.45
C THR D 21 42.61 5.56 32.99
N GLU D 22 43.20 6.55 32.30
CA GLU D 22 43.34 7.90 32.84
C GLU D 22 43.63 8.90 31.74
N HIS D 23 42.95 10.05 31.84
CA HIS D 23 43.19 11.25 31.08
C HIS D 23 44.33 11.98 31.77
N LEU D 24 45.43 12.24 31.08
CA LEU D 24 46.58 12.94 31.67
C LEU D 24 46.47 14.36 31.20
N ALA D 25 47.57 15.09 31.16
CA ALA D 25 47.47 16.54 30.89
C ALA D 25 47.36 16.90 29.40
N ILE D 26 46.74 18.04 29.09
CA ILE D 26 46.94 18.68 27.81
C ILE D 26 48.35 19.35 27.74
N ASN D 27 49.15 19.01 26.75
CA ASN D 27 50.38 19.73 26.51
C ASN D 27 50.05 21.13 26.01
N ASN D 28 50.63 22.14 26.60
CA ASN D 28 50.27 23.49 26.14
C ASN D 28 50.84 23.94 24.78
N GLU D 29 51.90 23.29 24.27
CA GLU D 29 52.42 23.58 22.91
C GLU D 29 51.58 22.96 21.76
N THR D 30 51.46 21.63 21.78
CA THR D 30 50.75 20.86 20.74
C THR D 30 49.24 20.94 20.85
N GLY D 31 48.74 21.01 22.09
CA GLY D 31 47.33 21.19 22.38
C GLY D 31 46.58 19.90 22.53
N TYR D 32 47.32 18.79 22.48
CA TYR D 32 46.74 17.46 22.62
C TYR D 32 46.86 16.97 24.06
N ARG D 33 45.88 16.16 24.46
CA ARG D 33 45.92 15.42 25.72
C ARG D 33 46.64 14.07 25.59
N SER D 34 47.31 13.68 26.66
CA SER D 34 47.85 12.35 26.62
C SER D 34 47.02 11.44 27.51
N PHE D 35 47.19 10.14 27.34
CA PHE D 35 46.32 9.21 27.98
C PHE D 35 47.14 8.07 28.50
N ARG D 36 46.58 7.42 29.54
CA ARG D 36 47.11 6.22 30.16
C ARG D 36 46.11 5.07 30.11
N ALA D 37 46.58 3.87 29.78
CA ALA D 37 45.74 2.69 29.95
C ALA D 37 46.61 1.64 30.56
N GLY D 38 46.34 1.27 31.83
CA GLY D 38 47.25 0.40 32.58
C GLY D 38 48.66 0.93 32.53
N GLY D 39 49.62 0.13 32.12
CA GLY D 39 50.98 0.64 32.07
C GLY D 39 51.38 1.35 30.78
N PHE D 40 50.46 1.47 29.80
CA PHE D 40 50.73 2.20 28.53
C PHE D 40 50.33 3.65 28.63
N THR D 41 51.08 4.55 27.99
CA THR D 41 50.70 5.95 27.91
C THR D 41 50.74 6.31 26.42
N PHE D 42 49.94 7.31 26.04
CA PHE D 42 49.70 7.70 24.66
C PHE D 42 49.78 9.19 24.55
N THR D 43 50.73 9.64 23.74
CA THR D 43 50.98 11.03 23.54
C THR D 43 51.11 11.22 22.02
N ARG D 44 50.59 12.32 21.46
CA ARG D 44 50.94 12.64 20.03
C ARG D 44 51.54 14.01 19.94
N ASP D 45 52.36 14.25 18.91
CA ASP D 45 52.86 15.57 18.70
C ASP D 45 52.47 15.92 17.31
N GLU D 46 53.25 16.77 16.66
CA GLU D 46 52.87 17.24 15.31
C GLU D 46 52.93 16.16 14.22
N TYR D 47 53.79 15.16 14.43
CA TYR D 47 53.99 14.10 13.44
C TYR D 47 53.75 12.68 13.91
N PHE D 48 53.81 12.43 15.24
CA PHE D 48 53.93 11.06 15.74
C PHE D 48 52.96 10.73 16.88
N ALA D 49 52.57 9.47 16.97
CA ALA D 49 52.03 8.94 18.20
C ALA D 49 53.20 8.29 18.91
N ARG D 50 53.33 8.64 20.20
CA ARG D 50 54.42 8.22 21.05
C ARG D 50 53.80 7.31 22.10
N LEU D 51 54.16 6.03 22.03
CA LEU D 51 53.67 5.06 22.99
C LEU D 51 54.76 4.75 24.00
N THR D 52 54.37 4.62 25.27
CA THR D 52 55.27 4.00 26.27
C THR D 52 54.63 2.87 27.04
N TRP D 53 55.44 1.88 27.38
CA TRP D 53 55.07 0.89 28.37
C TRP D 53 56.27 0.62 29.34
N PRO D 54 56.02 -0.09 30.47
CA PRO D 54 57.10 -0.42 31.39
C PRO D 54 58.24 -1.12 30.67
N GLY D 55 59.39 -0.48 30.61
CA GLY D 55 60.56 -0.96 29.89
C GLY D 55 60.72 -0.59 28.40
N GLY D 56 59.81 0.19 27.82
CA GLY D 56 59.91 0.43 26.39
C GLY D 56 59.12 1.59 25.83
N SER D 57 59.46 1.97 24.60
CA SER D 57 58.83 3.09 23.89
C SER D 57 58.75 2.76 22.42
N HIS D 58 57.81 3.41 21.73
CA HIS D 58 57.63 3.20 20.30
C HIS D 58 57.01 4.44 19.62
N ILE D 59 57.35 4.66 18.36
CA ILE D 59 56.79 5.77 17.61
C ILE D 59 56.07 5.26 16.38
N ILE D 60 54.93 5.86 16.07
CA ILE D 60 54.15 5.52 14.88
C ILE D 60 53.71 6.85 14.24
N PRO D 61 53.94 7.02 12.92
CA PRO D 61 53.49 8.29 12.30
C PRO D 61 52.03 8.51 12.57
N ILE D 62 51.59 9.74 12.83
CA ILE D 62 50.27 9.91 13.43
C ILE D 62 49.14 9.53 12.45
N ASP D 63 49.36 9.59 11.14
CA ASP D 63 48.33 9.20 10.16
C ASP D 63 48.09 7.74 10.16
N ALA D 64 49.15 6.92 10.04
CA ALA D 64 49.06 5.45 10.20
C ALA D 64 48.37 5.13 11.54
N PHE D 65 48.87 5.67 12.65
CA PHE D 65 48.24 5.43 13.97
C PHE D 65 46.72 5.73 14.02
N LEU D 66 46.28 6.88 13.52
CA LEU D 66 44.83 7.22 13.62
C LEU D 66 43.97 6.34 12.72
N ARG D 67 44.50 5.99 11.55
CA ARG D 67 43.80 5.10 10.66
C ARG D 67 43.63 3.70 11.28
N ALA D 68 44.66 3.21 11.99
CA ALA D 68 44.58 1.88 12.61
C ALA D 68 43.61 2.02 13.79
N MET D 69 43.82 3.05 14.62
CA MET D 69 42.91 3.28 15.77
C MET D 69 41.43 3.36 15.34
N MET D 70 41.17 4.10 14.28
CA MET D 70 39.78 4.27 13.76
C MET D 70 39.15 2.88 13.52
N ARG D 71 39.92 1.98 12.89
CA ARG D 71 39.49 0.59 12.67
C ARG D 71 39.26 -0.19 13.99
N ASP D 72 40.27 -0.33 14.87
CA ASP D 72 40.07 -1.03 16.13
C ASP D 72 38.81 -0.56 16.86
N VAL D 73 38.64 0.76 16.93
CA VAL D 73 37.45 1.34 17.56
C VAL D 73 36.20 0.96 16.80
N ALA D 74 36.18 1.24 15.50
CA ALA D 74 34.98 0.91 14.67
C ALA D 74 34.59 -0.55 14.77
N TRP D 75 35.58 -1.43 14.80
CA TRP D 75 35.33 -2.86 14.75
C TRP D 75 35.06 -3.54 16.12
N GLY D 76 35.04 -2.73 17.19
CA GLY D 76 35.08 -3.23 18.58
C GLY D 76 36.15 -4.30 18.82
N PHE D 77 37.34 -4.08 18.26
CA PHE D 77 38.49 -4.97 18.44
C PHE D 77 38.48 -6.13 17.51
N PHE D 78 37.40 -6.29 16.72
CA PHE D 78 37.36 -7.17 15.58
C PHE D 78 37.60 -8.65 16.01
N TYR D 79 38.25 -9.45 15.19
CA TYR D 79 38.54 -10.84 15.49
C TYR D 79 40.03 -11.06 15.63
N GLY D 80 40.45 -11.76 16.69
CA GLY D 80 41.87 -12.02 16.88
C GLY D 80 42.73 -10.77 17.02
N VAL D 81 43.82 -10.73 16.23
CA VAL D 81 44.91 -9.75 16.44
C VAL D 81 44.78 -8.64 15.41
N VAL D 82 44.61 -7.42 15.93
CA VAL D 82 44.73 -6.21 15.11
C VAL D 82 46.11 -5.61 15.42
N ASN D 83 47.11 -5.91 14.57
CA ASN D 83 48.45 -5.32 14.67
C ASN D 83 48.43 -3.91 14.07
N PHE D 84 48.66 -2.85 14.86
CA PHE D 84 48.79 -1.53 14.25
C PHE D 84 50.05 -1.54 13.41
N ASP D 85 51.07 -2.24 13.89
CA ASP D 85 52.27 -2.35 13.07
C ASP D 85 53.04 -3.57 13.51
N HIS D 86 54.33 -3.53 13.33
CA HIS D 86 55.15 -4.71 13.61
C HIS D 86 55.38 -4.83 15.11
N VAL D 87 54.93 -3.82 15.87
CA VAL D 87 55.17 -3.81 17.30
C VAL D 87 53.91 -3.86 18.14
N PHE D 88 53.04 -2.88 17.87
CA PHE D 88 51.95 -2.54 18.76
C PHE D 88 50.58 -3.02 18.25
N GLY D 89 49.71 -3.50 19.16
CA GLY D 89 48.36 -3.90 18.74
C GLY D 89 47.49 -4.48 19.86
N THR D 90 46.38 -5.10 19.48
CA THR D 90 45.40 -5.67 20.43
C THR D 90 44.96 -7.06 20.01
N ILE D 91 44.57 -7.90 20.96
CA ILE D 91 44.01 -9.22 20.68
C ILE D 91 42.63 -9.20 21.33
N ASN D 92 41.58 -9.36 20.55
CA ASN D 92 40.26 -9.44 21.16
C ASN D 92 40.05 -10.80 21.79
N HIS D 93 39.58 -10.77 23.02
CA HIS D 93 39.19 -11.99 23.72
C HIS D 93 37.67 -12.00 23.94
N TYR D 94 36.96 -11.03 23.33
CA TYR D 94 35.47 -11.00 23.33
C TYR D 94 34.94 -10.74 24.74
N GLY D 95 34.95 -9.48 25.16
CA GLY D 95 34.64 -9.10 26.54
C GLY D 95 35.88 -8.65 27.31
N GLU D 96 37.04 -9.24 26.99
CA GLU D 96 38.32 -8.67 27.40
C GLU D 96 39.22 -8.53 26.16
N VAL D 97 40.29 -7.75 26.27
CA VAL D 97 41.15 -7.50 25.14
C VAL D 97 42.59 -7.31 25.63
N THR D 98 43.55 -8.00 25.03
CA THR D 98 44.97 -7.77 25.35
C THR D 98 45.55 -6.61 24.50
N MET D 99 46.25 -5.68 25.11
CA MET D 99 47.02 -4.68 24.34
C MET D 99 48.49 -5.03 24.50
N PHE D 100 49.26 -4.91 23.42
CA PHE D 100 50.62 -5.36 23.41
C PHE D 100 51.65 -4.48 22.72
N ALA D 101 52.90 -4.71 23.06
CA ALA D 101 54.02 -4.25 22.29
C ALA D 101 55.02 -5.38 22.20
N GLY D 102 55.27 -5.81 20.97
CA GLY D 102 56.26 -6.80 20.70
C GLY D 102 55.77 -8.23 20.78
N ARG D 103 54.48 -8.46 21.08
CA ARG D 103 54.00 -9.87 21.29
C ARG D 103 54.20 -10.72 20.03
N PHE D 104 54.09 -10.05 18.88
CA PHE D 104 54.12 -10.74 17.61
C PHE D 104 55.30 -10.25 16.81
N ASN D 105 56.38 -10.03 17.56
CA ASN D 105 57.65 -9.60 17.03
C ASN D 105 58.76 -10.49 17.58
N ASP D 106 59.28 -11.39 16.74
CA ASP D 106 60.33 -12.34 17.15
C ASP D 106 61.50 -11.67 17.90
N ALA D 107 61.89 -10.45 17.51
CA ALA D 107 63.06 -9.86 18.17
C ALA D 107 62.71 -9.56 19.60
N TYR D 108 61.51 -8.99 19.81
CA TYR D 108 61.09 -8.66 21.16
C TYR D 108 60.89 -9.92 22.01
N ARG D 109 60.21 -10.91 21.44
CA ARG D 109 59.89 -12.13 22.16
C ARG D 109 61.17 -12.92 22.52
N ASN D 110 62.07 -13.15 21.57
CA ASN D 110 63.36 -13.83 21.92
C ASN D 110 64.16 -13.15 23.02
N ALA D 111 64.06 -11.84 23.13
CA ALA D 111 64.74 -11.12 24.17
C ALA D 111 63.92 -11.01 25.45
N GLY D 112 62.70 -11.55 25.45
CA GLY D 112 61.81 -11.38 26.57
C GLY D 112 61.40 -9.90 26.78
N ARG D 113 61.38 -9.07 25.72
CA ARG D 113 61.01 -7.65 25.88
C ARG D 113 59.61 -7.26 25.44
N ASP D 114 58.82 -8.24 25.05
CA ASP D 114 57.41 -8.00 24.74
C ASP D 114 56.65 -7.65 26.01
N HIS D 115 55.59 -6.88 25.86
CA HIS D 115 54.82 -6.56 27.05
C HIS D 115 53.34 -6.59 26.68
N GLU D 116 52.54 -7.23 27.55
CA GLU D 116 51.10 -7.41 27.33
C GLU D 116 50.34 -7.04 28.59
N GLU D 117 49.15 -6.48 28.43
CA GLU D 117 48.28 -6.16 29.55
C GLU D 117 46.88 -6.43 29.07
N ARG D 118 46.13 -7.16 29.87
CA ARG D 118 44.78 -7.55 29.56
C ARG D 118 43.75 -6.63 30.20
N PHE D 119 42.84 -6.11 29.40
CA PHE D 119 41.83 -5.18 29.91
C PHE D 119 40.43 -5.69 29.74
N LYS D 120 39.53 -5.09 30.50
CA LYS D 120 38.13 -5.27 30.33
C LYS D 120 37.84 -4.49 29.06
N SER D 121 37.15 -5.10 28.07
CA SER D 121 36.94 -4.45 26.76
C SER D 121 36.35 -3.05 26.79
N SER D 122 35.31 -2.81 27.58
CA SER D 122 34.75 -1.46 27.56
C SER D 122 35.64 -0.40 28.20
N ALA D 123 36.52 -0.80 29.13
CA ALA D 123 37.44 0.15 29.71
C ALA D 123 38.49 0.58 28.68
N LEU D 124 39.12 -0.39 28.01
CA LEU D 124 40.05 -0.03 26.97
C LEU D 124 39.37 0.73 25.80
N MET D 125 38.18 0.28 25.41
CA MET D 125 37.45 0.95 24.33
C MET D 125 37.20 2.41 24.67
N ALA D 126 36.82 2.73 25.93
CA ALA D 126 36.43 4.11 26.25
C ALA D 126 37.65 5.04 26.15
N VAL D 127 38.83 4.55 26.47
CA VAL D 127 40.00 5.45 26.34
C VAL D 127 40.52 5.49 24.88
N PHE D 128 40.41 4.38 24.12
CA PHE D 128 40.64 4.42 22.63
C PHE D 128 39.77 5.52 21.96
N LYS D 129 38.49 5.58 22.33
CA LYS D 129 37.58 6.63 21.79
C LYS D 129 38.03 8.02 22.14
N ASP D 130 38.42 8.22 23.41
CA ASP D 130 38.99 9.49 23.85
C ASP D 130 40.26 9.87 23.06
N ILE D 131 41.22 8.96 22.96
CA ILE D 131 42.42 9.23 22.11
C ILE D 131 42.05 9.62 20.67
N LEU D 132 41.26 8.74 20.03
CA LEU D 132 40.78 8.97 18.68
C LEU D 132 40.15 10.36 18.55
N SER D 133 39.26 10.71 19.46
CA SER D 133 38.64 12.03 19.40
C SER D 133 39.60 13.20 19.59
N ASP D 134 40.41 13.17 20.65
CA ASP D 134 41.33 14.27 20.95
C ASP D 134 42.37 14.49 19.84
N TRP D 135 42.90 13.39 19.30
CA TRP D 135 43.96 13.49 18.29
C TRP D 135 43.53 13.76 16.82
N THR D 136 42.23 13.61 16.52
CA THR D 136 41.75 13.79 15.16
C THR D 136 41.39 15.28 14.98
N VAL D 137 41.96 15.94 13.96
CA VAL D 137 41.83 17.39 13.83
C VAL D 137 40.75 17.69 12.78
N GLU D 138 40.26 18.92 12.77
CA GLU D 138 39.24 19.34 11.79
C GLU D 138 39.73 19.01 10.39
N GLY D 139 38.82 18.53 9.57
CA GLY D 139 39.08 18.21 8.18
C GLY D 139 39.89 16.97 7.92
N TYR D 140 40.21 16.20 8.97
CA TYR D 140 40.98 14.91 8.84
C TYR D 140 40.02 13.74 9.14
N ASP D 141 39.83 12.85 8.15
CA ASP D 141 38.99 11.66 8.27
C ASP D 141 39.80 10.37 8.22
N PRO D 142 40.06 9.81 9.39
CA PRO D 142 40.90 8.63 9.43
C PRO D 142 40.27 7.34 8.88
N PHE D 143 38.98 7.39 8.44
CA PHE D 143 38.27 6.27 7.85
C PHE D 143 38.29 6.39 6.31
N ALA D 144 38.74 7.53 5.79
CA ALA D 144 38.76 7.73 4.33
C ALA D 144 40.13 7.42 3.66
N ALA D 145 40.18 7.34 2.33
CA ALA D 145 41.48 7.21 1.67
C ALA D 145 42.23 8.54 1.66
N PRO D 146 43.56 8.47 1.50
CA PRO D 146 44.33 9.73 1.55
C PRO D 146 43.85 10.85 0.57
N MET D 147 43.47 10.51 -0.67
CA MET D 147 43.01 11.51 -1.66
C MET D 147 41.64 12.10 -1.36
N GLU D 148 40.93 11.52 -0.39
CA GLU D 148 39.58 11.95 -0.03
C GLU D 148 39.49 12.95 1.13
N THR D 149 40.61 13.26 1.77
CA THR D 149 40.53 13.94 3.08
C THR D 149 41.72 14.86 3.37
N GLY D 150 41.74 15.54 4.51
CA GLY D 150 42.83 16.50 4.79
C GLY D 150 44.00 15.78 5.45
N LEU D 151 44.78 16.53 6.25
CA LEU D 151 45.96 16.01 6.97
C LEU D 151 45.86 16.07 8.48
N PRO D 152 46.59 15.16 9.17
CA PRO D 152 46.55 15.12 10.63
C PRO D 152 47.72 15.89 11.31
N TRP D 153 48.66 16.38 10.52
CA TRP D 153 49.88 16.96 11.05
C TRP D 153 49.66 18.23 11.87
N GLY D 154 50.62 18.57 12.76
CA GLY D 154 50.64 19.89 13.34
C GLY D 154 49.84 19.90 14.63
N ILE D 155 49.56 21.10 15.13
CA ILE D 155 49.03 21.20 16.47
C ILE D 155 47.55 20.98 16.44
N LYS D 156 46.95 20.74 17.59
CA LYS D 156 45.51 20.46 17.64
C LYS D 156 44.78 21.63 16.98
N ASN D 157 43.81 21.35 16.12
CA ASN D 157 43.03 22.38 15.45
C ASN D 157 41.61 21.87 15.24
N GLY D 158 40.72 22.06 16.21
CA GLY D 158 39.37 21.54 16.08
C GLY D 158 39.36 20.02 16.16
N ASN D 159 38.20 19.44 15.78
CA ASN D 159 37.99 18.01 15.88
C ASN D 159 37.28 17.49 14.64
N ASN D 160 37.29 16.17 14.43
CA ASN D 160 36.36 15.59 13.43
C ASN D 160 35.49 14.50 14.07
N ASP D 161 34.73 14.92 15.09
CA ASP D 161 34.00 13.97 15.90
C ASP D 161 32.93 13.18 15.11
N GLU D 162 32.28 13.83 14.14
CA GLU D 162 31.34 13.14 13.26
C GLU D 162 31.98 12.07 12.39
N ALA D 163 33.16 12.31 11.81
CA ALA D 163 33.85 11.24 11.07
C ALA D 163 34.19 10.02 11.95
N ILE D 164 34.53 10.26 13.20
CA ILE D 164 35.03 9.15 14.00
C ILE D 164 33.88 8.51 14.78
N SER D 165 32.69 9.09 14.65
CA SER D 165 31.48 8.62 15.31
C SER D 165 30.45 7.87 14.44
N ARG D 166 30.87 7.31 13.32
CA ARG D 166 29.87 6.77 12.41
C ARG D 166 29.23 5.55 13.04
N GLN D 167 27.89 5.48 12.99
CA GLN D 167 27.17 4.31 13.54
C GLN D 167 27.47 3.07 12.67
N ARG D 168 27.87 1.97 13.29
CA ARG D 168 28.02 0.73 12.57
C ARG D 168 26.69 0.31 11.93
N VAL D 169 26.80 -0.29 10.74
CA VAL D 169 25.67 -0.85 10.09
C VAL D 169 25.92 -2.35 9.99
N THR D 170 24.89 -3.10 10.36
CA THR D 170 24.97 -4.58 10.38
C THR D 170 23.60 -5.07 10.00
N ALA D 171 23.52 -5.96 9.01
CA ALA D 171 22.25 -6.60 8.74
C ALA D 171 21.99 -7.72 9.76
N ARG D 172 20.75 -7.82 10.24
CA ARG D 172 20.31 -8.99 11.02
C ARG D 172 20.04 -10.21 10.09
N ARG D 173 19.44 -9.97 8.93
CA ARG D 173 19.20 -11.04 8.00
C ARG D 173 19.73 -10.67 6.60
N MET D 174 19.27 -9.57 6.04
CA MET D 174 19.80 -9.06 4.76
C MET D 174 19.48 -7.58 4.65
N VAL D 175 20.36 -6.83 3.98
CA VAL D 175 20.01 -5.41 3.61
C VAL D 175 18.65 -5.32 2.94
N GLY D 176 17.87 -4.31 3.30
CA GLY D 176 16.65 -4.11 2.55
C GLY D 176 15.41 -4.80 3.07
N LEU D 177 15.54 -5.90 3.82
CA LEU D 177 14.37 -6.54 4.47
C LEU D 177 13.63 -5.55 5.39
N PRO D 178 12.31 -5.74 5.62
CA PRO D 178 11.62 -4.78 6.52
C PRO D 178 12.22 -4.79 7.95
N GLY D 179 12.44 -3.62 8.55
CA GLY D 179 13.08 -3.48 9.86
C GLY D 179 14.55 -3.85 9.88
N ASP D 180 15.12 -4.33 8.77
CA ASP D 180 16.57 -4.56 8.71
C ASP D 180 17.32 -3.32 8.23
N THR D 181 18.64 -3.41 8.17
CA THR D 181 19.46 -2.22 7.72
C THR D 181 19.03 -1.79 6.26
N PRO D 182 18.93 -0.46 6.01
CA PRO D 182 18.33 -0.08 4.74
C PRO D 182 19.35 -0.04 3.57
N VAL D 183 18.84 -0.08 2.34
CA VAL D 183 19.68 0.23 1.17
C VAL D 183 20.15 1.71 1.20
N ARG D 184 21.33 1.97 0.62
CA ARG D 184 21.88 3.31 0.55
C ARG D 184 21.37 3.99 -0.71
N THR D 185 21.03 5.25 -0.57
CA THR D 185 20.57 6.08 -1.66
C THR D 185 21.10 7.53 -1.42
N ASP D 186 21.06 8.38 -2.45
CA ASP D 186 21.42 9.81 -2.24
C ASP D 186 20.52 10.44 -1.18
N ALA D 187 19.21 10.22 -1.24
CA ALA D 187 18.26 10.85 -0.25
C ALA D 187 18.53 10.46 1.22
N ASN D 188 19.03 9.22 1.49
CA ASN D 188 19.46 8.88 2.87
C ASN D 188 20.94 9.21 3.16
N GLY D 189 21.56 10.05 2.33
CA GLY D 189 22.88 10.62 2.62
C GLY D 189 24.05 9.73 2.21
N PHE D 190 23.84 8.87 1.21
CA PHE D 190 24.91 7.94 0.71
C PHE D 190 25.12 7.98 -0.83
N PRO D 191 25.66 9.10 -1.34
CA PRO D 191 25.88 9.15 -2.79
C PRO D 191 26.96 8.16 -3.23
N VAL D 192 27.04 7.92 -4.50
CA VAL D 192 28.03 7.01 -5.08
C VAL D 192 29.43 7.62 -4.99
N ASN D 193 30.42 6.87 -4.57
CA ASN D 193 31.78 7.34 -4.54
C ASN D 193 32.40 7.58 -5.95
N ARG D 194 33.27 8.61 -6.03
CA ARG D 194 33.75 9.10 -7.32
C ARG D 194 34.51 7.97 -8.02
N GLN D 195 35.16 7.07 -7.27
CA GLN D 195 35.83 5.92 -7.93
C GLN D 195 34.91 4.74 -8.27
N PHE D 196 33.63 4.94 -8.04
CA PHE D 196 32.62 3.97 -8.47
C PHE D 196 31.56 4.59 -9.36
N ALA D 197 31.89 5.80 -9.87
CA ALA D 197 31.01 6.64 -10.71
C ALA D 197 30.35 5.88 -11.85
N ASP D 198 31.05 4.90 -12.47
CA ASP D 198 30.43 4.17 -13.57
C ASP D 198 29.59 2.92 -13.16
N VAL D 199 29.50 2.57 -11.87
CA VAL D 199 28.79 1.34 -11.45
C VAL D 199 27.27 1.52 -11.64
N PRO D 200 26.60 0.54 -12.30
CA PRO D 200 25.13 0.62 -12.53
C PRO D 200 24.40 0.62 -11.19
N GLN D 201 23.36 1.44 -11.11
CA GLN D 201 22.65 1.63 -9.88
C GLN D 201 21.19 1.19 -9.88
N GLU D 202 20.72 0.42 -10.86
CA GLU D 202 19.30 -0.04 -10.83
C GLU D 202 19.04 -1.07 -9.72
N GLN D 203 17.84 -1.09 -9.19
CA GLN D 203 17.41 -2.14 -8.27
C GLN D 203 17.02 -3.38 -9.07
N PRO D 204 17.16 -4.59 -8.49
CA PRO D 204 16.67 -5.71 -9.28
C PRO D 204 15.13 -5.66 -9.31
N VAL D 205 14.51 -6.36 -10.25
CA VAL D 205 13.05 -6.43 -10.29
C VAL D 205 12.57 -7.39 -9.23
N VAL D 206 11.70 -6.90 -8.37
CA VAL D 206 11.14 -7.74 -7.34
C VAL D 206 9.63 -7.75 -7.49
N GLU D 207 9.02 -8.93 -7.72
CA GLU D 207 7.53 -8.98 -7.83
C GLU D 207 6.97 -9.98 -6.84
N ALA D 208 6.38 -9.45 -5.77
CA ALA D 208 5.79 -10.27 -4.73
C ALA D 208 4.30 -10.46 -4.96
N GLU D 209 3.84 -11.71 -4.77
CA GLU D 209 2.43 -11.97 -4.78
C GLU D 209 1.90 -11.40 -3.50
N PRO D 210 0.61 -11.02 -3.46
CA PRO D 210 0.03 -10.47 -2.26
C PRO D 210 0.22 -11.32 -1.02
N GLY D 211 0.66 -10.67 0.04
CA GLY D 211 0.93 -11.35 1.29
C GLY D 211 2.36 -11.81 1.49
N PHE D 212 3.16 -11.88 0.44
CA PHE D 212 4.54 -12.38 0.61
C PHE D 212 5.56 -11.26 0.45
N GLU D 213 5.14 -10.02 0.60
CA GLU D 213 6.09 -8.93 0.34
C GLU D 213 7.28 -8.83 1.29
N ALA D 214 7.17 -9.35 2.51
CA ALA D 214 8.31 -9.37 3.42
C ALA D 214 9.29 -10.51 3.14
N GLU D 215 8.94 -11.46 2.29
CA GLU D 215 9.91 -12.56 2.03
C GLU D 215 10.43 -12.65 0.60
N VAL D 216 9.92 -11.78 -0.25
CA VAL D 216 10.43 -11.69 -1.63
C VAL D 216 11.24 -10.42 -1.62
N SER D 217 12.54 -10.57 -1.61
CA SER D 217 13.41 -9.42 -1.42
C SER D 217 14.76 -9.56 -2.18
N ALA D 218 15.22 -8.44 -2.76
CA ALA D 218 16.49 -8.40 -3.43
C ALA D 218 16.97 -6.95 -3.56
N TYR D 219 18.29 -6.78 -3.68
CA TYR D 219 18.85 -5.45 -3.69
C TYR D 219 20.14 -5.45 -4.50
N ASN D 220 20.58 -4.24 -4.87
CA ASN D 220 21.81 -4.08 -5.71
C ASN D 220 22.97 -4.00 -4.71
N LEU D 221 23.67 -5.13 -4.51
CA LEU D 221 24.80 -5.22 -3.58
C LEU D 221 25.92 -4.37 -4.09
N PHE D 222 26.32 -4.54 -5.37
CA PHE D 222 27.45 -3.70 -5.89
C PHE D 222 27.11 -2.19 -5.76
N GLY D 223 25.86 -1.83 -6.05
CA GLY D 223 25.42 -0.44 -5.79
C GLY D 223 25.56 0.03 -4.33
N TYR D 224 25.18 -0.81 -3.39
CA TYR D 224 25.24 -0.49 -1.95
C TYR D 224 26.69 -0.26 -1.54
N LEU D 225 27.57 -1.15 -1.96
CA LEU D 225 29.03 -0.97 -1.78
C LEU D 225 29.62 0.28 -2.43
N SER D 226 29.13 0.68 -3.60
CA SER D 226 29.67 1.83 -4.36
C SER D 226 29.30 3.10 -3.61
N ARG D 227 28.38 2.98 -2.69
CA ARG D 227 27.96 4.10 -1.85
C ARG D 227 28.55 4.06 -0.42
N SER D 228 29.37 3.07 -0.11
CA SER D 228 30.06 3.09 1.20
C SER D 228 30.77 4.44 1.39
N ASP D 229 30.52 5.10 2.53
CA ASP D 229 31.25 6.36 2.92
C ASP D 229 32.59 6.17 3.68
N VAL D 230 33.16 4.97 3.74
CA VAL D 230 34.41 4.80 4.50
C VAL D 230 35.16 3.67 3.80
N THR D 231 36.44 3.50 4.10
CA THR D 231 37.20 2.44 3.43
C THR D 231 37.58 1.37 4.43
N TRP D 232 37.87 0.18 3.92
CA TRP D 232 38.28 -0.96 4.73
C TRP D 232 37.43 -1.14 6.01
N ASN D 233 36.17 -1.53 5.85
CA ASN D 233 35.25 -1.58 6.97
C ASN D 233 34.22 -2.67 6.68
N PRO D 234 34.58 -3.94 6.92
CA PRO D 234 33.68 -5.02 6.60
C PRO D 234 32.34 -4.78 7.32
N SER D 235 31.20 -4.94 6.63
CA SER D 235 29.92 -4.68 7.24
CA SER D 235 29.91 -4.61 7.19
C SER D 235 29.00 -5.74 6.73
N VAL D 236 28.29 -6.35 7.66
CA VAL D 236 27.47 -7.50 7.39
C VAL D 236 26.29 -7.09 6.45
N CYS D 237 26.19 -7.81 5.32
CA CYS D 237 25.07 -7.57 4.38
C CYS D 237 24.06 -8.71 4.41
N SER D 238 24.51 -9.92 4.77
CA SER D 238 23.61 -11.03 4.77
C SER D 238 24.16 -12.10 5.72
N VAL D 239 23.23 -12.81 6.39
CA VAL D 239 23.50 -13.79 7.51
C VAL D 239 22.83 -15.16 7.33
N VAL D 240 23.59 -16.25 7.40
CA VAL D 240 22.97 -17.58 7.50
C VAL D 240 23.70 -18.21 8.69
N GLY D 241 23.03 -18.27 9.84
CA GLY D 241 23.62 -18.77 11.06
C GLY D 241 24.88 -17.97 11.37
N ASP D 242 26.02 -18.65 11.58
CA ASP D 242 27.25 -17.90 11.77
C ASP D 242 28.01 -17.42 10.49
N SER D 243 27.48 -17.71 9.31
CA SER D 243 28.05 -17.28 8.00
C SER D 243 27.67 -15.81 7.79
N LEU D 244 28.70 -14.96 7.83
CA LEU D 244 28.46 -13.53 7.65
C LEU D 244 29.12 -13.06 6.34
N PHE D 245 28.33 -12.54 5.43
CA PHE D 245 28.85 -11.78 4.29
C PHE D 245 29.12 -10.35 4.70
N CYS D 246 30.41 -9.98 4.72
CA CYS D 246 30.84 -8.64 5.18
C CYS D 246 31.59 -7.86 4.07
N PRO D 247 30.85 -7.30 3.11
CA PRO D 247 31.63 -6.67 2.05
C PRO D 247 31.92 -5.19 2.40
N THR D 248 32.85 -4.59 1.66
CA THR D 248 33.32 -3.24 1.97
C THR D 248 34.07 -2.68 0.73
N SER D 249 34.28 -1.38 0.66
CA SER D 249 35.03 -0.73 -0.40
C SER D 249 36.43 -0.36 0.14
N GLU D 250 37.47 -0.78 -0.56
CA GLU D 250 38.85 -0.66 -0.11
C GLU D 250 39.63 0.33 -1.01
N GLU D 251 40.41 1.21 -0.39
CA GLU D 251 41.25 2.15 -1.14
C GLU D 251 42.50 2.44 -0.32
N PHE D 252 43.66 2.41 -0.98
CA PHE D 252 44.95 2.68 -0.38
C PHE D 252 45.44 1.41 0.34
N ILE D 253 45.81 1.52 1.62
CA ILE D 253 46.33 0.37 2.39
C ILE D 253 45.41 0.05 3.57
N LEU D 254 45.10 -1.22 3.75
CA LEU D 254 44.44 -1.66 4.99
C LEU D 254 45.32 -1.15 6.15
N PRO D 255 44.73 -0.38 7.08
CA PRO D 255 45.52 0.29 8.11
C PRO D 255 46.08 -0.60 9.22
N VAL D 256 45.71 -1.86 9.28
CA VAL D 256 46.24 -2.76 10.29
C VAL D 256 46.73 -3.98 9.53
N GLU D 257 47.59 -4.81 10.14
CA GLU D 257 47.80 -6.21 9.75
C GLU D 257 46.92 -7.14 10.60
N HIS D 258 46.01 -7.85 9.97
CA HIS D 258 45.08 -8.68 10.74
C HIS D 258 45.58 -10.10 10.91
N GLY D 259 45.77 -10.53 12.18
CA GLY D 259 46.04 -11.92 12.55
C GLY D 259 44.75 -12.50 13.11
N ASN D 260 43.93 -13.04 12.23
CA ASN D 260 42.63 -13.62 12.65
C ASN D 260 42.82 -14.88 13.50
N ASP D 261 41.90 -15.12 14.42
CA ASP D 261 41.91 -16.33 15.27
C ASP D 261 41.00 -17.44 14.68
N ARG D 262 40.91 -17.48 13.35
CA ARG D 262 40.00 -18.34 12.56
C ARG D 262 40.33 -18.12 11.06
N CYS D 263 39.87 -19.00 10.17
CA CYS D 263 40.10 -18.79 8.77
C CYS D 263 39.08 -17.77 8.33
N GLU D 264 39.40 -17.09 7.26
CA GLU D 264 38.44 -16.17 6.66
C GLU D 264 38.69 -16.13 5.19
N TRP D 265 37.66 -15.76 4.44
CA TRP D 265 37.73 -15.82 2.99
C TRP D 265 37.56 -14.44 2.39
N PHE D 266 38.31 -14.19 1.33
CA PHE D 266 38.20 -12.94 0.60
C PHE D 266 37.67 -13.26 -0.78
N LEU D 267 36.59 -12.63 -1.20
CA LEU D 267 36.12 -12.71 -2.60
C LEU D 267 36.18 -11.31 -3.26
N GLN D 268 37.05 -11.16 -4.26
CA GLN D 268 37.27 -9.83 -4.88
C GLN D 268 36.13 -9.53 -5.82
N LEU D 269 35.41 -8.45 -5.64
CA LEU D 269 34.23 -8.21 -6.51
C LEU D 269 34.49 -7.29 -7.71
N SER D 270 35.49 -6.41 -7.55
CA SER D 270 35.79 -5.44 -8.55
C SER D 270 37.26 -5.15 -8.42
N ASP D 271 37.86 -4.78 -9.55
CA ASP D 271 39.25 -4.26 -9.61
C ASP D 271 40.23 -5.26 -8.99
N GLU D 272 41.17 -4.83 -8.15
CA GLU D 272 42.31 -5.65 -7.72
C GLU D 272 42.87 -5.22 -6.37
N ILE D 273 43.24 -6.18 -5.54
CA ILE D 273 43.90 -5.94 -4.27
C ILE D 273 45.03 -6.92 -4.27
N VAL D 274 46.14 -6.50 -3.72
CA VAL D 274 47.20 -7.40 -3.38
C VAL D 274 47.32 -7.45 -1.86
N TRP D 275 47.54 -8.66 -1.35
CA TRP D 275 47.58 -8.90 0.05
C TRP D 275 49.01 -9.27 0.43
N ASP D 276 49.53 -8.57 1.42
CA ASP D 276 50.87 -8.86 1.94
C ASP D 276 50.68 -9.92 3.04
N VAL D 277 51.18 -11.14 2.82
CA VAL D 277 50.92 -12.20 3.81
C VAL D 277 52.15 -12.52 4.67
N LYS D 278 51.97 -12.32 5.97
CA LYS D 278 53.04 -12.56 6.90
C LYS D 278 52.70 -13.66 7.91
N ASP D 279 53.72 -14.29 8.47
CA ASP D 279 53.46 -15.20 9.58
C ASP D 279 52.83 -14.44 10.76
N LYS D 280 51.79 -14.99 11.34
CA LYS D 280 51.05 -14.28 12.38
C LYS D 280 51.92 -14.06 13.62
N GLU D 281 52.73 -15.05 13.98
CA GLU D 281 53.54 -15.01 15.21
C GLU D 281 54.84 -14.22 15.05
N SER D 282 55.53 -14.40 13.94
CA SER D 282 56.83 -13.79 13.80
C SER D 282 56.77 -12.46 13.02
N GLY D 283 55.79 -12.32 12.12
CA GLY D 283 55.77 -11.14 11.20
C GLY D 283 56.62 -11.31 9.95
N LYS D 284 57.18 -12.50 9.73
CA LYS D 284 57.93 -12.76 8.51
C LYS D 284 57.06 -12.89 7.28
N PRO D 285 57.51 -12.27 6.16
CA PRO D 285 56.77 -12.44 4.93
C PRO D 285 56.71 -13.91 4.50
N ARG D 286 55.52 -14.37 4.11
CA ARG D 286 55.37 -15.70 3.59
C ARG D 286 54.84 -15.71 2.13
N ALA D 287 54.00 -14.74 1.78
CA ALA D 287 53.35 -14.85 0.50
C ALA D 287 52.83 -13.49 0.08
N ARG D 288 52.54 -13.30 -1.21
CA ARG D 288 51.77 -12.13 -1.65
C ARG D 288 50.65 -12.62 -2.57
N VAL D 289 49.43 -12.16 -2.28
CA VAL D 289 48.29 -12.68 -2.99
C VAL D 289 47.68 -11.57 -3.79
N THR D 290 47.64 -11.75 -5.10
CA THR D 290 47.02 -10.81 -6.02
C THR D 290 45.65 -11.35 -6.44
N ALA D 291 44.59 -10.59 -6.12
CA ALA D 291 43.24 -11.02 -6.41
C ALA D 291 42.51 -10.02 -7.30
N ARG D 292 42.01 -10.51 -8.42
CA ARG D 292 41.26 -9.66 -9.29
C ARG D 292 39.84 -10.14 -9.27
N ALA D 293 38.94 -9.41 -9.95
CA ALA D 293 37.48 -9.69 -9.97
C ALA D 293 37.15 -11.19 -10.16
N GLY D 294 36.45 -11.72 -9.15
CA GLY D 294 36.02 -13.13 -9.07
C GLY D 294 37.03 -14.04 -8.35
N ASP D 295 38.24 -13.56 -8.05
CA ASP D 295 39.19 -14.36 -7.27
C ASP D 295 38.69 -14.46 -5.80
N ILE D 296 38.70 -15.70 -5.30
CA ILE D 296 38.32 -16.02 -3.92
C ILE D 296 39.46 -16.86 -3.36
N CYS D 297 39.86 -16.52 -2.14
CA CYS D 297 40.96 -17.23 -1.47
C CYS D 297 40.72 -17.12 0.02
N CYS D 298 41.44 -17.93 0.76
CA CYS D 298 41.29 -18.00 2.19
CA CYS D 298 41.26 -17.90 2.20
C CYS D 298 42.55 -17.42 2.84
N MET D 299 42.42 -16.73 3.97
CA MET D 299 43.61 -16.39 4.77
C MET D 299 43.67 -17.43 5.88
N PRO D 300 44.67 -18.33 5.85
CA PRO D 300 44.89 -19.15 7.06
C PRO D 300 44.91 -18.43 8.42
N ALA D 301 44.46 -19.14 9.46
CA ALA D 301 44.55 -18.67 10.84
C ALA D 301 45.94 -18.37 11.36
N ASP D 302 46.99 -18.85 10.68
CA ASP D 302 48.37 -18.74 11.17
C ASP D 302 49.17 -17.65 10.48
N ILE D 303 48.50 -16.86 9.65
CA ILE D 303 49.17 -15.71 8.99
C ILE D 303 48.47 -14.43 9.46
N ARG D 304 49.10 -13.29 9.19
CA ARG D 304 48.45 -11.99 9.27
C ARG D 304 48.54 -11.37 7.83
N HIS D 305 47.63 -10.48 7.48
CA HIS D 305 47.55 -9.98 6.11
C HIS D 305 47.24 -8.49 6.12
N GLN D 306 47.69 -7.79 5.06
CA GLN D 306 47.46 -6.34 4.88
C GLN D 306 47.26 -6.09 3.36
N GLY D 307 46.18 -5.41 3.02
CA GLY D 307 45.84 -5.23 1.60
C GLY D 307 46.17 -3.87 0.98
N TYR D 308 46.41 -3.90 -0.31
CA TYR D 308 46.77 -2.72 -1.07
C TYR D 308 45.81 -2.65 -2.26
N SER D 309 45.03 -1.58 -2.30
CA SER D 309 44.08 -1.35 -3.39
C SER D 309 44.35 0.05 -4.01
N THR D 310 44.83 0.10 -5.25
CA THR D 310 45.11 1.38 -5.93
C THR D 310 43.81 2.09 -6.19
N LYS D 311 42.89 1.46 -6.91
CA LYS D 311 41.55 2.08 -7.11
C LYS D 311 40.62 1.52 -6.04
N ARG D 312 39.69 2.33 -5.52
CA ARG D 312 38.69 1.88 -4.60
C ARG D 312 38.02 0.64 -5.20
N SER D 313 38.02 -0.49 -4.47
CA SER D 313 37.54 -1.76 -4.98
C SER D 313 36.49 -2.35 -4.04
N MET D 314 35.64 -3.21 -4.62
CA MET D 314 34.64 -3.92 -3.87
C MET D 314 35.20 -5.29 -3.50
N LEU D 315 35.18 -5.58 -2.19
CA LEU D 315 35.63 -6.84 -1.61
C LEU D 315 34.51 -7.42 -0.75
N LEU D 316 34.27 -8.71 -0.89
CA LEU D 316 33.50 -9.43 0.10
C LEU D 316 34.42 -10.07 1.15
N VAL D 317 34.28 -9.69 2.42
CA VAL D 317 34.94 -10.46 3.49
C VAL D 317 33.90 -11.45 4.06
N TRP D 318 34.24 -12.72 3.95
CA TRP D 318 33.36 -13.83 4.42
C TRP D 318 33.91 -14.42 5.73
N GLU D 319 33.14 -14.18 6.79
CA GLU D 319 33.49 -14.65 8.15
C GLU D 319 32.58 -15.80 8.66
N ASN D 320 33.16 -16.70 9.48
CA ASN D 320 32.39 -17.61 10.32
C ASN D 320 32.41 -17.02 11.73
N GLY D 321 31.32 -16.40 12.17
CA GLY D 321 31.33 -15.74 13.48
C GLY D 321 31.19 -16.66 14.70
N SER D 322 31.38 -17.99 14.56
CA SER D 322 31.21 -18.92 15.68
C SER D 322 32.25 -18.67 16.76
N PRO D 323 31.79 -18.41 18.00
CA PRO D 323 32.76 -18.19 19.11
C PRO D 323 33.54 -19.45 19.45
N LYS D 324 33.13 -20.61 18.99
CA LYS D 324 33.84 -21.83 19.35
C LYS D 324 35.17 -22.02 18.57
N ILE D 325 35.31 -21.34 17.43
CA ILE D 325 36.50 -21.59 16.57
C ILE D 325 37.88 -21.27 17.16
N PRO D 326 38.07 -20.11 17.77
CA PRO D 326 39.42 -19.80 18.29
C PRO D 326 40.03 -20.90 19.15
N GLN D 327 39.26 -21.39 20.13
CA GLN D 327 39.72 -22.47 21.02
C GLN D 327 40.12 -23.70 20.22
N MET D 328 39.25 -24.11 19.30
CA MET D 328 39.51 -25.29 18.52
C MET D 328 40.81 -25.19 17.72
N ILE D 329 41.09 -24.01 17.18
CA ILE D 329 42.34 -23.79 16.47
C ILE D 329 43.53 -23.82 17.45
N ALA D 330 43.42 -23.09 18.55
CA ALA D 330 44.41 -23.14 19.62
C ALA D 330 44.68 -24.57 20.14
N ASP D 331 43.63 -25.37 20.32
CA ASP D 331 43.76 -26.76 20.80
C ASP D 331 44.32 -27.71 19.77
N GLY D 332 44.45 -27.24 18.53
CA GLY D 332 44.79 -28.14 17.43
C GLY D 332 43.65 -29.06 16.98
N THR D 333 42.44 -28.87 17.53
CA THR D 333 41.29 -29.71 17.14
C THR D 333 40.71 -29.33 15.76
N ALA D 334 40.84 -28.06 15.38
CA ALA D 334 40.39 -27.54 14.07
C ALA D 334 41.63 -27.10 13.24
N PRO D 335 41.59 -27.30 11.91
CA PRO D 335 42.81 -27.04 11.14
C PRO D 335 43.01 -25.54 10.86
N VAL D 336 44.24 -25.15 10.54
CA VAL D 336 44.60 -23.76 10.37
C VAL D 336 44.24 -23.33 8.92
N VAL D 337 44.13 -24.32 8.04
CA VAL D 337 43.65 -24.13 6.69
C VAL D 337 42.27 -24.83 6.58
N PRO D 338 41.22 -24.13 6.06
CA PRO D 338 39.85 -24.68 6.26
C PRO D 338 39.48 -25.82 5.29
N VAL D 339 40.24 -25.99 4.22
CA VAL D 339 40.02 -27.02 3.22
C VAL D 339 41.37 -27.71 2.93
N THR D 340 41.43 -29.04 2.82
CA THR D 340 42.71 -29.71 2.42
C THR D 340 42.59 -30.46 1.09
N PHE D 341 43.67 -30.51 0.31
CA PHE D 341 43.67 -31.15 -1.01
C PHE D 341 45.09 -31.34 -1.54
N ASP E 3 3.42 -4.71 -24.70
CA ASP E 3 4.52 -3.81 -24.24
C ASP E 3 4.25 -2.33 -24.52
N VAL E 4 4.92 -1.47 -23.74
CA VAL E 4 4.71 -0.02 -23.79
C VAL E 4 5.35 0.59 -25.02
N VAL E 5 4.59 1.43 -25.73
CA VAL E 5 5.14 2.10 -26.90
C VAL E 5 5.00 3.62 -26.77
N THR E 6 6.12 4.31 -26.64
CA THR E 6 6.10 5.77 -26.58
C THR E 6 6.24 6.27 -28.01
N GLU E 7 5.25 7.01 -28.45
CA GLU E 7 5.22 7.43 -29.84
C GLU E 7 5.86 8.80 -30.10
N PHE E 8 6.89 8.74 -30.90
CA PHE E 8 7.60 9.91 -31.34
C PHE E 8 7.33 10.20 -32.82
N GLY E 9 7.30 11.48 -33.17
CA GLY E 9 7.10 11.92 -34.52
C GLY E 9 8.42 11.81 -35.30
N ALA E 10 8.33 11.96 -36.64
CA ALA E 10 9.51 11.93 -37.54
C ALA E 10 9.20 12.82 -38.76
N LEU E 11 10.22 13.27 -39.47
CA LEU E 11 10.00 13.98 -40.74
C LEU E 11 9.07 13.21 -41.69
N THR E 12 9.25 11.89 -41.70
CA THR E 12 8.56 10.96 -42.56
C THR E 12 7.24 10.51 -41.97
N ASP E 13 7.19 10.46 -40.65
CA ASP E 13 6.10 9.82 -39.95
C ASP E 13 5.60 10.73 -38.86
N TYR E 14 4.49 11.40 -39.10
CA TYR E 14 3.81 12.20 -38.09
C TYR E 14 2.31 12.21 -38.42
N ARG E 15 1.48 12.45 -37.40
CA ARG E 15 0.04 12.46 -37.59
C ARG E 15 -0.52 13.69 -36.92
N LYS E 16 -0.66 14.78 -37.65
CA LYS E 16 -1.09 16.04 -37.06
C LYS E 16 -2.49 15.95 -36.43
N GLY E 17 -2.68 16.47 -35.22
CA GLY E 17 -4.03 16.63 -34.67
C GLY E 17 -4.58 17.98 -35.11
N GLY E 18 -5.20 18.74 -34.22
CA GLY E 18 -5.80 20.04 -34.58
C GLY E 18 -6.92 20.53 -33.67
N VAL E 19 -7.52 21.65 -34.05
CA VAL E 19 -8.50 22.34 -33.17
C VAL E 19 -9.94 21.96 -33.58
N GLU E 20 -10.75 21.45 -32.64
CA GLU E 20 -12.19 21.26 -32.83
C GLU E 20 -12.87 22.48 -32.21
N ILE E 21 -13.85 23.05 -32.92
CA ILE E 21 -14.42 24.30 -32.46
C ILE E 21 -15.80 24.08 -31.82
N ILE E 22 -16.04 24.73 -30.70
CA ILE E 22 -17.39 24.84 -30.19
C ILE E 22 -17.73 26.30 -30.48
N ASP E 23 -17.02 27.22 -29.83
CA ASP E 23 -17.18 28.62 -30.10
C ASP E 23 -15.91 29.43 -30.05
N ASP E 24 -15.17 29.43 -31.15
CA ASP E 24 -13.86 30.09 -31.20
C ASP E 24 -13.47 30.19 -32.68
N ASP E 25 -12.23 30.62 -32.92
CA ASP E 25 -11.64 30.65 -34.26
C ASP E 25 -10.32 29.91 -34.13
N PRO E 26 -10.10 28.87 -34.95
CA PRO E 26 -8.93 28.00 -34.89
C PRO E 26 -7.60 28.74 -35.03
N ARG E 27 -7.65 30.00 -35.49
CA ARG E 27 -6.48 30.83 -35.74
C ARG E 27 -5.92 31.25 -34.44
N ASN E 28 -6.78 31.35 -33.42
CA ASN E 28 -6.34 31.74 -32.10
C ASN E 28 -5.31 30.80 -31.53
N TYR E 29 -5.25 29.60 -32.07
CA TYR E 29 -4.43 28.53 -31.50
C TYR E 29 -3.16 28.28 -32.30
N VAL E 30 -3.00 29.03 -33.41
CA VAL E 30 -1.79 29.11 -34.26
C VAL E 30 -1.15 27.73 -34.27
N PHE E 31 -1.87 26.74 -34.82
CA PHE E 31 -1.58 25.32 -34.65
C PHE E 31 -0.83 24.78 -35.86
N SER E 32 0.42 24.36 -35.68
CA SER E 32 1.17 23.63 -36.73
C SER E 32 1.73 22.33 -36.21
N ASN E 33 2.37 21.59 -37.12
CA ASN E 33 3.14 20.42 -36.77
C ASN E 33 4.59 20.71 -37.18
N VAL E 34 5.51 20.64 -36.21
CA VAL E 34 6.86 21.02 -36.49
C VAL E 34 7.52 20.14 -37.51
N PHE E 35 7.10 18.88 -37.62
CA PHE E 35 7.74 18.00 -38.59
C PHE E 35 7.29 18.34 -40.05
N GLU E 36 6.00 18.66 -40.18
CA GLU E 36 5.41 19.11 -41.43
C GLU E 36 6.11 20.34 -41.90
N VAL E 37 6.29 21.26 -40.96
CA VAL E 37 6.96 22.51 -41.26
C VAL E 37 8.41 22.22 -41.70
N ALA E 38 9.12 21.37 -40.98
CA ALA E 38 10.49 21.10 -41.41
C ALA E 38 10.48 20.38 -42.76
N ALA E 39 9.56 19.46 -42.96
CA ALA E 39 9.49 18.72 -44.23
C ALA E 39 9.27 19.65 -45.46
N ASN E 40 8.52 20.74 -45.28
CA ASN E 40 8.21 21.67 -46.36
C ASN E 40 9.16 22.84 -46.54
N ALA E 41 10.07 23.09 -45.63
CA ALA E 41 10.99 24.19 -45.84
C ALA E 41 12.28 23.81 -46.60
N ALA E 42 13.06 24.84 -46.87
CA ALA E 42 14.39 24.72 -47.47
C ALA E 42 15.34 24.20 -46.38
N PRO E 43 16.30 23.32 -46.74
CA PRO E 43 17.44 22.93 -45.87
C PRO E 43 17.97 24.08 -45.00
N TYR E 44 17.91 23.89 -43.68
CA TYR E 44 18.39 24.85 -42.72
C TYR E 44 17.66 26.17 -42.64
N GLU E 45 16.55 26.29 -43.35
CA GLU E 45 15.69 27.45 -43.15
C GLU E 45 15.02 27.30 -41.79
N ARG E 46 15.07 28.34 -40.99
CA ARG E 46 14.49 28.27 -39.70
C ARG E 46 13.15 28.97 -39.72
N VAL E 47 12.07 28.21 -39.77
CA VAL E 47 10.71 28.76 -39.75
C VAL E 47 10.11 28.91 -38.33
N ALA E 48 9.67 30.11 -37.97
CA ALA E 48 9.02 30.32 -36.70
C ALA E 48 7.75 29.48 -36.57
N VAL E 49 7.71 28.64 -35.55
CA VAL E 49 6.50 27.85 -35.23
C VAL E 49 5.90 28.28 -33.92
N GLY E 50 6.63 29.08 -33.16
CA GLY E 50 6.08 29.69 -31.97
C GLY E 50 6.73 31.03 -31.82
N LYS E 51 5.96 31.95 -31.22
CA LYS E 51 6.42 33.31 -31.04
C LYS E 51 5.79 33.94 -29.78
N ASN E 52 6.61 34.54 -28.93
CA ASN E 52 6.04 35.14 -27.74
C ASN E 52 6.83 36.37 -27.49
N PHE E 53 6.24 37.51 -27.92
CA PHE E 53 6.98 38.75 -28.11
C PHE E 53 8.14 38.53 -29.05
N GLU E 54 9.37 38.80 -28.61
CA GLU E 54 10.50 38.68 -29.52
C GLU E 54 11.04 37.23 -29.60
N TYR E 55 10.67 36.38 -28.62
CA TYR E 55 11.17 35.01 -28.50
C TYR E 55 10.44 34.11 -29.44
N VAL E 56 11.15 33.13 -30.00
CA VAL E 56 10.57 32.28 -30.99
C VAL E 56 11.06 30.85 -30.75
N ILE E 57 10.28 29.90 -31.24
CA ILE E 57 10.77 28.56 -31.44
C ILE E 57 10.75 28.46 -32.95
N GLU E 58 11.88 28.07 -33.54
CA GLU E 58 11.97 27.89 -35.00
C GLU E 58 12.14 26.41 -35.29
N SER E 59 11.50 25.89 -36.34
CA SER E 59 11.71 24.51 -36.87
C SER E 59 12.51 24.48 -38.22
N ALA E 60 13.40 23.49 -38.41
CA ALA E 60 14.30 23.46 -39.53
C ALA E 60 14.59 22.04 -39.86
N ARG E 61 14.82 21.77 -41.16
CA ARG E 61 15.28 20.49 -41.60
C ARG E 61 16.77 20.62 -41.76
N ALA E 62 17.49 19.72 -41.11
CA ALA E 62 18.92 19.61 -41.23
C ALA E 62 19.12 18.66 -42.37
N GLU E 63 19.72 19.18 -43.43
CA GLU E 63 19.99 18.38 -44.62
C GLU E 63 21.30 18.80 -45.23
N GLY E 64 22.23 17.87 -45.41
CA GLY E 64 23.59 18.28 -45.82
C GLY E 64 24.26 19.13 -44.75
N THR E 65 25.06 20.12 -45.19
CA THR E 65 25.93 20.84 -44.33
C THR E 65 25.48 22.26 -44.32
N SER E 66 25.33 22.84 -43.14
CA SER E 66 24.89 24.26 -43.08
C SER E 66 26.07 25.19 -43.23
N GLY E 67 25.78 26.48 -43.48
CA GLY E 67 26.75 27.56 -43.21
C GLY E 67 26.91 27.81 -41.70
N TRP E 68 27.71 28.82 -41.35
CA TRP E 68 27.98 29.15 -39.97
C TRP E 68 26.96 30.13 -39.47
N PHE E 69 26.60 29.97 -38.19
CA PHE E 69 25.70 30.89 -37.51
C PHE E 69 26.38 31.39 -36.25
N SER E 70 25.99 32.59 -35.80
CA SER E 70 26.43 33.03 -34.46
C SER E 70 25.35 33.96 -33.97
N CYS E 71 25.41 34.30 -32.69
CA CYS E 71 24.30 35.00 -32.10
C CYS E 71 24.83 35.80 -30.92
N ALA E 72 24.17 36.93 -30.64
CA ALA E 72 24.48 37.80 -29.54
C ALA E 72 23.97 37.29 -28.17
N HIS E 73 23.15 36.24 -28.15
CA HIS E 73 22.70 35.64 -26.89
C HIS E 73 22.77 34.09 -27.02
N ASP E 74 22.62 33.35 -25.91
CA ASP E 74 22.47 31.87 -25.97
C ASP E 74 21.24 31.48 -26.80
N GLU E 75 21.37 30.34 -27.47
CA GLU E 75 20.25 29.63 -28.08
C GLU E 75 20.39 28.16 -27.70
N PHE E 76 19.32 27.40 -27.92
CA PHE E 76 19.32 25.93 -27.78
C PHE E 76 18.77 25.25 -28.99
N VAL E 77 19.31 24.09 -29.29
CA VAL E 77 18.77 23.30 -30.38
C VAL E 77 18.36 21.91 -29.87
N LEU E 78 17.17 21.46 -30.24
CA LEU E 78 16.69 20.14 -29.84
C LEU E 78 16.54 19.33 -31.12
N ALA E 79 17.21 18.17 -31.24
CA ALA E 79 17.08 17.32 -32.39
C ALA E 79 15.77 16.62 -32.17
N MET E 80 14.89 16.67 -33.18
CA MET E 80 13.53 16.05 -33.02
C MET E 80 13.45 14.69 -33.69
N ASP E 81 14.46 14.35 -34.50
CA ASP E 81 14.39 13.18 -35.37
C ASP E 81 15.74 13.14 -36.09
N GLY E 82 16.31 11.96 -36.26
CA GLY E 82 17.48 11.82 -37.11
C GLY E 82 18.76 11.82 -36.32
N GLN E 83 19.84 12.25 -36.94
CA GLN E 83 21.07 12.44 -36.22
C GLN E 83 21.74 13.66 -36.84
N ILE E 84 22.18 14.56 -35.97
CA ILE E 84 22.70 15.89 -36.39
C ILE E 84 24.03 16.17 -35.69
N GLU E 85 25.05 16.57 -36.42
CA GLU E 85 26.34 16.93 -35.84
C GLU E 85 26.44 18.44 -35.78
N VAL E 86 26.83 18.95 -34.61
CA VAL E 86 26.99 20.38 -34.34
C VAL E 86 28.47 20.63 -34.11
N HIS E 87 29.02 21.59 -34.85
CA HIS E 87 30.38 22.03 -34.68
C HIS E 87 30.35 23.37 -34.07
N LEU E 88 31.16 23.52 -33.01
CA LEU E 88 31.30 24.75 -32.26
C LEU E 88 32.71 25.34 -32.40
N LEU E 89 32.75 26.65 -32.60
CA LEU E 89 34.00 27.38 -32.78
C LEU E 89 33.91 28.66 -31.95
N LYS E 90 34.92 28.91 -31.15
CA LYS E 90 34.99 30.13 -30.32
C LYS E 90 35.57 31.28 -31.15
N LEU E 91 34.74 32.27 -31.45
CA LEU E 91 35.20 33.32 -32.34
C LEU E 91 36.35 34.12 -31.71
N ASP E 92 37.43 34.37 -32.47
CA ASP E 92 38.46 35.36 -32.05
C ASP E 92 37.82 36.68 -31.73
N ASN E 93 36.98 37.17 -32.63
CA ASN E 93 36.38 38.51 -32.49
C ASN E 93 34.91 38.46 -32.88
N SER E 94 34.06 38.00 -31.99
CA SER E 94 32.68 37.76 -32.38
C SER E 94 32.00 39.03 -32.86
N ASP E 95 32.42 40.16 -32.31
CA ASP E 95 31.88 41.48 -32.69
C ASP E 95 32.06 41.81 -34.19
N ALA E 96 32.99 41.10 -34.84
CA ALA E 96 33.22 41.26 -36.27
C ALA E 96 32.24 40.47 -37.12
N TYR E 97 31.53 39.50 -36.54
CA TYR E 97 30.51 38.78 -37.32
C TYR E 97 29.05 38.98 -36.84
N VAL E 98 28.86 39.47 -35.62
CA VAL E 98 27.51 39.60 -35.06
C VAL E 98 27.43 40.96 -34.44
N ASP E 99 26.46 41.75 -34.87
CA ASP E 99 26.19 43.04 -34.23
C ASP E 99 25.82 42.80 -32.77
N PRO E 100 26.57 43.38 -31.83
CA PRO E 100 26.26 43.12 -30.44
C PRO E 100 24.88 43.67 -30.00
N ASP E 101 24.18 44.38 -30.87
CA ASP E 101 22.83 44.84 -30.52
C ASP E 101 21.78 44.01 -31.21
N SER E 102 22.22 42.99 -31.92
CA SER E 102 21.28 42.19 -32.62
C SER E 102 20.68 41.15 -31.67
N GLU E 103 19.65 40.51 -32.17
CA GLU E 103 19.02 39.40 -31.54
C GLU E 103 18.71 38.41 -32.63
N GLY E 104 18.57 37.15 -32.22
CA GLY E 104 18.38 36.02 -33.12
C GLY E 104 19.68 35.66 -33.78
N ALA E 105 19.77 34.43 -34.30
CA ALA E 105 20.95 34.03 -35.05
C ALA E 105 21.19 34.90 -36.30
N VAL E 106 22.44 34.96 -36.73
CA VAL E 106 22.90 35.65 -37.88
C VAL E 106 23.65 34.59 -38.65
N ALA E 107 23.34 34.46 -39.95
CA ALA E 107 24.07 33.57 -40.83
C ALA E 107 25.37 34.28 -41.13
N ILE E 108 26.51 33.69 -40.79
CA ILE E 108 27.75 34.44 -41.01
C ILE E 108 28.59 33.83 -42.14
N GLY E 109 27.96 33.08 -43.05
CA GLY E 109 28.61 32.62 -44.29
C GLY E 109 29.06 31.15 -44.31
N GLU E 110 29.47 30.68 -45.48
CA GLU E 110 29.97 29.30 -45.67
C GLU E 110 31.43 29.06 -45.20
N ALA E 111 32.26 30.10 -45.25
CA ALA E 111 33.68 29.95 -44.96
C ALA E 111 33.93 29.89 -43.46
N LEU E 112 35.02 29.21 -43.12
CA LEU E 112 35.41 29.01 -41.75
C LEU E 112 35.73 30.37 -41.09
N PRO E 113 34.99 30.72 -40.03
CA PRO E 113 35.25 31.98 -39.36
C PRO E 113 36.52 31.87 -38.54
N GLU E 114 37.16 33.01 -38.21
CA GLU E 114 38.41 33.01 -37.39
C GLU E 114 38.10 32.74 -35.90
N GLY E 115 38.66 31.65 -35.39
CA GLY E 115 38.65 31.39 -33.95
C GLY E 115 39.18 30.00 -33.61
N ARG E 116 38.77 29.48 -32.45
CA ARG E 116 39.34 28.20 -31.95
C ARG E 116 38.24 27.13 -31.93
N LYS E 117 38.54 25.91 -32.38
CA LYS E 117 37.51 24.87 -32.36
C LYS E 117 37.13 24.62 -30.91
N MET E 118 35.85 24.53 -30.66
CA MET E 118 35.43 24.24 -29.28
C MET E 118 35.10 22.75 -29.10
N GLY E 119 34.55 22.10 -30.14
CA GLY E 119 34.18 20.69 -30.00
C GLY E 119 33.11 20.28 -31.00
N ARG E 120 32.56 19.09 -30.79
CA ARG E 120 31.60 18.51 -31.76
C ARG E 120 30.54 17.89 -30.90
N ILE E 121 29.26 18.07 -31.23
CA ILE E 121 28.20 17.36 -30.51
C ILE E 121 27.46 16.52 -31.55
N VAL E 122 27.04 15.32 -31.17
CA VAL E 122 26.22 14.45 -32.02
C VAL E 122 24.87 14.18 -31.36
N LEU E 123 23.85 14.82 -31.91
CA LEU E 123 22.50 14.86 -31.38
C LEU E 123 21.69 13.83 -32.10
N ARG E 124 20.99 12.99 -31.35
CA ARG E 124 19.95 12.10 -31.86
C ARG E 124 18.61 12.62 -31.35
N ARG E 125 17.52 11.93 -31.66
CA ARG E 125 16.14 12.43 -31.30
C ARG E 125 16.03 12.74 -29.80
N GLY E 126 15.52 13.92 -29.45
CA GLY E 126 15.26 14.26 -28.05
C GLY E 126 16.49 14.76 -27.31
N HIS E 127 17.64 14.95 -28.02
CA HIS E 127 18.85 15.46 -27.37
C HIS E 127 18.94 16.94 -27.59
N MET E 128 19.22 17.70 -26.54
CA MET E 128 19.33 19.16 -26.65
C MET E 128 20.76 19.64 -26.46
N ALA E 129 21.22 20.54 -27.32
CA ALA E 129 22.54 21.18 -27.14
C ALA E 129 22.43 22.69 -26.79
N LEU E 130 23.33 23.17 -25.93
CA LEU E 130 23.59 24.61 -25.74
C LEU E 130 24.29 25.21 -26.99
N LEU E 131 23.82 26.39 -27.47
CA LEU E 131 24.58 27.16 -28.47
C LEU E 131 24.99 28.48 -27.83
N PRO E 132 26.21 28.49 -27.24
CA PRO E 132 26.55 29.58 -26.34
C PRO E 132 26.90 30.84 -27.08
N VAL E 133 26.49 31.96 -26.52
CA VAL E 133 26.83 33.27 -27.06
C VAL E 133 28.37 33.30 -27.21
N GLY E 134 28.88 33.80 -28.32
CA GLY E 134 30.34 33.95 -28.51
C GLY E 134 30.93 32.84 -29.37
N ALA E 135 30.15 31.78 -29.63
CA ALA E 135 30.60 30.66 -30.44
C ALA E 135 29.90 30.80 -31.76
N ALA E 136 30.53 30.35 -32.82
CA ALA E 136 29.82 30.12 -34.07
C ALA E 136 29.55 28.65 -34.13
N TYR E 137 28.45 28.28 -34.80
CA TYR E 137 28.07 26.88 -34.97
C TYR E 137 27.58 26.56 -36.39
N ARG E 138 27.73 25.30 -36.77
CA ARG E 138 27.20 24.83 -38.00
C ARG E 138 26.85 23.37 -37.81
N PHE E 139 26.04 22.85 -38.72
CA PHE E 139 25.52 21.53 -38.65
C PHE E 139 25.90 20.64 -39.84
N TYR E 140 25.94 19.35 -39.59
CA TYR E 140 26.05 18.38 -40.65
C TYR E 140 25.00 17.30 -40.41
N ALA E 141 24.17 17.02 -41.42
CA ALA E 141 23.22 15.88 -41.34
C ALA E 141 23.45 14.90 -42.50
N GLU E 142 23.83 13.68 -42.20
CA GLU E 142 24.03 12.75 -43.27
C GLU E 142 22.71 12.47 -44.02
N GLN E 143 21.62 12.33 -43.27
CA GLN E 143 20.25 12.11 -43.79
C GLN E 143 19.36 13.24 -43.25
N PRO E 144 18.25 13.60 -43.96
CA PRO E 144 17.37 14.63 -43.39
C PRO E 144 16.92 14.34 -41.95
N ALA E 145 16.91 15.38 -41.12
CA ALA E 145 16.52 15.25 -39.72
C ALA E 145 15.87 16.57 -39.40
N ALA E 146 14.96 16.56 -38.40
CA ALA E 146 14.31 17.79 -37.95
C ALA E 146 14.93 18.27 -36.64
N MET E 147 14.95 19.57 -36.45
CA MET E 147 15.37 20.11 -35.18
C MET E 147 14.60 21.41 -34.87
N LEU E 148 14.62 21.83 -33.63
CA LEU E 148 13.96 23.06 -33.21
C LEU E 148 14.98 23.92 -32.59
N PHE E 149 14.80 25.23 -32.73
CA PHE E 149 15.64 26.20 -32.03
C PHE E 149 14.86 27.00 -31.00
N GLN E 150 15.44 27.14 -29.79
CA GLN E 150 14.94 28.09 -28.83
C GLN E 150 15.74 29.40 -29.01
N SER E 151 15.09 30.45 -29.52
CA SER E 151 15.83 31.62 -29.88
C SER E 151 15.00 32.91 -29.80
N ILE E 152 15.48 33.95 -30.47
CA ILE E 152 14.78 35.24 -30.55
C ILE E 152 14.72 35.53 -32.02
N GLU E 153 13.65 36.21 -32.41
CA GLU E 153 13.37 36.51 -33.81
C GLU E 153 14.46 37.44 -34.39
N GLY E 154 15.02 37.09 -35.52
CA GLY E 154 16.01 37.99 -36.10
C GLY E 154 16.21 37.71 -37.56
N ALA E 155 17.45 37.94 -38.01
CA ALA E 155 17.74 37.92 -39.42
C ALA E 155 17.47 36.58 -40.13
N VAL E 156 17.44 35.45 -39.40
CA VAL E 156 17.26 34.18 -40.13
C VAL E 156 15.89 33.59 -39.91
N THR E 157 15.10 34.23 -39.04
CA THR E 157 13.77 33.76 -38.72
C THR E 157 12.75 34.03 -39.83
N VAL E 158 12.27 32.95 -40.44
CA VAL E 158 11.20 33.05 -41.41
C VAL E 158 9.84 32.89 -40.75
N GLN E 159 9.05 33.95 -40.82
CA GLN E 159 7.61 33.91 -40.59
C GLN E 159 6.74 33.67 -41.83
N LYS E 160 5.95 32.60 -41.78
CA LYS E 160 4.93 32.28 -42.78
C LYS E 160 3.72 31.61 -42.08
N TRP E 161 3.15 32.31 -41.11
CA TRP E 161 2.10 31.74 -40.28
C TRP E 161 0.92 31.18 -41.12
N GLY E 162 0.43 32.01 -42.05
CA GLY E 162 -0.74 31.68 -42.84
C GLY E 162 -0.59 30.42 -43.64
N GLU E 163 0.66 30.01 -43.84
CA GLU E 163 0.92 28.94 -44.72
C GLU E 163 1.17 27.63 -43.93
N ILE E 164 1.35 27.72 -42.61
CA ILE E 164 1.71 26.52 -41.80
C ILE E 164 0.67 26.12 -40.73
N CYS E 165 -0.15 27.08 -40.34
CA CYS E 165 -1.11 26.91 -39.26
C CYS E 165 -2.52 26.60 -39.74
N GLN E 166 -3.36 26.05 -38.85
CA GLN E 166 -4.71 25.68 -39.19
C GLN E 166 -5.56 26.95 -39.26
N THR E 167 -6.51 27.04 -40.21
CA THR E 167 -7.34 28.25 -40.28
C THR E 167 -8.85 27.97 -40.21
N GLU E 168 -9.22 26.71 -40.37
CA GLU E 168 -10.61 26.37 -40.47
C GLU E 168 -11.02 25.19 -39.56
N ALA E 169 -12.21 25.35 -38.96
CA ALA E 169 -12.99 24.31 -38.26
C ALA E 169 -12.16 23.25 -37.52
N LYS F 16 -4.61 46.42 1.20
CA LYS F 16 -3.43 45.66 1.77
C LYS F 16 -3.74 44.14 1.93
N ALA F 17 -2.74 43.30 1.70
CA ALA F 17 -2.87 41.83 1.78
C ALA F 17 -2.88 41.21 3.19
N ARG F 18 -3.85 40.34 3.48
CA ARG F 18 -3.92 39.73 4.82
C ARG F 18 -2.86 38.68 5.01
N THR F 19 -2.45 38.47 6.26
CA THR F 19 -1.60 37.32 6.58
C THR F 19 -2.25 36.38 7.60
N ASP F 20 -3.52 36.56 7.92
CA ASP F 20 -4.16 35.74 8.96
C ASP F 20 -4.68 34.36 8.47
N THR F 21 -4.13 33.32 9.11
CA THR F 21 -4.40 31.90 8.87
C THR F 21 -4.26 31.22 10.23
N GLU F 22 -4.74 30.00 10.34
CA GLU F 22 -5.04 29.42 11.64
C GLU F 22 -5.19 27.91 11.55
N HIS F 23 -4.44 27.14 12.33
CA HIS F 23 -4.85 25.76 12.54
C HIS F 23 -6.08 25.77 13.44
N LEU F 24 -7.22 25.24 12.98
CA LEU F 24 -8.33 24.98 13.92
C LEU F 24 -8.21 23.54 14.44
N ALA F 25 -9.37 22.99 14.78
CA ALA F 25 -9.48 21.72 15.51
C ALA F 25 -9.20 20.43 14.69
N ILE F 26 -8.58 19.41 15.32
CA ILE F 26 -8.59 18.02 14.81
C ILE F 26 -9.98 17.44 15.10
N ASN F 27 -10.73 17.03 14.06
CA ASN F 27 -12.03 16.34 14.23
C ASN F 27 -11.75 14.94 14.77
N ASN F 28 -12.47 14.58 15.85
CA ASN F 28 -12.24 13.32 16.56
C ASN F 28 -12.63 12.07 15.74
N GLU F 29 -13.63 12.21 14.87
CA GLU F 29 -14.09 11.07 14.11
C GLU F 29 -13.14 10.83 12.91
N THR F 30 -12.86 11.88 12.15
CA THR F 30 -12.06 11.77 10.91
C THR F 30 -10.54 11.77 11.07
N GLY F 31 -10.04 12.47 12.07
CA GLY F 31 -8.60 12.46 12.35
C GLY F 31 -7.89 13.62 11.67
N TYR F 32 -8.63 14.41 10.89
CA TYR F 32 -8.08 15.54 10.14
C TYR F 32 -8.36 16.85 10.85
N ARG F 33 -7.41 17.77 10.64
CA ARG F 33 -7.45 19.11 11.21
C ARG F 33 -8.13 19.97 10.19
N SER F 34 -8.90 20.96 10.63
CA SER F 34 -9.42 21.99 9.73
C SER F 34 -8.51 23.22 9.81
N PHE F 35 -8.64 24.13 8.84
CA PHE F 35 -7.74 25.28 8.66
C PHE F 35 -8.53 26.46 8.21
N ARG F 36 -8.08 27.64 8.59
CA ARG F 36 -8.64 28.91 8.09
C ARG F 36 -7.53 29.78 7.46
N ALA F 37 -7.84 30.40 6.32
CA ALA F 37 -7.09 31.51 5.76
C ALA F 37 -8.14 32.58 5.47
N GLY F 38 -7.94 33.76 6.08
CA GLY F 38 -8.89 34.89 6.01
C GLY F 38 -10.30 34.45 6.41
N GLY F 39 -11.26 34.70 5.53
CA GLY F 39 -12.62 34.25 5.79
C GLY F 39 -12.89 32.86 5.24
N PHE F 40 -11.86 32.17 4.76
CA PHE F 40 -12.07 30.88 4.12
C PHE F 40 -11.78 29.77 5.11
N THR F 41 -12.63 28.75 5.09
CA THR F 41 -12.38 27.60 5.93
C THR F 41 -12.18 26.32 5.09
N PHE F 42 -11.36 25.39 5.59
CA PHE F 42 -11.03 24.17 4.89
C PHE F 42 -11.18 22.99 5.84
N THR F 43 -12.04 22.04 5.45
CA THR F 43 -12.26 20.79 6.17
C THR F 43 -12.34 19.61 5.20
N ARG F 44 -11.69 18.50 5.52
CA ARG F 44 -11.91 17.30 4.74
C ARG F 44 -12.53 16.19 5.55
N ASP F 45 -13.25 15.32 4.85
CA ASP F 45 -13.78 14.13 5.46
C ASP F 45 -13.27 12.90 4.73
N GLU F 46 -14.02 11.81 4.80
CA GLU F 46 -13.56 10.56 4.17
C GLU F 46 -13.52 10.64 2.64
N TYR F 47 -14.33 11.54 2.06
CA TYR F 47 -14.53 11.66 0.63
C TYR F 47 -14.26 13.04 0.08
N PHE F 48 -14.52 14.08 0.88
CA PHE F 48 -14.67 15.44 0.35
C PHE F 48 -13.74 16.48 1.00
N ALA F 49 -13.38 17.50 0.21
CA ALA F 49 -12.82 18.74 0.76
C ALA F 49 -14.02 19.67 0.78
N ARG F 50 -14.25 20.28 1.93
CA ARG F 50 -15.42 21.13 2.16
C ARG F 50 -14.88 22.53 2.49
N LEU F 51 -15.28 23.48 1.67
CA LEU F 51 -14.75 24.82 1.70
C LEU F 51 -15.89 25.70 2.14
N THR F 52 -15.59 26.68 2.99
CA THR F 52 -16.57 27.73 3.29
C THR F 52 -15.87 29.04 3.12
N TRP F 53 -16.66 30.04 2.76
CA TRP F 53 -16.25 31.44 2.83
C TRP F 53 -17.41 32.23 3.40
N PRO F 54 -17.25 33.56 3.62
CA PRO F 54 -18.44 34.40 3.94
C PRO F 54 -19.57 34.35 2.88
N GLY F 55 -20.71 33.79 3.25
CA GLY F 55 -21.87 33.72 2.35
C GLY F 55 -22.06 32.40 1.57
N GLY F 56 -21.06 31.54 1.55
CA GLY F 56 -21.17 30.35 0.68
C GLY F 56 -20.29 29.19 1.08
N SER F 57 -20.51 28.08 0.39
CA SER F 57 -19.66 26.89 0.55
C SER F 57 -19.70 26.01 -0.73
N HIS F 58 -18.82 25.01 -0.79
CA HIS F 58 -18.61 24.23 -2.01
C HIS F 58 -17.92 22.92 -1.60
N ILE F 59 -18.11 21.86 -2.39
CA ILE F 59 -17.50 20.56 -2.06
C ILE F 59 -16.67 20.17 -3.25
N ILE F 60 -15.49 19.60 -2.99
CA ILE F 60 -14.68 19.02 -4.09
C ILE F 60 -14.23 17.59 -3.72
N PRO F 61 -14.37 16.62 -4.66
CA PRO F 61 -13.92 15.32 -4.15
C PRO F 61 -12.44 15.39 -3.71
N ILE F 62 -12.16 14.76 -2.59
CA ILE F 62 -10.88 15.04 -1.95
C ILE F 62 -9.67 14.70 -2.83
N ASP F 63 -9.84 13.75 -3.77
CA ASP F 63 -8.71 13.32 -4.60
C ASP F 63 -8.41 14.44 -5.59
N ALA F 64 -9.46 14.99 -6.19
CA ALA F 64 -9.29 16.05 -7.16
C ALA F 64 -8.73 17.27 -6.41
N PHE F 65 -9.25 17.53 -5.22
CA PHE F 65 -8.76 18.67 -4.44
C PHE F 65 -7.27 18.56 -4.15
N LEU F 66 -6.83 17.41 -3.70
CA LEU F 66 -5.42 17.29 -3.35
C LEU F 66 -4.50 17.33 -4.56
N ARG F 67 -4.95 16.86 -5.71
CA ARG F 67 -4.05 16.89 -6.88
C ARG F 67 -3.88 18.36 -7.28
N ALA F 68 -4.97 19.12 -7.21
CA ALA F 68 -4.92 20.53 -7.54
C ALA F 68 -4.02 21.33 -6.56
N MET F 69 -4.32 21.16 -5.27
CA MET F 69 -3.55 21.72 -4.21
C MET F 69 -2.07 21.38 -4.33
N MET F 70 -1.75 20.13 -4.63
CA MET F 70 -0.37 19.78 -4.82
C MET F 70 0.29 20.66 -5.90
N ARG F 71 -0.40 20.95 -6.99
CA ARG F 71 0.15 21.79 -8.09
C ARG F 71 0.28 23.24 -7.65
N ASP F 72 -0.79 23.77 -7.05
CA ASP F 72 -0.72 25.18 -6.64
C ASP F 72 0.45 25.44 -5.68
N VAL F 73 0.70 24.49 -4.77
CA VAL F 73 1.84 24.54 -3.83
C VAL F 73 3.17 24.30 -4.54
N ALA F 74 3.36 23.20 -5.30
CA ALA F 74 4.64 22.99 -5.98
C ALA F 74 5.04 24.11 -6.98
N TRP F 75 4.07 24.85 -7.50
CA TRP F 75 4.36 25.89 -8.47
C TRP F 75 4.49 27.29 -7.86
N GLY F 76 4.41 27.38 -6.53
CA GLY F 76 4.30 28.68 -5.87
C GLY F 76 3.26 29.56 -6.50
N PHE F 77 2.09 29.03 -6.81
CA PHE F 77 0.93 29.78 -7.39
C PHE F 77 0.99 30.02 -8.89
N PHE F 78 2.12 29.58 -9.49
CA PHE F 78 2.21 29.52 -10.94
C PHE F 78 1.99 30.92 -11.56
N TYR F 79 1.35 30.97 -12.70
CA TYR F 79 1.23 32.19 -13.44
C TYR F 79 -0.24 32.40 -13.58
N GLY F 80 -0.74 33.58 -13.23
CA GLY F 80 -2.13 33.88 -13.54
C GLY F 80 -3.05 33.07 -12.64
N VAL F 81 -4.11 32.51 -13.23
CA VAL F 81 -5.22 31.89 -12.50
C VAL F 81 -5.11 30.37 -12.44
N VAL F 82 -5.04 29.84 -11.22
CA VAL F 82 -5.13 28.39 -11.03
C VAL F 82 -6.52 28.01 -10.53
N ASN F 83 -7.40 27.65 -11.45
CA ASN F 83 -8.75 27.19 -11.11
C ASN F 83 -8.74 25.73 -10.64
N PHE F 84 -9.09 25.49 -9.37
CA PHE F 84 -9.23 24.11 -8.83
C PHE F 84 -10.37 23.43 -9.59
N ASP F 85 -11.45 24.19 -9.82
CA ASP F 85 -12.53 23.75 -10.67
C ASP F 85 -13.27 24.98 -11.05
N HIS F 86 -14.52 24.79 -11.41
CA HIS F 86 -15.32 25.87 -11.92
C HIS F 86 -15.71 26.91 -10.83
N VAL F 87 -15.35 26.65 -9.57
CA VAL F 87 -15.67 27.58 -8.48
C VAL F 87 -14.44 28.21 -7.85
N PHE F 88 -13.49 27.39 -7.46
CA PHE F 88 -12.52 27.83 -6.52
C PHE F 88 -11.16 27.82 -7.18
N GLY F 89 -10.31 28.73 -6.71
CA GLY F 89 -8.89 28.75 -7.07
C GLY F 89 -8.11 29.96 -6.55
N THR F 90 -6.91 30.15 -7.10
CA THR F 90 -6.03 31.24 -6.74
C THR F 90 -5.60 32.04 -7.98
N ILE F 91 -5.20 33.31 -7.77
CA ILE F 91 -4.56 34.21 -8.76
C ILE F 91 -3.28 34.85 -8.22
N ASN F 92 -2.16 34.58 -8.91
CA ASN F 92 -0.84 35.00 -8.49
C ASN F 92 -0.65 36.42 -8.91
N HIS F 93 -0.25 37.25 -7.96
CA HIS F 93 0.23 38.60 -8.22
C HIS F 93 1.70 38.66 -7.88
N TYR F 94 2.36 37.52 -7.74
CA TYR F 94 3.84 37.47 -7.65
C TYR F 94 4.33 38.22 -6.38
N GLY F 95 4.09 37.59 -5.24
CA GLY F 95 4.43 38.11 -3.89
C GLY F 95 3.15 38.36 -3.10
N GLU F 96 2.06 38.57 -3.84
CA GLU F 96 0.73 38.41 -3.28
C GLU F 96 -0.04 37.38 -4.09
N VAL F 97 -1.11 36.84 -3.49
CA VAL F 97 -2.02 35.99 -4.25
C VAL F 97 -3.48 36.17 -3.81
N THR F 98 -4.37 36.23 -4.76
CA THR F 98 -5.79 36.18 -4.44
C THR F 98 -6.35 34.72 -4.42
N MET F 99 -7.18 34.41 -3.40
CA MET F 99 -7.97 33.14 -3.37
C MET F 99 -9.43 33.46 -3.49
N PHE F 100 -10.15 32.71 -4.31
CA PHE F 100 -11.50 33.08 -4.72
C PHE F 100 -12.46 31.89 -4.78
N ALA F 101 -13.73 32.22 -4.84
CA ALA F 101 -14.81 31.30 -5.02
C ALA F 101 -15.80 32.00 -5.90
N GLY F 102 -16.01 31.55 -7.14
CA GLY F 102 -16.98 32.18 -8.03
C GLY F 102 -16.48 33.30 -8.92
N ARG F 103 -15.22 33.72 -8.66
CA ARG F 103 -14.62 34.83 -9.41
C ARG F 103 -14.75 34.71 -10.94
N PHE F 104 -14.50 33.51 -11.49
CA PHE F 104 -14.55 33.31 -12.94
C PHE F 104 -15.65 32.34 -13.35
N ASN F 105 -16.82 32.54 -12.75
CA ASN F 105 -17.99 31.73 -12.99
C ASN F 105 -19.12 32.74 -13.19
N ASP F 106 -19.67 32.77 -14.40
CA ASP F 106 -20.65 33.75 -14.80
C ASP F 106 -21.87 33.72 -13.87
N ALA F 107 -22.33 32.53 -13.50
CA ALA F 107 -23.47 32.47 -12.60
C ALA F 107 -23.16 33.11 -11.26
N TYR F 108 -21.94 32.94 -10.79
CA TYR F 108 -21.57 33.52 -9.50
C TYR F 108 -21.35 35.05 -9.60
N ARG F 109 -20.85 35.50 -10.75
CA ARG F 109 -20.51 36.91 -10.99
C ARG F 109 -21.71 37.82 -11.32
N ASN F 110 -22.57 37.41 -12.24
CA ASN F 110 -23.84 38.14 -12.50
C ASN F 110 -24.70 38.33 -11.26
N ALA F 111 -24.57 37.42 -10.29
CA ALA F 111 -25.41 37.46 -9.11
C ALA F 111 -24.70 38.12 -7.91
N GLY F 112 -23.46 38.58 -8.13
CA GLY F 112 -22.68 39.19 -7.04
C GLY F 112 -22.31 38.23 -5.92
N ARG F 113 -22.34 36.92 -6.20
CA ARG F 113 -22.05 35.93 -5.17
C ARG F 113 -20.58 35.55 -5.06
N ASP F 114 -19.74 35.97 -6.01
CA ASP F 114 -18.32 35.62 -5.94
C ASP F 114 -17.68 36.27 -4.74
N HIS F 115 -16.59 35.69 -4.27
CA HIS F 115 -15.88 36.20 -3.12
C HIS F 115 -14.40 35.94 -3.33
N GLU F 116 -13.58 36.88 -2.86
CA GLU F 116 -12.15 36.79 -3.05
C GLU F 116 -11.46 37.55 -1.96
N GLU F 117 -10.34 37.00 -1.51
CA GLU F 117 -9.48 37.63 -0.49
C GLU F 117 -8.01 37.63 -0.98
N ARG F 118 -7.30 38.72 -0.72
CA ARG F 118 -5.94 38.92 -1.17
C ARG F 118 -4.99 38.71 -0.02
N PHE F 119 -4.10 37.72 -0.15
CA PHE F 119 -3.10 37.37 0.89
C PHE F 119 -1.61 37.64 0.50
N LYS F 120 -0.77 37.75 1.52
CA LYS F 120 0.68 37.66 1.37
C LYS F 120 0.99 36.23 0.97
N SER F 121 1.78 36.07 -0.08
CA SER F 121 1.87 34.79 -0.74
C SER F 121 2.44 33.76 0.21
N SER F 122 3.44 34.15 0.99
CA SER F 122 4.01 33.23 2.00
C SER F 122 3.01 32.82 3.09
N ALA F 123 2.02 33.69 3.40
CA ALA F 123 1.05 33.40 4.48
C ALA F 123 0.14 32.26 3.98
N LEU F 124 -0.50 32.52 2.85
CA LEU F 124 -1.34 31.54 2.17
C LEU F 124 -0.58 30.25 1.82
N MET F 125 0.60 30.36 1.21
CA MET F 125 1.45 29.20 0.98
C MET F 125 1.73 28.36 2.24
N ALA F 126 1.90 29.03 3.38
CA ALA F 126 2.17 28.30 4.63
C ALA F 126 0.98 27.44 5.06
N VAL F 127 -0.23 28.00 4.94
CA VAL F 127 -1.41 27.26 5.33
C VAL F 127 -1.73 26.14 4.30
N PHE F 128 -1.55 26.46 2.99
CA PHE F 128 -1.70 25.50 1.89
C PHE F 128 -0.82 24.28 2.15
N LYS F 129 0.44 24.52 2.52
CA LYS F 129 1.35 23.41 2.84
C LYS F 129 0.85 22.54 3.96
N ASP F 130 0.19 23.17 4.94
CA ASP F 130 -0.22 22.48 6.17
C ASP F 130 -1.47 21.64 5.91
N ILE F 131 -2.42 22.26 5.21
CA ILE F 131 -3.54 21.53 4.58
C ILE F 131 -3.00 20.29 3.82
N LEU F 132 -2.14 20.47 2.82
CA LEU F 132 -1.64 19.36 2.03
C LEU F 132 -1.02 18.25 2.91
N SER F 133 -0.21 18.66 3.90
CA SER F 133 0.43 17.69 4.80
C SER F 133 -0.59 16.91 5.64
N ASP F 134 -1.56 17.65 6.16
CA ASP F 134 -2.55 17.08 7.05
C ASP F 134 -3.49 16.11 6.31
N TRP F 135 -3.95 16.53 5.13
CA TRP F 135 -4.92 15.79 4.33
C TRP F 135 -4.34 14.59 3.54
N THR F 136 -3.05 14.57 3.29
CA THR F 136 -2.41 13.43 2.60
C THR F 136 -2.09 12.26 3.52
N VAL F 137 -2.56 11.09 3.14
CA VAL F 137 -2.41 9.93 4.00
C VAL F 137 -1.33 9.00 3.43
N GLU F 138 -0.77 8.16 4.28
CA GLU F 138 0.21 7.18 3.84
C GLU F 138 -0.21 6.47 2.52
N GLY F 139 0.73 6.24 1.62
CA GLY F 139 0.46 5.46 0.42
C GLY F 139 -0.26 6.22 -0.70
N TYR F 140 -0.66 7.47 -0.43
CA TYR F 140 -1.28 8.37 -1.36
C TYR F 140 -0.30 9.48 -1.85
N ASP F 141 -0.11 9.60 -3.16
CA ASP F 141 0.78 10.64 -3.74
C ASP F 141 -0.01 11.53 -4.71
N PRO F 142 -0.38 12.73 -4.28
CA PRO F 142 -1.24 13.56 -5.13
C PRO F 142 -0.54 14.23 -6.38
N PHE F 143 0.74 13.90 -6.56
CA PHE F 143 1.53 14.32 -7.71
C PHE F 143 1.63 13.19 -8.75
N ALA F 144 1.18 11.98 -8.38
CA ALA F 144 1.30 10.83 -9.26
C ALA F 144 -0.02 10.61 -10.02
N ALA F 145 0.00 9.74 -11.03
CA ALA F 145 -1.25 9.39 -11.78
C ALA F 145 -2.06 8.35 -11.02
N PRO F 146 -3.37 8.33 -11.22
CA PRO F 146 -4.13 7.40 -10.39
C PRO F 146 -3.56 5.98 -10.42
N MET F 147 -3.11 5.45 -11.57
CA MET F 147 -2.60 4.07 -11.56
C MET F 147 -1.26 3.88 -10.86
N GLU F 148 -0.65 4.95 -10.38
CA GLU F 148 0.70 4.87 -9.76
C GLU F 148 0.69 4.91 -8.27
N THR F 149 -0.49 5.04 -7.67
CA THR F 149 -0.54 5.39 -6.25
C THR F 149 -1.80 4.88 -5.59
N GLY F 150 -1.87 5.05 -4.28
CA GLY F 150 -3.00 4.65 -3.52
C GLY F 150 -4.10 5.66 -3.54
N LEU F 151 -5.03 5.49 -2.60
CA LEU F 151 -6.30 6.30 -2.52
C LEU F 151 -6.25 7.19 -1.33
N PRO F 152 -6.92 8.36 -1.41
CA PRO F 152 -7.01 9.35 -0.32
C PRO F 152 -8.24 9.23 0.54
N TRP F 153 -9.10 8.25 0.28
CA TRP F 153 -10.39 8.25 0.96
C TRP F 153 -10.18 7.81 2.36
N GLY F 154 -11.11 8.23 3.21
CA GLY F 154 -11.22 7.66 4.54
C GLY F 154 -10.69 8.52 5.66
N ILE F 155 -10.54 7.92 6.84
CA ILE F 155 -10.04 8.63 8.04
C ILE F 155 -8.53 8.85 7.94
N LYS F 156 -8.01 9.83 8.67
CA LYS F 156 -6.57 10.13 8.65
C LYS F 156 -5.75 8.85 8.91
N ASN F 157 -4.73 8.58 8.10
CA ASN F 157 -3.96 7.36 8.28
C ASN F 157 -2.51 7.63 7.89
N GLY F 158 -1.77 8.30 8.78
CA GLY F 158 -0.35 8.61 8.54
C GLY F 158 -0.29 9.78 7.58
N ASN F 159 0.87 9.98 6.94
CA ASN F 159 1.10 11.13 6.05
C ASN F 159 1.90 10.62 4.89
N ASN F 160 2.06 11.45 3.87
CA ASN F 160 3.05 11.19 2.83
C ASN F 160 3.85 12.41 2.62
N ASP F 161 4.55 12.84 3.66
CA ASP F 161 5.25 14.14 3.56
C ASP F 161 6.37 14.12 2.57
N GLU F 162 7.01 12.98 2.38
CA GLU F 162 8.06 12.83 1.39
C GLU F 162 7.52 13.14 -0.04
N ALA F 163 6.34 12.60 -0.41
CA ALA F 163 5.73 12.89 -1.73
C ALA F 163 5.38 14.36 -1.94
N ILE F 164 4.88 15.04 -0.90
CA ILE F 164 4.33 16.41 -1.09
C ILE F 164 5.40 17.48 -0.85
N SER F 165 6.61 16.99 -0.52
CA SER F 165 7.74 17.88 -0.18
C SER F 165 8.80 17.94 -1.23
N ARG F 166 8.56 17.38 -2.41
CA ARG F 166 9.65 17.23 -3.36
C ARG F 166 10.19 18.64 -3.75
N GLN F 167 11.51 18.75 -3.85
CA GLN F 167 12.17 20.02 -4.23
C GLN F 167 11.94 20.34 -5.72
N ARG F 168 11.52 21.57 -6.02
CA ARG F 168 11.43 22.06 -7.41
C ARG F 168 12.82 22.08 -8.08
N VAL F 169 12.96 21.55 -9.31
CA VAL F 169 14.17 21.79 -10.09
C VAL F 169 13.92 22.81 -11.17
N THR F 170 14.87 23.71 -11.36
CA THR F 170 14.85 24.74 -12.40
C THR F 170 16.27 24.83 -12.95
N ALA F 171 16.43 24.78 -14.25
CA ALA F 171 17.73 25.10 -14.82
C ALA F 171 17.91 26.61 -14.74
N ARG F 172 19.14 27.05 -14.47
CA ARG F 172 19.49 28.46 -14.61
C ARG F 172 19.84 28.74 -16.10
N ARG F 173 20.53 27.83 -16.75
CA ARG F 173 20.83 28.06 -18.15
C ARG F 173 20.44 26.81 -18.97
N MET F 174 20.94 25.65 -18.52
CA MET F 174 20.55 24.39 -19.12
C MET F 174 20.87 23.25 -18.18
N VAL F 175 20.00 22.25 -18.20
CA VAL F 175 20.27 20.96 -17.59
C VAL F 175 21.65 20.46 -17.92
N GLY F 176 22.38 20.03 -16.91
CA GLY F 176 23.66 19.30 -17.12
C GLY F 176 24.92 20.15 -17.22
N LEU F 177 24.79 21.47 -17.20
CA LEU F 177 25.97 22.39 -17.25
C LEU F 177 26.63 22.44 -15.87
N PRO F 178 27.97 22.65 -15.79
CA PRO F 178 28.63 22.77 -14.47
C PRO F 178 27.86 23.72 -13.57
N GLY F 179 27.59 23.29 -12.34
CA GLY F 179 26.84 24.09 -11.39
C GLY F 179 25.36 24.17 -11.62
N ASP F 180 24.83 23.57 -12.69
CA ASP F 180 23.41 23.74 -12.97
C ASP F 180 22.59 22.52 -12.50
N THR F 181 21.27 22.53 -12.72
CA THR F 181 20.44 21.36 -12.33
C THR F 181 20.89 20.09 -13.12
N PRO F 182 21.07 18.92 -12.42
CA PRO F 182 21.74 17.77 -13.09
C PRO F 182 20.88 16.86 -13.98
N VAL F 183 21.53 16.11 -14.89
CA VAL F 183 20.90 15.00 -15.61
C VAL F 183 20.32 14.00 -14.57
N ARG F 184 19.11 13.47 -14.83
CA ARG F 184 18.48 12.48 -13.96
C ARG F 184 19.02 11.07 -14.29
N THR F 185 19.34 10.28 -13.25
CA THR F 185 19.98 8.96 -13.45
C THR F 185 19.36 8.02 -12.42
N ASP F 186 19.52 6.70 -12.57
CA ASP F 186 19.19 5.79 -11.47
C ASP F 186 20.02 6.16 -10.22
N ALA F 187 21.25 6.63 -10.42
CA ALA F 187 22.14 6.86 -9.29
C ALA F 187 21.63 7.98 -8.39
N ASN F 188 21.07 9.05 -8.98
CA ASN F 188 20.56 10.16 -8.17
C ASN F 188 19.09 10.04 -7.95
N GLY F 189 18.52 8.87 -8.23
CA GLY F 189 17.20 8.65 -7.69
C GLY F 189 16.01 8.78 -8.62
N PHE F 190 16.27 8.83 -9.93
CA PHE F 190 15.18 9.06 -10.88
C PHE F 190 15.18 7.95 -11.90
N PRO F 191 14.58 6.80 -11.56
CA PRO F 191 14.56 5.71 -12.54
C PRO F 191 13.54 6.00 -13.65
N VAL F 192 13.65 5.28 -14.79
CA VAL F 192 12.73 5.45 -15.91
C VAL F 192 11.31 5.08 -15.46
N ASN F 193 10.31 5.92 -15.75
CA ASN F 193 8.92 5.56 -15.46
C ASN F 193 8.47 4.37 -16.27
N ARG F 194 7.60 3.48 -15.73
CA ARG F 194 7.16 2.29 -16.46
C ARG F 194 6.51 2.63 -17.81
N GLN F 195 5.82 3.77 -17.91
CA GLN F 195 5.18 4.06 -19.18
C GLN F 195 6.14 4.75 -20.14
N PHE F 196 7.44 4.76 -19.82
CA PHE F 196 8.40 5.28 -20.74
C PHE F 196 9.52 4.24 -20.89
N ALA F 197 9.17 3.02 -20.61
CA ALA F 197 10.19 2.01 -20.51
C ALA F 197 10.93 1.76 -21.82
N ASP F 198 10.32 2.04 -22.96
CA ASP F 198 10.99 1.85 -24.25
C ASP F 198 11.80 3.06 -24.73
N VAL F 199 11.86 4.13 -23.95
CA VAL F 199 12.54 5.35 -24.44
C VAL F 199 14.09 5.17 -24.41
N PRO F 200 14.77 5.36 -25.53
CA PRO F 200 16.25 5.31 -25.53
C PRO F 200 16.89 6.26 -24.46
N GLN F 201 17.89 5.78 -23.75
CA GLN F 201 18.46 6.62 -22.71
C GLN F 201 19.83 7.17 -23.02
N GLU F 202 20.48 6.77 -24.11
CA GLU F 202 21.88 7.16 -24.32
C GLU F 202 22.04 8.68 -24.29
N GLN F 203 23.19 9.16 -23.80
CA GLN F 203 23.49 10.56 -23.89
C GLN F 203 24.04 10.92 -25.29
N PRO F 204 23.84 12.17 -25.73
CA PRO F 204 24.43 12.63 -27.01
C PRO F 204 25.96 12.54 -26.92
N VAL F 205 26.67 12.22 -28.01
CA VAL F 205 28.15 12.30 -27.96
C VAL F 205 28.56 13.77 -27.85
N VAL F 206 29.50 14.07 -26.96
CA VAL F 206 29.98 15.43 -26.76
C VAL F 206 31.52 15.38 -26.71
N GLU F 207 32.19 15.84 -27.76
CA GLU F 207 33.67 15.84 -27.78
C GLU F 207 34.14 17.28 -27.67
N ALA F 208 34.51 17.74 -26.47
CA ALA F 208 35.01 19.11 -26.26
C ALA F 208 36.52 19.23 -26.40
N GLU F 209 37.00 20.29 -27.07
CA GLU F 209 38.43 20.52 -27.17
C GLU F 209 38.97 20.93 -25.81
N PRO F 210 40.27 20.63 -25.56
CA PRO F 210 40.88 20.95 -24.26
C PRO F 210 40.64 22.42 -23.92
N GLY F 211 39.97 22.68 -22.81
CA GLY F 211 39.80 24.05 -22.34
C GLY F 211 38.38 24.53 -22.55
N PHE F 212 37.56 23.72 -23.22
CA PHE F 212 36.21 24.17 -23.52
C PHE F 212 35.13 23.25 -22.93
N GLU F 213 35.53 22.32 -22.06
CA GLU F 213 34.56 21.35 -21.50
C GLU F 213 33.33 21.98 -20.84
N ALA F 214 33.50 23.13 -20.24
CA ALA F 214 32.39 23.77 -19.59
C ALA F 214 31.35 24.34 -20.52
N GLU F 215 31.72 24.61 -21.78
CA GLU F 215 30.79 25.30 -22.69
C GLU F 215 30.33 24.48 -23.87
N VAL F 216 30.78 23.23 -23.94
CA VAL F 216 30.36 22.28 -24.95
C VAL F 216 29.52 21.22 -24.24
N SER F 217 28.20 21.32 -24.38
CA SER F 217 27.24 20.61 -23.52
C SER F 217 25.95 20.18 -24.20
N ALA F 218 25.52 18.95 -23.96
CA ALA F 218 24.25 18.45 -24.52
C ALA F 218 23.77 17.29 -23.65
N TYR F 219 22.47 17.02 -23.61
CA TYR F 219 21.93 15.99 -22.73
C TYR F 219 20.74 15.38 -23.45
N ASN F 220 20.32 14.21 -22.98
CA ASN F 220 19.15 13.56 -23.53
C ASN F 220 17.85 14.08 -22.87
N LEU F 221 17.17 15.05 -23.48
CA LEU F 221 15.97 15.61 -22.86
C LEU F 221 14.80 14.62 -22.75
N PHE F 222 14.54 13.84 -23.80
CA PHE F 222 13.46 12.82 -23.72
C PHE F 222 13.79 11.82 -22.58
N GLY F 223 15.07 11.41 -22.46
CA GLY F 223 15.50 10.61 -21.27
C GLY F 223 15.26 11.29 -19.92
N TYR F 224 15.65 12.55 -19.82
CA TYR F 224 15.32 13.37 -18.62
C TYR F 224 13.83 13.32 -18.25
N LEU F 225 13.00 13.57 -19.24
CA LEU F 225 11.55 13.51 -19.05
C LEU F 225 11.02 12.13 -18.73
N SER F 226 11.64 11.09 -19.27
CA SER F 226 11.22 9.72 -19.01
C SER F 226 11.40 9.33 -17.55
N ARG F 227 12.25 10.06 -16.84
CA ARG F 227 12.59 9.77 -15.47
C ARG F 227 11.94 10.79 -14.57
N SER F 228 11.05 11.61 -15.12
CA SER F 228 10.31 12.46 -14.19
C SER F 228 9.48 11.66 -13.18
N ASP F 229 9.50 12.09 -11.91
CA ASP F 229 8.83 11.33 -10.87
C ASP F 229 7.45 11.89 -10.52
N VAL F 230 6.94 12.80 -11.30
CA VAL F 230 5.64 13.39 -11.00
C VAL F 230 4.95 13.64 -12.32
N THR F 231 3.69 14.09 -12.28
CA THR F 231 2.98 14.35 -13.51
C THR F 231 2.54 15.82 -13.56
N TRP F 232 2.37 16.39 -14.75
CA TRP F 232 1.88 17.76 -14.86
C TRP F 232 2.66 18.68 -13.94
N ASN F 233 3.92 18.86 -14.29
CA ASN F 233 4.84 19.71 -13.51
C ASN F 233 5.89 20.41 -14.37
N PRO F 234 5.51 21.51 -14.97
CA PRO F 234 6.45 22.16 -15.92
C PRO F 234 7.73 22.54 -15.19
N SER F 235 8.89 22.19 -15.73
CA SER F 235 10.12 22.36 -14.99
C SER F 235 11.12 22.88 -16.01
N VAL F 236 11.82 23.95 -15.66
CA VAL F 236 12.64 24.70 -16.61
C VAL F 236 13.87 23.87 -16.93
N CYS F 237 14.06 23.56 -18.22
CA CYS F 237 15.25 22.82 -18.70
C CYS F 237 16.27 23.72 -19.46
N SER F 238 15.83 24.84 -20.01
CA SER F 238 16.71 25.74 -20.78
C SER F 238 16.11 27.18 -20.81
N VAL F 239 17.01 28.16 -20.69
CA VAL F 239 16.64 29.57 -20.58
C VAL F 239 17.31 30.46 -21.64
N VAL F 240 16.54 31.32 -22.28
CA VAL F 240 17.14 32.47 -22.99
C VAL F 240 16.37 33.72 -22.62
N GLY F 241 17.01 34.59 -21.86
CA GLY F 241 16.30 35.70 -21.28
C GLY F 241 15.10 35.21 -20.51
N ASP F 242 13.92 35.69 -20.89
CA ASP F 242 12.64 35.31 -20.29
C ASP F 242 11.96 34.07 -20.96
N SER F 243 12.61 33.50 -21.96
CA SER F 243 12.04 32.38 -22.65
C SER F 243 12.47 31.10 -21.94
N LEU F 244 11.48 30.36 -21.46
CA LEU F 244 11.70 29.22 -20.56
C LEU F 244 11.12 28.00 -21.22
N PHE F 245 11.96 27.01 -21.52
CA PHE F 245 11.46 25.71 -21.92
C PHE F 245 11.13 24.95 -20.63
N CYS F 246 9.84 24.61 -20.46
CA CYS F 246 9.34 23.95 -19.21
C CYS F 246 8.67 22.58 -19.51
N PRO F 247 9.47 21.61 -19.97
CA PRO F 247 8.85 20.33 -20.31
C PRO F 247 8.45 19.55 -19.06
N THR F 248 7.50 18.62 -19.25
CA THR F 248 6.91 17.82 -18.19
C THR F 248 6.41 16.46 -18.73
N SER F 249 6.14 15.51 -17.81
CA SER F 249 5.56 14.24 -18.19
C SER F 249 4.11 14.20 -17.69
N GLU F 250 3.16 13.88 -18.56
CA GLU F 250 1.73 14.07 -18.26
C GLU F 250 0.94 12.79 -18.35
N GLU F 251 0.10 12.48 -17.35
CA GLU F 251 -0.69 11.29 -17.42
C GLU F 251 -1.97 11.58 -16.70
N PHE F 252 -3.10 11.13 -17.25
CA PHE F 252 -4.43 11.35 -16.66
C PHE F 252 -4.90 12.78 -16.95
N ILE F 253 -5.37 13.56 -15.98
CA ILE F 253 -5.96 14.88 -16.21
C ILE F 253 -5.15 15.95 -15.54
N LEU F 254 -4.80 17.02 -16.27
CA LEU F 254 -4.21 18.19 -15.63
C LEU F 254 -5.16 18.52 -14.47
N PRO F 255 -4.66 18.54 -13.22
CA PRO F 255 -5.61 18.65 -12.11
C PRO F 255 -6.22 20.03 -11.90
N VAL F 256 -5.82 21.02 -12.70
CA VAL F 256 -6.40 22.39 -12.64
C VAL F 256 -6.80 22.87 -14.02
N GLU F 257 -7.60 23.93 -14.04
CA GLU F 257 -7.84 24.61 -15.27
C GLU F 257 -6.96 25.85 -15.20
N HIS F 258 -5.97 25.95 -16.10
CA HIS F 258 -5.06 27.07 -16.05
C HIS F 258 -5.54 28.30 -16.90
N GLY F 259 -5.68 29.44 -16.26
CA GLY F 259 -6.04 30.66 -17.04
C GLY F 259 -4.83 31.58 -16.93
N ASN F 260 -3.96 31.55 -17.94
CA ASN F 260 -2.69 32.32 -17.83
C ASN F 260 -2.91 33.83 -17.96
N ASP F 261 -2.04 34.64 -17.35
CA ASP F 261 -2.03 36.09 -17.53
C ASP F 261 -1.15 36.47 -18.75
N ARG F 262 -0.85 35.47 -19.60
CA ARG F 262 -0.07 35.66 -20.82
C ARG F 262 -0.31 34.54 -21.83
N CYS F 263 0.27 34.65 -23.02
CA CYS F 263 0.19 33.52 -23.94
C CYS F 263 1.22 32.52 -23.57
N GLU F 264 1.01 31.29 -23.98
CA GLU F 264 2.02 30.28 -23.71
C GLU F 264 1.77 29.31 -24.78
N TRP F 265 2.71 28.39 -24.96
CA TRP F 265 2.67 27.53 -26.12
C TRP F 265 2.94 26.12 -25.67
N PHE F 266 2.31 25.19 -26.34
CA PHE F 266 2.51 23.76 -26.07
C PHE F 266 3.10 23.08 -27.30
N LEU F 267 4.14 22.33 -27.11
CA LEU F 267 4.67 21.45 -28.14
C LEU F 267 4.60 20.03 -27.63
N GLN F 268 3.79 19.20 -28.29
CA GLN F 268 3.67 17.78 -27.93
C GLN F 268 4.94 16.97 -28.34
N LEU F 269 5.59 16.32 -27.39
CA LEU F 269 6.85 15.68 -27.73
C LEU F 269 6.65 14.19 -27.99
N SER F 270 5.72 13.57 -27.24
CA SER F 270 5.34 12.20 -27.48
C SER F 270 3.85 12.03 -27.25
N ASP F 271 3.34 10.97 -27.88
CA ASP F 271 2.00 10.40 -27.64
C ASP F 271 0.99 11.46 -27.88
N GLU F 272 -0.03 11.61 -27.02
CA GLU F 272 -1.10 12.54 -27.38
C GLU F 272 -1.76 13.15 -26.15
N ILE F 273 -2.22 14.40 -26.30
CA ILE F 273 -2.94 15.13 -25.27
C ILE F 273 -4.13 15.80 -25.98
N VAL F 274 -5.30 15.81 -25.34
CA VAL F 274 -6.41 16.66 -25.76
C VAL F 274 -6.54 17.76 -24.74
N TRP F 275 -6.60 19.00 -25.22
CA TRP F 275 -6.78 20.12 -24.35
C TRP F 275 -8.22 20.63 -24.43
N ASP F 276 -8.90 20.63 -23.28
CA ASP F 276 -10.27 21.17 -23.19
C ASP F 276 -10.10 22.66 -22.91
N VAL F 277 -10.66 23.50 -23.77
CA VAL F 277 -10.34 24.93 -23.72
C VAL F 277 -11.65 25.66 -23.45
N LYS F 278 -11.63 26.52 -22.45
CA LYS F 278 -12.84 27.18 -22.05
C LYS F 278 -12.54 28.66 -21.89
N ASP F 279 -13.61 29.48 -21.92
CA ASP F 279 -13.42 30.91 -21.68
C ASP F 279 -12.84 31.22 -20.30
N LYS F 280 -11.91 32.17 -20.21
CA LYS F 280 -11.20 32.42 -18.95
C LYS F 280 -12.14 33.05 -17.93
N GLU F 281 -13.00 33.93 -18.41
CA GLU F 281 -13.88 34.72 -17.56
C GLU F 281 -15.09 33.90 -17.16
N SER F 282 -15.84 33.39 -18.13
CA SER F 282 -17.13 32.73 -17.89
C SER F 282 -17.06 31.24 -17.53
N GLY F 283 -16.01 30.56 -18.02
CA GLY F 283 -15.86 29.12 -17.83
C GLY F 283 -16.48 28.37 -18.97
N LYS F 284 -17.09 29.07 -19.92
CA LYS F 284 -17.77 28.43 -21.04
C LYS F 284 -16.86 27.72 -22.04
N PRO F 285 -17.26 26.50 -22.49
CA PRO F 285 -16.58 25.72 -23.54
C PRO F 285 -16.34 26.49 -24.84
N ARG F 286 -15.08 26.57 -25.30
CA ARG F 286 -14.78 27.23 -26.56
C ARG F 286 -14.18 26.27 -27.56
N ALA F 287 -13.28 25.43 -27.12
CA ALA F 287 -12.58 24.63 -28.11
C ALA F 287 -12.05 23.34 -27.45
N ARG F 288 -11.71 22.34 -28.26
CA ARG F 288 -10.89 21.20 -27.83
C ARG F 288 -9.73 21.00 -28.79
N VAL F 289 -8.51 21.01 -28.27
CA VAL F 289 -7.35 20.90 -29.16
C VAL F 289 -6.69 19.54 -28.98
N THR F 290 -6.49 18.77 -30.04
CA THR F 290 -5.87 17.44 -29.94
C THR F 290 -4.45 17.54 -30.52
N ALA F 291 -3.44 17.15 -29.73
CA ALA F 291 -2.06 17.35 -30.07
C ALA F 291 -1.34 15.99 -30.14
N ARG F 292 -0.72 15.67 -31.27
CA ARG F 292 0.11 14.46 -31.35
C ARG F 292 1.52 14.90 -31.51
N ALA F 293 2.45 13.93 -31.59
CA ALA F 293 3.87 14.22 -31.57
C ALA F 293 4.23 15.26 -32.63
N GLY F 294 4.90 16.31 -32.21
CA GLY F 294 5.36 17.32 -33.13
C GLY F 294 4.37 18.45 -33.26
N ASP F 295 3.12 18.26 -32.78
CA ASP F 295 2.12 19.38 -32.77
C ASP F 295 2.44 20.53 -31.84
N ILE F 296 2.29 21.76 -32.30
CA ILE F 296 2.57 22.92 -31.46
C ILE F 296 1.44 23.94 -31.56
N CYS F 297 1.03 24.50 -30.44
CA CYS F 297 -0.03 25.51 -30.53
C CYS F 297 0.10 26.43 -29.36
N CYS F 298 -0.63 27.53 -29.47
CA CYS F 298 -0.71 28.57 -28.50
CA CYS F 298 -0.64 28.47 -28.39
C CYS F 298 -1.97 28.47 -27.67
N MET F 299 -1.92 28.94 -26.44
CA MET F 299 -3.10 29.10 -25.63
C MET F 299 -3.25 30.62 -25.47
N PRO F 300 -4.31 31.20 -26.03
CA PRO F 300 -4.50 32.66 -25.82
C PRO F 300 -4.66 33.02 -24.36
N ALA F 301 -4.23 34.23 -24.03
CA ALA F 301 -4.34 34.79 -22.71
C ALA F 301 -5.79 34.92 -22.18
N ASP F 302 -6.79 34.83 -23.03
CA ASP F 302 -8.17 34.98 -22.53
C ASP F 302 -8.89 33.63 -22.39
N ILE F 303 -8.17 32.49 -22.48
CA ILE F 303 -8.80 31.20 -22.20
C ILE F 303 -8.21 30.47 -21.01
N ARG F 304 -8.91 29.44 -20.57
CA ARG F 304 -8.40 28.59 -19.54
C ARG F 304 -8.36 27.15 -20.12
N HIS F 305 -7.43 26.31 -19.71
CA HIS F 305 -7.23 25.01 -20.41
C HIS F 305 -6.95 23.85 -19.44
N GLN F 306 -7.33 22.67 -19.85
CA GLN F 306 -7.18 21.49 -19.02
C GLN F 306 -6.90 20.33 -19.94
N GLY F 307 -5.81 19.60 -19.67
CA GLY F 307 -5.38 18.51 -20.54
C GLY F 307 -5.67 17.09 -20.07
N TYR F 308 -5.79 16.18 -21.04
CA TYR F 308 -6.12 14.77 -20.79
C TYR F 308 -5.09 13.98 -21.53
N SER F 309 -4.39 13.11 -20.82
CA SER F 309 -3.36 12.29 -21.44
C SER F 309 -3.51 10.79 -21.06
N THR F 310 -3.91 9.94 -22.00
CA THR F 310 -4.15 8.58 -21.63
C THR F 310 -2.87 7.91 -21.23
N LYS F 311 -1.89 7.94 -22.10
CA LYS F 311 -0.60 7.31 -21.76
C LYS F 311 0.23 8.46 -21.26
N ARG F 312 1.11 8.19 -20.28
CA ARG F 312 2.07 9.17 -19.80
C ARG F 312 2.81 9.75 -21.00
N SER F 313 2.76 11.08 -21.15
CA SER F 313 3.31 11.69 -22.36
C SER F 313 4.29 12.86 -22.10
N MET F 314 5.20 13.07 -23.03
CA MET F 314 6.17 14.16 -22.97
C MET F 314 5.61 15.42 -23.64
N LEU F 315 5.59 16.49 -22.90
CA LEU F 315 5.06 17.75 -23.36
C LEU F 315 6.07 18.83 -23.04
N LEU F 316 6.33 19.71 -23.99
CA LEU F 316 7.03 21.00 -23.74
C LEU F 316 6.02 22.15 -23.52
N VAL F 317 6.05 22.78 -22.35
CA VAL F 317 5.39 24.06 -22.13
C VAL F 317 6.42 25.16 -22.29
N TRP F 318 6.12 26.12 -23.16
CA TRP F 318 7.09 27.16 -23.45
C TRP F 318 6.54 28.50 -22.95
N GLU F 319 7.21 29.07 -21.96
CA GLU F 319 6.70 30.32 -21.32
C GLU F 319 7.61 31.52 -21.63
N ASN F 320 7.03 32.71 -21.52
CA ASN F 320 7.79 33.97 -21.45
C ASN F 320 7.53 34.49 -20.05
N GLY F 321 8.56 34.39 -19.22
CA GLY F 321 8.47 34.67 -17.83
C GLY F 321 8.55 36.16 -17.52
N SER F 322 8.36 37.03 -18.53
CA SER F 322 8.55 38.47 -18.35
C SER F 322 7.50 38.99 -17.39
N PRO F 323 7.93 39.76 -16.40
CA PRO F 323 6.90 40.04 -15.40
C PRO F 323 6.04 41.25 -15.86
N LYS F 324 6.37 41.82 -17.01
CA LYS F 324 5.68 43.00 -17.55
C LYS F 324 4.46 42.66 -18.40
N ILE F 325 4.33 41.40 -18.82
CA ILE F 325 3.25 41.01 -19.77
C ILE F 325 1.80 41.13 -19.27
N PRO F 326 1.49 40.71 -18.02
CA PRO F 326 0.06 40.82 -17.62
C PRO F 326 -0.47 42.25 -17.77
N GLN F 327 0.32 43.24 -17.30
CA GLN F 327 -0.11 44.64 -17.39
C GLN F 327 -0.16 45.18 -18.84
N MET F 328 0.74 44.72 -19.71
CA MET F 328 0.67 45.14 -21.11
C MET F 328 -0.59 44.60 -21.75
N ILE F 329 -1.04 43.45 -21.30
CA ILE F 329 -2.24 42.86 -21.85
C ILE F 329 -3.44 43.69 -21.34
N ALA F 330 -3.50 43.86 -20.02
CA ALA F 330 -4.48 44.71 -19.35
C ALA F 330 -4.72 46.05 -20.06
N ASP F 331 -3.64 46.78 -20.32
CA ASP F 331 -3.66 48.02 -21.12
C ASP F 331 -4.07 47.78 -22.58
N GLY F 332 -3.60 46.68 -23.16
CA GLY F 332 -3.79 46.43 -24.58
C GLY F 332 -2.54 46.78 -25.37
N THR F 333 -1.45 47.14 -24.68
CA THR F 333 -0.16 47.31 -25.33
C THR F 333 0.54 45.96 -25.73
N ALA F 334 -0.20 44.84 -25.61
CA ALA F 334 0.24 43.46 -26.00
C ALA F 334 -0.97 42.54 -26.35
N PRO F 335 -0.84 41.66 -27.38
CA PRO F 335 -2.07 41.01 -27.85
C PRO F 335 -2.51 39.84 -26.94
N VAL F 336 -3.74 39.38 -27.17
CA VAL F 336 -4.28 38.22 -26.45
C VAL F 336 -3.88 36.94 -27.18
N VAL F 337 -3.82 36.99 -28.50
CA VAL F 337 -3.17 35.93 -29.30
C VAL F 337 -1.78 36.47 -29.69
N PRO F 338 -0.73 35.62 -29.71
CA PRO F 338 0.57 36.27 -29.87
C PRO F 338 0.98 36.52 -31.32
N VAL F 339 0.21 36.03 -32.28
CA VAL F 339 0.50 36.12 -33.71
C VAL F 339 -0.89 36.27 -34.29
N THR F 340 -1.02 37.10 -35.32
CA THR F 340 -2.22 37.17 -36.20
C THR F 340 -1.88 36.77 -37.64
N PHE F 341 -2.86 36.27 -38.38
CA PHE F 341 -2.63 35.91 -39.78
C PHE F 341 -3.96 35.63 -40.45
N ASP G 3 -16.93 3.25 16.09
CA ASP G 3 -18.40 3.05 15.91
C ASP G 3 -18.93 3.95 14.80
N VAL G 4 -19.65 3.35 13.86
CA VAL G 4 -20.48 4.15 12.97
C VAL G 4 -21.69 4.62 13.78
N VAL G 5 -22.13 5.81 13.48
CA VAL G 5 -23.27 6.40 14.15
C VAL G 5 -24.16 6.91 13.05
N THR G 6 -25.38 6.36 12.98
CA THR G 6 -26.32 6.78 11.96
C THR G 6 -27.29 7.76 12.63
N GLU G 7 -27.24 8.99 12.20
CA GLU G 7 -27.94 10.07 12.81
C GLU G 7 -29.36 10.11 12.30
N PHE G 8 -30.31 9.77 13.17
CA PHE G 8 -31.75 10.00 12.86
C PHE G 8 -32.25 11.18 13.67
N GLY G 9 -33.34 11.79 13.22
CA GLY G 9 -33.94 12.91 13.93
C GLY G 9 -35.01 12.42 14.92
N ALA G 10 -35.66 13.37 15.59
CA ALA G 10 -36.66 13.02 16.62
C ALA G 10 -37.42 14.29 16.92
N LEU G 11 -38.58 14.19 17.57
CA LEU G 11 -39.42 15.39 17.83
C LEU G 11 -38.68 16.49 18.61
N THR G 12 -37.72 16.06 19.43
CA THR G 12 -36.97 16.90 20.38
C THR G 12 -35.44 16.92 20.13
N ASP G 13 -35.02 16.42 18.96
CA ASP G 13 -33.61 16.41 18.59
C ASP G 13 -33.50 16.27 17.08
N TYR G 14 -33.48 17.43 16.45
CA TYR G 14 -33.24 17.53 15.04
C TYR G 14 -32.43 18.79 14.75
N ARG G 15 -31.72 18.81 13.64
CA ARG G 15 -30.94 20.00 13.33
C ARG G 15 -31.21 20.41 11.89
N LYS G 16 -32.21 21.25 11.72
CA LYS G 16 -32.71 21.59 10.40
C LYS G 16 -31.63 22.17 9.48
N GLY G 17 -31.66 21.79 8.20
CA GLY G 17 -30.74 22.34 7.21
C GLY G 17 -31.34 23.55 6.53
N GLY G 18 -31.01 23.73 5.26
CA GLY G 18 -31.62 24.81 4.47
C GLY G 18 -31.07 25.07 3.09
N VAL G 19 -31.61 26.12 2.47
CA VAL G 19 -31.23 26.50 1.13
C VAL G 19 -30.22 27.67 1.17
N GLU G 20 -29.05 27.41 0.59
CA GLU G 20 -28.06 28.43 0.41
C GLU G 20 -28.23 28.87 -1.04
N ILE G 21 -28.41 30.17 -1.23
CA ILE G 21 -28.70 30.75 -2.55
C ILE G 21 -27.47 31.27 -3.33
N ILE G 22 -27.47 30.99 -4.64
CA ILE G 22 -26.47 31.56 -5.53
C ILE G 22 -27.23 32.54 -6.41
N ASP G 23 -28.15 32.01 -7.22
CA ASP G 23 -29.02 32.85 -8.02
C ASP G 23 -30.40 32.21 -8.18
N ASP G 24 -31.28 32.41 -7.17
CA ASP G 24 -32.58 31.71 -7.09
C ASP G 24 -33.42 32.23 -5.92
N ASP G 25 -34.67 31.78 -5.88
CA ASP G 25 -35.65 32.06 -4.81
C ASP G 25 -35.74 30.87 -3.83
N PRO G 26 -35.47 31.10 -2.53
CA PRO G 26 -35.48 29.92 -1.67
C PRO G 26 -36.87 29.32 -1.44
N ARG G 27 -37.95 30.07 -1.74
CA ARG G 27 -39.33 29.55 -1.76
C ARG G 27 -39.49 28.40 -2.75
N ASN G 28 -38.78 28.50 -3.86
CA ASN G 28 -38.86 27.48 -4.89
C ASN G 28 -38.61 26.03 -4.40
N TYR G 29 -38.05 25.85 -3.21
CA TYR G 29 -37.69 24.52 -2.72
C TYR G 29 -38.55 23.99 -1.60
N VAL G 30 -39.51 24.82 -1.14
CA VAL G 30 -40.51 24.46 -0.13
C VAL G 30 -39.89 23.57 0.97
N PHE G 31 -38.90 24.15 1.62
CA PHE G 31 -38.07 23.44 2.57
C PHE G 31 -38.66 23.51 4.01
N SER G 32 -39.03 22.36 4.59
CA SER G 32 -39.37 22.23 6.01
C SER G 32 -38.68 21.03 6.64
N ASN G 33 -38.73 20.93 7.97
CA ASN G 33 -38.35 19.73 8.73
C ASN G 33 -39.57 19.02 9.35
N VAL G 34 -39.71 17.73 9.10
CA VAL G 34 -40.98 17.05 9.48
C VAL G 34 -41.12 16.97 11.00
N PHE G 35 -39.98 16.95 11.71
CA PHE G 35 -40.00 16.86 13.13
C PHE G 35 -40.43 18.18 13.77
N GLU G 36 -40.06 19.29 13.15
CA GLU G 36 -40.42 20.58 13.68
C GLU G 36 -41.86 20.87 13.37
N VAL G 37 -42.27 20.49 12.19
CA VAL G 37 -43.66 20.66 11.84
C VAL G 37 -44.58 19.85 12.80
N ALA G 38 -44.17 18.60 13.09
CA ALA G 38 -44.97 17.73 13.93
C ALA G 38 -45.05 18.38 15.28
N ALA G 39 -43.87 18.69 15.81
CA ALA G 39 -43.68 19.45 17.05
C ALA G 39 -44.61 20.68 17.20
N ASN G 40 -44.72 21.52 16.19
CA ASN G 40 -45.53 22.75 16.29
C ASN G 40 -47.01 22.56 15.96
N ALA G 41 -47.55 21.38 16.19
CA ALA G 41 -48.94 21.12 15.78
C ALA G 41 -49.82 20.44 16.86
N ALA G 42 -51.16 20.52 16.71
CA ALA G 42 -52.13 19.71 17.51
C ALA G 42 -51.86 18.19 17.37
N PRO G 43 -52.20 17.37 18.41
CA PRO G 43 -51.97 15.91 18.14
C PRO G 43 -52.88 15.40 16.98
N TYR G 44 -52.34 14.49 16.17
CA TYR G 44 -53.00 13.95 14.94
C TYR G 44 -53.40 14.90 13.84
N GLU G 45 -53.02 16.17 13.97
CA GLU G 45 -53.13 17.13 12.86
C GLU G 45 -52.16 16.72 11.79
N ARG G 46 -52.69 16.61 10.59
CA ARG G 46 -51.95 16.10 9.45
C ARG G 46 -51.56 17.26 8.54
N VAL G 47 -50.35 17.78 8.79
CA VAL G 47 -49.81 18.91 8.04
C VAL G 47 -49.08 18.42 6.78
N ALA G 48 -49.49 18.97 5.63
CA ALA G 48 -48.83 18.77 4.33
C ALA G 48 -47.38 19.27 4.33
N VAL G 49 -46.42 18.35 4.18
CA VAL G 49 -45.01 18.71 4.10
C VAL G 49 -44.45 18.49 2.68
N GLY G 50 -45.19 17.78 1.85
CA GLY G 50 -44.84 17.64 0.46
C GLY G 50 -46.13 17.55 -0.30
N LYS G 51 -46.11 18.01 -1.56
CA LYS G 51 -47.30 17.93 -2.39
C LYS G 51 -46.92 17.89 -3.86
N ASN G 52 -47.58 17.00 -4.59
CA ASN G 52 -47.39 16.87 -6.04
C ASN G 52 -48.70 16.58 -6.76
N PHE G 53 -49.28 17.64 -7.35
CA PHE G 53 -50.70 17.67 -7.70
C PHE G 53 -51.50 17.29 -6.48
N GLU G 54 -52.35 16.27 -6.63
CA GLU G 54 -53.24 15.82 -5.57
C GLU G 54 -52.52 15.06 -4.45
N TYR G 55 -51.38 14.41 -4.76
CA TYR G 55 -50.71 13.58 -3.76
C TYR G 55 -49.98 14.40 -2.71
N VAL G 56 -49.85 13.85 -1.49
CA VAL G 56 -49.24 14.56 -0.39
C VAL G 56 -48.41 13.66 0.50
N ILE G 57 -47.47 14.25 1.19
CA ILE G 57 -46.89 13.66 2.38
C ILE G 57 -47.35 14.53 3.52
N GLU G 58 -47.97 13.93 4.55
CA GLU G 58 -48.38 14.67 5.78
C GLU G 58 -47.58 14.26 7.02
N SER G 59 -47.25 15.25 7.82
CA SER G 59 -46.53 14.99 9.02
C SER G 59 -47.48 15.20 10.21
N ALA G 60 -47.34 14.34 11.21
CA ALA G 60 -48.24 14.40 12.33
C ALA G 60 -47.52 13.99 13.57
N ARG G 61 -48.05 14.44 14.71
CA ARG G 61 -47.52 14.04 15.99
C ARG G 61 -48.57 13.16 16.66
N ALA G 62 -48.18 11.92 16.93
CA ALA G 62 -49.04 10.97 17.61
C ALA G 62 -48.93 11.18 19.13
N GLU G 63 -50.00 11.67 19.74
CA GLU G 63 -50.00 11.69 21.19
C GLU G 63 -51.34 11.25 21.74
N GLY G 64 -51.31 10.13 22.48
CA GLY G 64 -52.52 9.50 23.05
C GLY G 64 -53.29 8.80 21.94
N THR G 65 -54.63 8.86 22.00
CA THR G 65 -55.50 8.14 21.07
C THR G 65 -56.19 9.05 20.07
N SER G 66 -55.98 8.76 18.79
CA SER G 66 -56.64 9.52 17.73
C SER G 66 -58.09 9.07 17.60
N GLY G 67 -58.90 9.85 16.90
CA GLY G 67 -60.15 9.34 16.37
C GLY G 67 -59.89 8.30 15.28
N TRP G 68 -60.97 7.71 14.75
CA TRP G 68 -60.85 6.75 13.66
C TRP G 68 -60.89 7.51 12.34
N PHE G 69 -60.12 7.02 11.38
CA PHE G 69 -60.13 7.57 10.01
C PHE G 69 -60.50 6.45 9.03
N SER G 70 -61.00 6.80 7.86
CA SER G 70 -61.02 5.87 6.73
C SER G 70 -60.79 6.53 5.37
N CYS G 71 -60.47 5.74 4.37
CA CYS G 71 -60.09 6.37 3.11
C CYS G 71 -60.58 5.59 1.91
N ALA G 72 -60.96 6.31 0.87
CA ALA G 72 -61.32 5.62 -0.36
C ALA G 72 -60.16 4.93 -1.06
N HIS G 73 -58.92 5.02 -0.57
CA HIS G 73 -57.78 4.34 -1.25
C HIS G 73 -56.76 3.95 -0.20
N ASP G 74 -55.69 3.24 -0.62
CA ASP G 74 -54.60 2.95 0.25
C ASP G 74 -53.88 4.21 0.70
N GLU G 75 -53.28 4.10 1.88
CA GLU G 75 -52.36 5.11 2.41
C GLU G 75 -51.30 4.36 3.13
N PHE G 76 -50.20 5.05 3.42
CA PHE G 76 -49.12 4.46 4.18
C PHE G 76 -48.73 5.35 5.33
N VAL G 77 -48.28 4.76 6.42
CA VAL G 77 -47.79 5.54 7.56
C VAL G 77 -46.44 4.99 7.94
N LEU G 78 -45.49 5.92 8.07
CA LEU G 78 -44.14 5.66 8.51
C LEU G 78 -43.91 6.30 9.88
N ALA G 79 -43.50 5.51 10.86
CA ALA G 79 -43.15 6.06 12.17
C ALA G 79 -41.74 6.66 12.05
N MET G 80 -41.64 7.92 12.46
CA MET G 80 -40.39 8.65 12.42
C MET G 80 -39.64 8.70 13.75
N ASP G 81 -40.39 8.60 14.86
CA ASP G 81 -39.79 8.74 16.18
C ASP G 81 -40.62 8.06 17.28
N GLY G 82 -40.10 6.99 17.89
CA GLY G 82 -40.82 6.32 18.97
C GLY G 82 -42.17 5.64 18.64
N GLN G 83 -42.60 4.82 19.58
CA GLN G 83 -43.60 3.82 19.39
C GLN G 83 -45.06 4.27 19.19
N ILE G 84 -45.65 3.83 18.07
CA ILE G 84 -47.08 4.01 17.75
C ILE G 84 -47.80 2.69 17.41
N GLU G 85 -48.93 2.49 18.07
CA GLU G 85 -49.84 1.39 17.76
C GLU G 85 -50.78 1.81 16.66
N VAL G 86 -50.98 0.89 15.71
CA VAL G 86 -52.07 1.07 14.78
C VAL G 86 -53.22 0.09 15.09
N HIS G 87 -54.43 0.63 15.16
CA HIS G 87 -55.64 -0.19 15.29
C HIS G 87 -56.44 -0.25 14.01
N LEU G 88 -56.67 -1.47 13.53
CA LEU G 88 -57.37 -1.68 12.27
C LEU G 88 -58.67 -2.44 12.47
N LEU G 89 -59.70 -1.87 11.87
CA LEU G 89 -61.05 -2.37 11.96
C LEU G 89 -61.62 -2.51 10.54
N LYS G 90 -61.99 -3.74 10.17
CA LYS G 90 -62.68 -4.00 8.88
C LYS G 90 -64.14 -3.54 8.83
N LEU G 91 -64.42 -2.46 8.08
CA LEU G 91 -65.74 -1.81 8.07
C LEU G 91 -66.85 -2.62 7.48
N ASP G 92 -67.98 -2.69 8.19
CA ASP G 92 -69.22 -3.33 7.67
C ASP G 92 -69.67 -2.75 6.35
N ASN G 93 -69.82 -1.42 6.30
CA ASN G 93 -70.31 -0.74 5.10
C ASN G 93 -69.43 0.46 4.96
N SER G 94 -68.20 0.26 4.45
CA SER G 94 -67.27 1.39 4.38
C SER G 94 -67.90 2.60 3.67
N ASP G 95 -68.76 2.34 2.69
CA ASP G 95 -69.56 3.40 2.03
C ASP G 95 -70.48 4.24 2.91
N ALA G 96 -70.85 3.75 4.09
CA ALA G 96 -71.60 4.59 5.01
C ALA G 96 -70.67 5.65 5.62
N TYR G 97 -69.40 5.29 5.83
CA TYR G 97 -68.42 6.22 6.41
C TYR G 97 -67.57 7.07 5.43
N VAL G 98 -67.43 6.67 4.17
CA VAL G 98 -66.51 7.35 3.23
C VAL G 98 -67.06 7.29 1.82
N ASP G 99 -67.33 8.45 1.22
CA ASP G 99 -67.64 8.50 -0.22
C ASP G 99 -66.47 7.89 -1.02
N PRO G 100 -66.76 6.89 -1.88
CA PRO G 100 -65.68 6.32 -2.69
C PRO G 100 -65.51 7.05 -4.02
N ASP G 101 -66.04 8.25 -4.12
CA ASP G 101 -65.63 9.17 -5.16
C ASP G 101 -64.46 10.04 -4.62
N SER G 102 -64.40 10.26 -3.30
CA SER G 102 -63.43 11.15 -2.66
C SER G 102 -61.97 10.62 -2.55
N GLU G 103 -61.07 11.48 -2.08
CA GLU G 103 -59.66 11.14 -1.87
C GLU G 103 -59.17 11.71 -0.56
N GLY G 104 -58.12 11.11 -0.01
CA GLY G 104 -57.58 11.55 1.27
C GLY G 104 -58.32 10.93 2.44
N ALA G 105 -57.72 11.00 3.62
CA ALA G 105 -58.33 10.37 4.77
C ALA G 105 -59.51 11.22 5.25
N VAL G 106 -60.51 10.57 5.84
CA VAL G 106 -61.68 11.22 6.43
C VAL G 106 -61.69 10.84 7.89
N ALA G 107 -61.86 11.82 8.76
CA ALA G 107 -62.01 11.54 10.19
C ALA G 107 -63.42 10.99 10.35
N ILE G 108 -63.58 9.90 11.09
CA ILE G 108 -64.91 9.26 11.17
C ILE G 108 -65.43 9.05 12.61
N GLY G 109 -65.00 9.92 13.52
CA GLY G 109 -65.41 9.89 14.93
C GLY G 109 -64.46 9.19 15.91
N GLU G 110 -64.65 9.49 17.21
CA GLU G 110 -63.94 8.82 18.31
C GLU G 110 -64.60 7.43 18.51
N ALA G 111 -65.95 7.43 18.42
CA ALA G 111 -66.83 6.26 18.43
C ALA G 111 -66.30 5.08 17.62
N LEU G 112 -66.33 3.89 18.23
CA LEU G 112 -65.91 2.65 17.57
C LEU G 112 -66.86 2.40 16.40
N PRO G 113 -66.36 2.41 15.15
CA PRO G 113 -67.29 2.27 14.01
C PRO G 113 -67.67 0.79 13.78
N GLU G 114 -68.69 0.55 12.97
CA GLU G 114 -69.26 -0.81 12.83
C GLU G 114 -68.36 -1.73 11.98
N GLY G 115 -67.83 -2.78 12.58
CA GLY G 115 -67.14 -3.75 11.78
C GLY G 115 -66.39 -4.72 12.63
N ARG G 116 -65.59 -5.57 11.99
CA ARG G 116 -64.82 -6.64 12.62
C ARG G 116 -63.36 -6.23 12.97
N LYS G 117 -62.87 -6.64 14.14
CA LYS G 117 -61.46 -6.44 14.48
C LYS G 117 -60.53 -7.06 13.39
N MET G 118 -59.70 -6.22 12.75
CA MET G 118 -58.71 -6.68 11.75
C MET G 118 -57.36 -7.04 12.34
N GLY G 119 -56.80 -6.11 13.09
CA GLY G 119 -55.51 -6.36 13.70
C GLY G 119 -54.88 -5.21 14.47
N ARG G 120 -53.65 -5.44 14.87
CA ARG G 120 -52.93 -4.48 15.64
C ARG G 120 -51.51 -4.47 15.14
N ILE G 121 -50.95 -3.25 15.02
CA ILE G 121 -49.54 -3.10 14.64
C ILE G 121 -48.84 -2.15 15.61
N VAL G 122 -47.68 -2.59 16.14
CA VAL G 122 -46.82 -1.71 16.95
C VAL G 122 -45.62 -1.28 16.12
N LEU G 123 -45.65 -0.01 15.73
CA LEU G 123 -44.58 0.62 14.98
C LEU G 123 -43.56 1.34 15.84
N ARG G 124 -42.28 1.13 15.57
CA ARG G 124 -41.24 2.01 16.14
C ARG G 124 -40.60 2.86 15.04
N ARG G 125 -39.53 3.60 15.37
CA ARG G 125 -38.90 4.52 14.41
C ARG G 125 -38.51 3.74 13.18
N GLY G 126 -38.95 4.21 12.02
CA GLY G 126 -38.52 3.64 10.70
C GLY G 126 -39.34 2.43 10.23
N HIS G 127 -40.42 2.14 10.94
CA HIS G 127 -41.36 1.07 10.58
C HIS G 127 -42.50 1.65 9.79
N MET G 128 -42.79 1.00 8.66
CA MET G 128 -43.93 1.45 7.81
C MET G 128 -45.00 0.38 7.81
N ALA G 129 -46.25 0.86 7.77
CA ALA G 129 -47.42 0.02 7.78
C ALA G 129 -48.39 0.45 6.70
N LEU G 130 -49.08 -0.52 6.14
CA LEU G 130 -50.21 -0.29 5.24
C LEU G 130 -51.49 0.04 6.00
N LEU G 131 -52.21 1.01 5.46
CA LEU G 131 -53.53 1.33 5.92
C LEU G 131 -54.40 1.10 4.67
N PRO G 132 -55.03 -0.10 4.57
CA PRO G 132 -55.75 -0.49 3.36
C PRO G 132 -57.13 0.12 3.24
N VAL G 133 -57.48 0.53 2.01
CA VAL G 133 -58.84 0.98 1.70
C VAL G 133 -59.84 -0.04 2.30
N GLY G 134 -60.99 0.45 2.79
CA GLY G 134 -61.98 -0.45 3.44
C GLY G 134 -61.81 -0.68 4.95
N ALA G 135 -60.59 -0.50 5.49
CA ALA G 135 -60.40 -0.58 6.92
C ALA G 135 -60.64 0.82 7.47
N ALA G 136 -60.94 0.90 8.76
CA ALA G 136 -60.89 2.18 9.47
C ALA G 136 -59.66 2.04 10.30
N TYR G 137 -58.94 3.14 10.52
CA TYR G 137 -57.80 3.01 11.41
C TYR G 137 -57.71 4.14 12.45
N ARG G 138 -57.01 3.84 13.53
CA ARG G 138 -56.69 4.85 14.51
C ARG G 138 -55.37 4.49 15.22
N PHE G 139 -54.78 5.47 15.90
CA PHE G 139 -53.46 5.29 16.53
C PHE G 139 -53.47 5.61 18.02
N TYR G 140 -52.47 5.09 18.71
CA TYR G 140 -52.22 5.46 20.08
C TYR G 140 -50.72 5.48 20.32
N ALA G 141 -50.25 6.55 20.93
CA ALA G 141 -48.90 6.57 21.51
C ALA G 141 -48.95 7.11 22.94
N GLU G 142 -48.42 6.31 23.87
CA GLU G 142 -48.30 6.66 25.28
C GLU G 142 -47.54 7.98 25.42
N GLN G 143 -46.36 8.08 24.77
CA GLN G 143 -45.59 9.32 24.72
C GLN G 143 -45.53 9.90 23.29
N PRO G 144 -45.48 11.24 23.15
CA PRO G 144 -45.50 11.85 21.82
C PRO G 144 -44.55 11.17 20.84
N ALA G 145 -45.01 11.03 19.59
CA ALA G 145 -44.21 10.40 18.53
C ALA G 145 -44.55 11.06 17.19
N ALA G 146 -43.54 11.09 16.32
CA ALA G 146 -43.67 11.65 14.99
C ALA G 146 -44.03 10.53 14.05
N MET G 147 -44.85 10.84 13.07
CA MET G 147 -45.17 9.87 12.01
C MET G 147 -45.48 10.60 10.71
N LEU G 148 -45.38 9.87 9.59
CA LEU G 148 -45.67 10.43 8.25
C LEU G 148 -46.72 9.60 7.50
N PHE G 149 -47.58 10.30 6.78
CA PHE G 149 -48.53 9.68 5.85
C PHE G 149 -48.19 9.87 4.36
N GLN G 150 -48.27 8.78 3.58
CA GLN G 150 -48.32 8.84 2.09
C GLN G 150 -49.78 8.79 1.65
N SER G 151 -50.33 9.90 1.18
CA SER G 151 -51.77 9.93 0.88
C SER G 151 -52.18 10.91 -0.21
N ILE G 152 -53.47 11.26 -0.23
CA ILE G 152 -53.99 12.22 -1.19
C ILE G 152 -54.63 13.40 -0.39
N GLU G 153 -54.62 14.61 -0.96
CA GLU G 153 -55.17 15.78 -0.27
C GLU G 153 -56.67 15.60 -0.05
N GLY G 154 -57.11 15.73 1.19
CA GLY G 154 -58.55 15.77 1.54
C GLY G 154 -58.87 16.49 2.84
N ALA G 155 -60.01 16.15 3.43
CA ALA G 155 -60.53 16.90 4.59
C ALA G 155 -59.66 16.87 5.83
N VAL G 156 -58.74 15.93 5.94
CA VAL G 156 -57.85 15.98 7.10
C VAL G 156 -56.56 16.77 6.87
N THR G 157 -56.31 17.18 5.63
CA THR G 157 -54.97 17.69 5.28
C THR G 157 -54.80 19.19 5.55
N VAL G 158 -53.87 19.53 6.44
CA VAL G 158 -53.65 20.93 6.78
C VAL G 158 -52.44 21.54 6.06
N GLN G 159 -52.75 22.60 5.31
CA GLN G 159 -51.79 23.34 4.50
C GLN G 159 -51.51 24.74 5.06
N LYS G 160 -50.22 25.00 5.29
CA LYS G 160 -49.73 26.19 5.96
C LYS G 160 -48.22 26.32 5.62
N TRP G 161 -47.94 26.37 4.31
CA TRP G 161 -46.57 26.47 3.74
C TRP G 161 -45.80 27.67 4.33
N GLY G 162 -46.45 28.83 4.29
CA GLY G 162 -45.91 30.08 4.86
C GLY G 162 -45.33 29.95 6.26
N GLU G 163 -45.93 29.14 7.10
CA GLU G 163 -45.49 29.12 8.47
C GLU G 163 -44.47 28.04 8.70
N ILE G 164 -44.41 27.08 7.78
CA ILE G 164 -43.58 25.88 7.98
C ILE G 164 -42.32 25.85 7.13
N CYS G 165 -42.33 26.54 5.99
CA CYS G 165 -41.22 26.46 5.03
C CYS G 165 -40.18 27.57 5.13
N GLN G 166 -38.92 27.27 4.73
CA GLN G 166 -37.86 28.28 4.67
C GLN G 166 -38.24 29.38 3.69
N THR G 167 -38.29 30.60 4.22
CA THR G 167 -38.70 31.78 3.45
C THR G 167 -37.52 32.65 3.01
N ILE H 9 -31.47 14.28 -45.44
CA ILE H 9 -31.58 15.78 -45.34
C ILE H 9 -33.04 16.29 -45.49
N ILE H 10 -33.90 15.52 -46.18
CA ILE H 10 -35.36 15.82 -46.31
C ILE H 10 -36.25 14.99 -45.38
N ASP H 11 -37.31 15.61 -44.89
CA ASP H 11 -38.10 15.13 -43.76
C ASP H 11 -39.64 15.26 -44.00
N PHE H 12 -40.42 14.20 -43.79
CA PHE H 12 -41.88 14.32 -43.95
C PHE H 12 -42.68 14.30 -42.63
N GLY H 13 -42.17 14.98 -41.61
CA GLY H 13 -42.95 15.30 -40.40
C GLY H 13 -43.12 14.21 -39.35
N ASP H 14 -42.86 12.97 -39.74
CA ASP H 14 -43.04 11.85 -38.82
C ASP H 14 -41.69 11.12 -38.66
N SER H 15 -40.61 11.90 -38.55
CA SER H 15 -39.21 11.42 -38.41
C SER H 15 -39.01 10.24 -37.41
N LYS H 16 -38.75 9.03 -37.95
CA LYS H 16 -38.72 7.78 -37.18
C LYS H 16 -37.50 7.71 -36.27
N ALA H 17 -37.68 7.12 -35.08
CA ALA H 17 -36.61 6.94 -34.09
C ALA H 17 -35.60 5.92 -34.57
N ARG H 18 -34.30 6.24 -34.41
CA ARG H 18 -33.22 5.30 -34.82
C ARG H 18 -33.16 4.00 -34.05
N THR H 19 -32.64 2.98 -34.74
CA THR H 19 -32.43 1.65 -34.16
C THR H 19 -31.01 1.13 -34.49
N ASP H 20 -30.20 1.95 -35.19
CA ASP H 20 -28.92 1.50 -35.75
C ASP H 20 -27.81 1.61 -34.71
N THR H 21 -27.36 0.47 -34.22
CA THR H 21 -26.20 0.46 -33.31
C THR H 21 -25.32 -0.71 -33.74
N GLU H 22 -24.07 -0.74 -33.29
CA GLU H 22 -23.23 -1.87 -33.59
C GLU H 22 -22.03 -2.00 -32.69
N HIS H 23 -21.50 -3.19 -32.64
CA HIS H 23 -20.25 -3.48 -31.98
C HIS H 23 -19.09 -3.08 -32.91
N LEU H 24 -18.02 -2.51 -32.40
CA LEU H 24 -16.88 -2.24 -33.27
C LEU H 24 -15.86 -3.27 -32.83
N ALA H 25 -14.59 -3.15 -33.19
CA ALA H 25 -13.65 -4.26 -32.82
C ALA H 25 -13.14 -4.14 -31.40
N ILE H 26 -12.58 -5.23 -30.86
CA ILE H 26 -11.77 -5.19 -29.67
C ILE H 26 -10.43 -4.60 -30.04
N ASN H 27 -10.09 -3.46 -29.44
CA ASN H 27 -8.71 -2.91 -29.47
C ASN H 27 -7.81 -3.92 -28.79
N ASN H 28 -6.76 -4.34 -29.50
CA ASN H 28 -5.93 -5.43 -28.96
C ASN H 28 -4.90 -4.99 -27.88
N GLU H 29 -4.66 -3.68 -27.75
CA GLU H 29 -3.87 -3.18 -26.62
C GLU H 29 -4.71 -3.05 -25.32
N THR H 30 -5.79 -2.27 -25.34
CA THR H 30 -6.59 -2.07 -24.16
C THR H 30 -7.46 -3.30 -23.82
N GLY H 31 -7.83 -4.09 -24.82
CA GLY H 31 -8.73 -5.21 -24.62
C GLY H 31 -10.21 -4.86 -24.63
N TYR H 32 -10.58 -3.59 -24.84
CA TYR H 32 -12.00 -3.18 -24.77
C TYR H 32 -12.57 -3.07 -26.18
N ARG H 33 -13.87 -3.29 -26.31
CA ARG H 33 -14.57 -3.18 -27.55
C ARG H 33 -15.13 -1.77 -27.63
N SER H 34 -15.12 -1.21 -28.82
CA SER H 34 -15.78 0.06 -28.99
C SER H 34 -17.18 -0.14 -29.63
N PHE H 35 -18.04 0.88 -29.55
CA PHE H 35 -19.45 0.72 -29.91
C PHE H 35 -20.01 1.98 -30.61
N ARG H 36 -21.06 1.80 -31.42
CA ARG H 36 -21.69 2.92 -32.11
C ARG H 36 -23.19 2.87 -31.88
N ALA H 37 -23.83 4.03 -31.81
CA ALA H 37 -25.26 4.12 -31.66
C ALA H 37 -25.57 5.34 -32.46
N GLY H 38 -26.19 5.16 -33.62
CA GLY H 38 -26.45 6.25 -34.56
C GLY H 38 -25.15 6.95 -34.92
N GLY H 39 -25.08 8.26 -34.66
CA GLY H 39 -23.85 9.03 -34.95
C GLY H 39 -22.79 8.99 -33.85
N PHE H 40 -23.15 8.45 -32.67
CA PHE H 40 -22.26 8.41 -31.51
C PHE H 40 -21.35 7.17 -31.50
N THR H 41 -20.07 7.38 -31.23
CA THR H 41 -19.24 6.21 -30.94
C THR H 41 -18.67 6.35 -29.49
N PHE H 42 -18.39 5.18 -28.89
CA PHE H 42 -18.01 5.05 -27.48
C PHE H 42 -16.77 4.16 -27.42
N THR H 43 -15.66 4.71 -26.91
CA THR H 43 -14.43 3.97 -26.82
C THR H 43 -13.92 4.26 -25.39
N ARG H 44 -13.35 3.25 -24.71
CA ARG H 44 -12.67 3.56 -23.47
C ARG H 44 -11.22 3.17 -23.57
N ASP H 45 -10.39 3.78 -22.74
CA ASP H 45 -9.00 3.30 -22.64
C ASP H 45 -8.66 3.11 -21.17
N GLU H 46 -7.41 3.22 -20.81
CA GLU H 46 -6.99 2.94 -19.42
C GLU H 46 -7.68 3.85 -18.40
N TYR H 47 -8.02 5.06 -18.82
CA TYR H 47 -8.54 6.06 -17.90
C TYR H 47 -9.84 6.72 -18.33
N PHE H 48 -10.15 6.69 -19.63
CA PHE H 48 -11.19 7.56 -20.15
C PHE H 48 -12.31 6.85 -20.94
N ALA H 49 -13.52 7.41 -20.83
CA ALA H 49 -14.49 7.18 -21.88
C ALA H 49 -14.36 8.32 -22.93
N ARG H 50 -14.25 7.92 -24.20
CA ARG H 50 -14.07 8.82 -25.35
C ARG H 50 -15.32 8.79 -26.20
N LEU H 51 -15.98 9.94 -26.30
CA LEU H 51 -17.24 10.01 -26.98
C LEU H 51 -17.00 10.82 -28.27
N THR H 52 -17.57 10.38 -29.39
CA THR H 52 -17.61 11.20 -30.58
C THR H 52 -19.02 11.24 -31.13
N TRP H 53 -19.30 12.32 -31.84
CA TRP H 53 -20.47 12.42 -32.72
C TRP H 53 -20.09 13.33 -33.91
N PRO H 54 -20.97 13.40 -34.95
CA PRO H 54 -20.57 14.22 -36.11
C PRO H 54 -20.28 15.65 -35.71
N GLY H 55 -19.03 16.05 -35.89
CA GLY H 55 -18.64 17.40 -35.52
C GLY H 55 -18.11 17.64 -34.11
N GLY H 56 -18.14 16.64 -33.24
CA GLY H 56 -17.63 16.83 -31.89
C GLY H 56 -17.08 15.61 -31.19
N SER H 57 -16.47 15.88 -30.05
CA SER H 57 -15.84 14.84 -29.23
C SER H 57 -15.91 15.29 -27.79
N HIS H 58 -15.81 14.36 -26.87
CA HIS H 58 -15.78 14.70 -25.44
C HIS H 58 -15.11 13.55 -24.70
N ILE H 59 -14.56 13.85 -23.52
CA ILE H 59 -13.90 12.86 -22.72
C ILE H 59 -14.50 12.91 -21.36
N ILE H 60 -14.70 11.74 -20.74
CA ILE H 60 -15.16 11.62 -19.34
C ILE H 60 -14.25 10.60 -18.64
N PRO H 61 -13.73 10.92 -17.44
CA PRO H 61 -13.07 9.84 -16.68
C PRO H 61 -13.91 8.54 -16.56
N ILE H 62 -13.26 7.38 -16.66
CA ILE H 62 -14.02 6.18 -16.87
C ILE H 62 -14.87 5.80 -15.65
N ASP H 63 -14.42 6.18 -14.43
CA ASP H 63 -15.11 5.77 -13.22
C ASP H 63 -16.43 6.53 -13.13
N ALA H 64 -16.33 7.84 -13.28
CA ALA H 64 -17.51 8.71 -13.47
C ALA H 64 -18.47 8.27 -14.58
N PHE H 65 -17.92 7.90 -15.74
CA PHE H 65 -18.75 7.46 -16.88
C PHE H 65 -19.51 6.19 -16.56
N LEU H 66 -18.79 5.19 -16.07
CA LEU H 66 -19.40 3.90 -15.70
C LEU H 66 -20.38 4.00 -14.56
N ARG H 67 -20.08 4.83 -13.54
CA ARG H 67 -21.06 5.09 -12.48
C ARG H 67 -22.33 5.71 -13.02
N ALA H 68 -22.21 6.61 -13.99
CA ALA H 68 -23.39 7.32 -14.59
C ALA H 68 -24.14 6.35 -15.51
N MET H 69 -23.38 5.58 -16.29
CA MET H 69 -23.94 4.56 -17.19
C MET H 69 -24.71 3.53 -16.36
N MET H 70 -24.15 3.06 -15.25
CA MET H 70 -24.88 2.08 -14.39
C MET H 70 -26.28 2.63 -14.04
N ARG H 71 -26.33 3.89 -13.64
CA ARG H 71 -27.64 4.43 -13.25
C ARG H 71 -28.60 4.50 -14.41
N ASP H 72 -28.16 5.03 -15.55
CA ASP H 72 -29.07 5.15 -16.70
C ASP H 72 -29.62 3.77 -17.16
N VAL H 73 -28.75 2.76 -17.18
CA VAL H 73 -29.17 1.38 -17.39
C VAL H 73 -30.13 0.81 -16.33
N ALA H 74 -29.73 0.85 -15.08
CA ALA H 74 -30.56 0.28 -13.99
C ALA H 74 -31.93 0.96 -13.89
N TRP H 75 -32.01 2.24 -14.23
CA TRP H 75 -33.29 2.95 -14.13
C TRP H 75 -34.09 2.96 -15.41
N GLY H 76 -33.60 2.28 -16.45
CA GLY H 76 -34.28 2.30 -17.76
C GLY H 76 -34.48 3.70 -18.38
N PHE H 77 -33.46 4.57 -18.24
CA PHE H 77 -33.51 5.96 -18.69
C PHE H 77 -34.27 6.87 -17.75
N PHE H 78 -35.01 6.33 -16.77
CA PHE H 78 -35.48 7.11 -15.60
C PHE H 78 -36.53 8.10 -16.04
N TYR H 79 -36.60 9.25 -15.38
CA TYR H 79 -37.48 10.36 -15.78
C TYR H 79 -36.74 11.61 -16.33
N GLY H 80 -37.14 12.10 -17.51
CA GLY H 80 -36.57 13.34 -18.03
C GLY H 80 -35.09 13.21 -18.32
N VAL H 81 -34.30 14.20 -17.88
CA VAL H 81 -32.90 14.29 -18.30
C VAL H 81 -31.92 13.64 -17.33
N VAL H 82 -31.17 12.67 -17.84
CA VAL H 82 -30.04 12.12 -17.10
C VAL H 82 -28.77 12.69 -17.76
N ASN H 83 -28.20 13.69 -17.11
CA ASN H 83 -26.97 14.33 -17.57
C ASN H 83 -25.79 13.53 -17.02
N PHE H 84 -24.97 12.95 -17.89
CA PHE H 84 -23.80 12.24 -17.38
C PHE H 84 -22.89 13.32 -16.87
N ASP H 85 -22.94 14.49 -17.50
CA ASP H 85 -22.13 15.63 -17.09
C ASP H 85 -22.69 16.85 -17.81
N HIS H 86 -21.88 17.92 -17.84
CA HIS H 86 -22.27 19.20 -18.42
C HIS H 86 -22.46 19.08 -19.93
N VAL H 87 -22.14 17.90 -20.51
CA VAL H 87 -22.20 17.74 -21.99
C VAL H 87 -23.13 16.62 -22.47
N PHE H 88 -22.85 15.42 -22.00
CA PHE H 88 -23.43 14.24 -22.58
C PHE H 88 -24.59 13.71 -21.71
N GLY H 89 -25.65 13.19 -22.33
CA GLY H 89 -26.73 12.54 -21.52
C GLY H 89 -27.86 12.00 -22.37
N THR H 90 -29.00 11.66 -21.73
CA THR H 90 -30.16 11.14 -22.43
C THR H 90 -31.41 11.80 -21.90
N ILE H 91 -32.48 11.81 -22.69
CA ILE H 91 -33.79 12.31 -22.26
C ILE H 91 -34.71 11.14 -22.46
N ASN H 92 -35.45 10.80 -21.43
CA ASN H 92 -36.44 9.76 -21.61
C ASN H 92 -37.73 10.33 -22.19
N HIS H 93 -38.16 9.76 -23.32
CA HIS H 93 -39.46 10.05 -23.98
C HIS H 93 -40.40 8.84 -23.82
N TYR H 94 -40.01 7.87 -22.98
CA TYR H 94 -40.88 6.76 -22.57
C TYR H 94 -41.25 5.81 -23.70
N GLY H 95 -40.28 5.00 -24.12
CA GLY H 95 -40.44 4.16 -25.32
C GLY H 95 -39.46 4.67 -26.39
N GLU H 96 -39.19 5.98 -26.40
CA GLU H 96 -38.05 6.56 -27.14
C GLU H 96 -37.16 7.38 -26.21
N VAL H 97 -35.92 7.63 -26.68
CA VAL H 97 -34.89 8.32 -25.87
C VAL H 97 -33.97 9.14 -26.74
N THR H 98 -33.74 10.36 -26.33
CA THR H 98 -32.78 11.17 -27.01
C THR H 98 -31.42 11.09 -26.30
N MET H 99 -30.37 10.77 -27.05
CA MET H 99 -29.00 10.90 -26.56
C MET H 99 -28.42 12.15 -27.13
N PHE H 100 -27.71 12.94 -26.30
CA PHE H 100 -27.23 14.25 -26.72
C PHE H 100 -25.79 14.57 -26.31
N ALA H 101 -25.21 15.55 -27.01
CA ALA H 101 -23.95 16.18 -26.64
C ALA H 101 -24.24 17.66 -26.73
N GLY H 102 -24.22 18.34 -25.60
CA GLY H 102 -24.38 19.78 -25.57
C GLY H 102 -25.81 20.34 -25.48
N ARG H 103 -26.81 19.48 -25.33
CA ARG H 103 -28.18 19.95 -25.49
C ARG H 103 -28.57 20.89 -24.37
N PHE H 104 -27.93 20.71 -23.22
CA PHE H 104 -28.26 21.49 -22.02
C PHE H 104 -27.03 22.28 -21.51
N ASN H 105 -26.25 22.74 -22.50
CA ASN H 105 -25.02 23.51 -22.29
C ASN H 105 -25.10 24.83 -23.11
N ASP H 106 -25.19 25.99 -22.44
CA ASP H 106 -25.36 27.30 -23.12
C ASP H 106 -24.28 27.51 -24.22
N ALA H 107 -23.01 27.29 -23.84
CA ALA H 107 -21.89 27.38 -24.76
C ALA H 107 -22.15 26.66 -26.07
N TYR H 108 -22.62 25.41 -25.98
CA TYR H 108 -22.90 24.61 -27.19
C TYR H 108 -24.16 25.09 -27.87
N ARG H 109 -25.18 25.38 -27.06
CA ARG H 109 -26.49 25.76 -27.61
C ARG H 109 -26.39 27.07 -28.39
N ASN H 110 -25.91 28.11 -27.75
CA ASN H 110 -25.67 29.36 -28.45
C ASN H 110 -24.91 29.23 -29.76
N ALA H 111 -23.89 28.38 -29.83
CA ALA H 111 -23.10 28.34 -31.04
C ALA H 111 -23.61 27.35 -32.07
N GLY H 112 -24.78 26.76 -31.82
CA GLY H 112 -25.32 25.71 -32.73
C GLY H 112 -24.54 24.40 -32.81
N ARG H 113 -23.76 24.11 -31.78
CA ARG H 113 -22.88 22.95 -31.82
C ARG H 113 -23.39 21.70 -31.07
N ASP H 114 -24.49 21.83 -30.34
CA ASP H 114 -25.15 20.68 -29.70
C ASP H 114 -25.57 19.65 -30.75
N HIS H 115 -25.61 18.38 -30.37
CA HIS H 115 -26.02 17.31 -31.27
C HIS H 115 -26.94 16.35 -30.51
N GLU H 116 -28.08 15.97 -31.10
CA GLU H 116 -29.09 15.11 -30.45
C GLU H 116 -29.44 14.06 -31.47
N GLU H 117 -29.61 12.82 -31.01
CA GLU H 117 -30.20 11.72 -31.81
C GLU H 117 -31.30 10.95 -31.03
N ARG H 118 -32.43 10.68 -31.69
CA ARG H 118 -33.58 10.06 -31.02
C ARG H 118 -33.62 8.57 -31.37
N PHE H 119 -33.63 7.71 -30.35
CA PHE H 119 -33.64 6.26 -30.60
C PHE H 119 -34.90 5.61 -30.08
N LYS H 120 -35.20 4.43 -30.59
CA LYS H 120 -36.06 3.49 -29.87
C LYS H 120 -35.33 2.95 -28.63
N SER H 121 -35.96 3.14 -27.48
CA SER H 121 -35.35 2.83 -26.19
C SER H 121 -34.68 1.46 -26.13
N SER H 122 -35.35 0.40 -26.56
CA SER H 122 -34.71 -0.91 -26.43
C SER H 122 -33.46 -1.06 -27.27
N ALA H 123 -33.39 -0.39 -28.44
CA ALA H 123 -32.17 -0.37 -29.26
C ALA H 123 -31.05 0.36 -28.49
N LEU H 124 -31.33 1.55 -27.94
CA LEU H 124 -30.28 2.26 -27.21
C LEU H 124 -29.89 1.50 -25.94
N MET H 125 -30.90 1.12 -25.15
CA MET H 125 -30.67 0.34 -23.96
C MET H 125 -29.80 -0.89 -24.20
N ALA H 126 -29.95 -1.57 -25.35
CA ALA H 126 -29.11 -2.79 -25.51
C ALA H 126 -27.62 -2.49 -25.80
N VAL H 127 -27.34 -1.37 -26.46
CA VAL H 127 -25.93 -0.98 -26.65
C VAL H 127 -25.33 -0.51 -25.33
N PHE H 128 -26.13 0.21 -24.54
CA PHE H 128 -25.71 0.67 -23.22
C PHE H 128 -25.32 -0.49 -22.30
N LYS H 129 -26.09 -1.56 -22.27
CA LYS H 129 -25.68 -2.74 -21.53
C LYS H 129 -24.42 -3.42 -22.06
N ASP H 130 -24.28 -3.45 -23.39
CA ASP H 130 -23.07 -3.99 -23.99
C ASP H 130 -21.83 -3.16 -23.56
N ILE H 131 -22.00 -1.83 -23.54
CA ILE H 131 -20.99 -0.92 -23.04
C ILE H 131 -20.62 -1.16 -21.57
N LEU H 132 -21.65 -1.24 -20.71
CA LEU H 132 -21.47 -1.41 -19.29
C LEU H 132 -20.77 -2.74 -19.03
N SER H 133 -21.23 -3.79 -19.69
CA SER H 133 -20.58 -5.09 -19.50
C SER H 133 -19.13 -5.10 -19.96
N ASP H 134 -18.87 -4.70 -21.20
CA ASP H 134 -17.52 -4.78 -21.73
C ASP H 134 -16.54 -3.94 -20.93
N TRP H 135 -16.98 -2.77 -20.49
CA TRP H 135 -16.07 -1.77 -19.85
C TRP H 135 -15.84 -1.90 -18.36
N THR H 136 -16.66 -2.71 -17.69
CA THR H 136 -16.53 -2.96 -16.30
C THR H 136 -15.58 -4.17 -16.11
N VAL H 137 -14.57 -4.04 -15.28
CA VAL H 137 -13.66 -5.13 -15.09
C VAL H 137 -13.91 -5.80 -13.77
N GLU H 138 -13.22 -6.92 -13.57
CA GLU H 138 -13.37 -7.70 -12.39
C GLU H 138 -13.01 -6.87 -11.16
N GLY H 139 -13.83 -7.02 -10.14
CA GLY H 139 -13.54 -6.36 -8.89
C GLY H 139 -14.02 -4.92 -8.81
N TYR H 140 -14.60 -4.38 -9.90
CA TYR H 140 -15.16 -3.03 -9.93
C TYR H 140 -16.68 -3.03 -10.04
N ASP H 141 -17.34 -2.34 -9.10
CA ASP H 141 -18.75 -2.31 -9.02
C ASP H 141 -19.19 -0.87 -9.12
N PRO H 142 -19.70 -0.47 -10.32
CA PRO H 142 -20.04 0.94 -10.56
C PRO H 142 -21.33 1.35 -9.83
N PHE H 143 -21.98 0.42 -9.14
CA PHE H 143 -23.16 0.75 -8.31
C PHE H 143 -22.75 1.04 -6.85
N ALA H 144 -21.48 0.86 -6.51
CA ALA H 144 -21.07 1.03 -5.11
C ALA H 144 -20.36 2.37 -4.90
N ALA H 145 -20.15 2.74 -3.65
CA ALA H 145 -19.33 3.93 -3.32
C ALA H 145 -17.89 3.60 -3.48
N PRO H 146 -16.99 4.62 -3.62
CA PRO H 146 -15.61 4.24 -3.95
C PRO H 146 -14.88 3.44 -2.85
N MET H 147 -15.22 3.66 -1.59
CA MET H 147 -14.57 2.87 -0.52
C MET H 147 -15.03 1.42 -0.48
N GLU H 148 -16.14 1.12 -1.14
CA GLU H 148 -16.63 -0.24 -1.15
C GLU H 148 -16.07 -1.10 -2.27
N THR H 149 -15.29 -0.55 -3.18
CA THR H 149 -15.06 -1.30 -4.39
C THR H 149 -13.65 -1.16 -4.97
N GLY H 150 -13.32 -1.95 -5.98
CA GLY H 150 -12.02 -1.86 -6.68
C GLY H 150 -11.97 -0.66 -7.66
N LEU H 151 -11.02 -0.71 -8.57
CA LEU H 151 -10.82 0.37 -9.51
C LEU H 151 -11.09 -0.09 -10.92
N PRO H 152 -11.61 0.82 -11.76
CA PRO H 152 -11.88 0.54 -13.15
C PRO H 152 -10.63 0.82 -14.07
N TRP H 153 -9.52 1.36 -13.54
CA TRP H 153 -8.41 1.75 -14.44
C TRP H 153 -7.68 0.59 -15.16
N GLY H 154 -7.02 0.90 -16.29
CA GLY H 154 -6.18 -0.05 -16.98
C GLY H 154 -6.91 -0.84 -18.06
N ILE H 155 -6.21 -1.89 -18.46
CA ILE H 155 -6.53 -2.81 -19.53
C ILE H 155 -7.70 -3.64 -19.08
N LYS H 156 -8.53 -4.09 -20.03
CA LYS H 156 -9.57 -5.08 -19.72
C LYS H 156 -9.00 -6.23 -18.89
N ASN H 157 -9.60 -6.50 -17.73
CA ASN H 157 -9.21 -7.63 -16.94
C ASN H 157 -10.48 -8.23 -16.39
N GLY H 158 -11.04 -9.18 -17.11
CA GLY H 158 -12.20 -9.88 -16.61
C GLY H 158 -13.41 -8.95 -16.67
N ASN H 159 -14.44 -9.27 -15.90
CA ASN H 159 -15.71 -8.51 -15.97
C ASN H 159 -16.38 -8.54 -14.62
N ASN H 160 -17.43 -7.74 -14.46
CA ASN H 160 -18.21 -7.86 -13.28
C ASN H 160 -19.69 -7.88 -13.67
N ASP H 161 -20.05 -8.81 -14.55
CA ASP H 161 -21.40 -8.88 -15.10
C ASP H 161 -22.42 -8.99 -13.98
N GLU H 162 -22.02 -9.60 -12.88
CA GLU H 162 -22.94 -9.75 -11.76
C GLU H 162 -23.34 -8.44 -11.15
N ALA H 163 -22.36 -7.58 -10.83
CA ALA H 163 -22.69 -6.29 -10.23
C ALA H 163 -23.56 -5.45 -11.10
N ILE H 164 -23.31 -5.50 -12.41
CA ILE H 164 -24.05 -4.64 -13.34
C ILE H 164 -25.37 -5.22 -13.83
N SER H 165 -25.69 -6.45 -13.41
CA SER H 165 -26.90 -7.21 -13.79
C SER H 165 -27.94 -7.40 -12.69
N ARG H 166 -27.88 -6.56 -11.66
CA ARG H 166 -28.75 -6.76 -10.52
C ARG H 166 -30.20 -6.50 -10.90
N GLN H 167 -31.11 -7.33 -10.42
CA GLN H 167 -32.56 -7.17 -10.71
C GLN H 167 -33.12 -5.90 -10.11
N ARG H 168 -33.91 -5.18 -10.90
CA ARG H 168 -34.73 -4.08 -10.40
C ARG H 168 -35.63 -4.65 -9.29
N VAL H 169 -35.91 -3.86 -8.26
CA VAL H 169 -36.82 -4.24 -7.18
C VAL H 169 -37.80 -3.06 -7.11
N THR H 170 -39.09 -3.37 -7.15
CA THR H 170 -40.17 -2.39 -7.25
C THR H 170 -41.38 -3.00 -6.57
N ALA H 171 -41.87 -2.34 -5.51
CA ALA H 171 -43.10 -2.76 -4.81
C ALA H 171 -44.25 -2.46 -5.72
N ARG H 172 -45.26 -3.32 -5.74
CA ARG H 172 -46.47 -3.02 -6.47
C ARG H 172 -47.44 -2.32 -5.58
N ARG H 173 -47.39 -2.63 -4.29
CA ARG H 173 -48.25 -2.02 -3.34
C ARG H 173 -47.46 -1.67 -2.07
N MET H 174 -46.85 -2.66 -1.42
CA MET H 174 -45.91 -2.36 -0.33
C MET H 174 -44.89 -3.48 -0.16
N VAL H 175 -43.66 -3.13 0.20
CA VAL H 175 -42.71 -4.15 0.58
C VAL H 175 -43.38 -5.10 1.56
N GLY H 176 -43.11 -6.39 1.41
CA GLY H 176 -43.54 -7.40 2.40
C GLY H 176 -44.94 -7.96 2.30
N LEU H 177 -45.83 -7.38 1.49
CA LEU H 177 -47.17 -7.99 1.27
C LEU H 177 -47.06 -9.31 0.52
N PRO H 178 -48.10 -10.19 0.63
CA PRO H 178 -48.08 -11.45 -0.13
C PRO H 178 -47.90 -11.24 -1.66
N GLY H 179 -46.96 -11.98 -2.26
CA GLY H 179 -46.63 -11.85 -3.71
C GLY H 179 -45.94 -10.54 -4.08
N ASP H 180 -45.66 -9.67 -3.11
CA ASP H 180 -45.06 -8.37 -3.40
C ASP H 180 -43.56 -8.43 -3.07
N THR H 181 -42.84 -7.34 -3.31
CA THR H 181 -41.38 -7.36 -3.12
C THR H 181 -41.05 -7.66 -1.64
N PRO H 182 -40.14 -8.62 -1.38
CA PRO H 182 -39.94 -9.08 -0.01
C PRO H 182 -38.97 -8.23 0.83
N VAL H 183 -39.04 -8.42 2.13
CA VAL H 183 -38.16 -7.86 3.16
C VAL H 183 -36.75 -8.40 2.96
N ARG H 184 -35.75 -7.56 3.19
CA ARG H 184 -34.37 -7.97 2.94
C ARG H 184 -33.84 -8.61 4.21
N THR H 185 -33.02 -9.64 4.05
CA THR H 185 -32.43 -10.37 5.17
C THR H 185 -31.06 -10.91 4.75
N ASP H 186 -30.27 -11.36 5.72
CA ASP H 186 -28.99 -11.95 5.34
C ASP H 186 -29.25 -13.10 4.45
N ALA H 187 -30.26 -13.90 4.78
CA ALA H 187 -30.51 -15.16 4.03
C ALA H 187 -30.95 -14.93 2.54
N ASN H 188 -31.62 -13.82 2.21
CA ASN H 188 -31.90 -13.60 0.78
C ASN H 188 -30.88 -12.71 0.09
N GLY H 189 -29.68 -12.57 0.64
CA GLY H 189 -28.58 -11.87 -0.04
C GLY H 189 -28.30 -10.45 0.41
N PHE H 190 -28.95 -9.99 1.47
CA PHE H 190 -28.90 -8.57 1.84
C PHE H 190 -28.44 -8.20 3.28
N PRO H 191 -27.12 -8.34 3.55
CA PRO H 191 -26.63 -8.03 4.89
C PRO H 191 -26.62 -6.51 5.15
N VAL H 192 -26.55 -6.09 6.41
CA VAL H 192 -26.53 -4.67 6.81
C VAL H 192 -25.23 -4.02 6.30
N ASN H 193 -25.34 -2.85 5.68
CA ASN H 193 -24.11 -2.22 5.15
C ASN H 193 -23.19 -1.76 6.33
N ARG H 194 -21.86 -1.89 6.19
CA ARG H 194 -20.96 -1.51 7.31
C ARG H 194 -21.27 -0.11 7.83
N GLN H 195 -21.78 0.77 6.98
CA GLN H 195 -22.10 2.14 7.46
C GLN H 195 -23.47 2.33 8.04
N PHE H 196 -24.19 1.22 8.18
CA PHE H 196 -25.42 1.22 8.94
C PHE H 196 -25.37 0.18 10.07
N ALA H 197 -24.17 -0.25 10.45
CA ALA H 197 -24.01 -1.31 11.47
C ALA H 197 -24.83 -1.09 12.75
N ASP H 198 -25.18 0.15 13.06
CA ASP H 198 -25.95 0.46 14.27
C ASP H 198 -27.46 0.65 14.04
N VAL H 199 -27.94 0.37 12.83
CA VAL H 199 -29.36 0.65 12.60
C VAL H 199 -30.16 -0.51 13.19
N PRO H 200 -31.17 -0.23 14.05
CA PRO H 200 -32.10 -1.27 14.58
C PRO H 200 -32.80 -2.15 13.49
N GLN H 201 -32.62 -3.46 13.57
CA GLN H 201 -33.13 -4.38 12.56
C GLN H 201 -34.52 -5.03 12.87
N GLU H 202 -35.01 -4.98 14.11
CA GLU H 202 -36.34 -5.57 14.44
C GLU H 202 -37.49 -5.07 13.54
N GLN H 203 -38.32 -6.02 13.10
CA GLN H 203 -39.61 -5.76 12.41
C GLN H 203 -40.65 -5.27 13.41
N PRO H 204 -41.60 -4.41 12.99
CA PRO H 204 -42.62 -4.03 13.98
C PRO H 204 -43.47 -5.25 14.43
N VAL H 205 -44.26 -5.07 15.49
CA VAL H 205 -45.14 -6.14 15.93
C VAL H 205 -46.42 -6.13 15.08
N VAL H 206 -46.70 -7.26 14.43
CA VAL H 206 -47.89 -7.35 13.55
C VAL H 206 -48.77 -8.51 14.02
N GLU H 207 -49.99 -8.19 14.44
CA GLU H 207 -50.92 -9.21 14.99
C GLU H 207 -52.22 -9.13 14.22
N ALA H 208 -52.38 -10.01 13.22
CA ALA H 208 -53.61 -10.02 12.43
C ALA H 208 -54.65 -10.90 13.07
N GLU H 209 -55.88 -10.41 13.10
CA GLU H 209 -57.03 -11.26 13.44
C GLU H 209 -57.20 -12.28 12.29
N PRO H 210 -57.68 -13.50 12.61
CA PRO H 210 -57.63 -14.53 11.59
C PRO H 210 -58.50 -14.14 10.39
N GLY H 211 -58.05 -14.57 9.22
CA GLY H 211 -58.63 -14.09 7.97
C GLY H 211 -58.11 -12.74 7.48
N PHE H 212 -57.36 -11.99 8.27
CA PHE H 212 -56.92 -10.70 7.71
C PHE H 212 -55.40 -10.61 7.58
N GLU H 213 -54.72 -11.74 7.60
CA GLU H 213 -53.26 -11.76 7.56
C GLU H 213 -52.67 -11.07 6.36
N ALA H 214 -53.46 -10.91 5.30
CA ALA H 214 -52.92 -10.38 4.05
C ALA H 214 -52.96 -8.86 4.04
N GLU H 215 -53.88 -8.28 4.79
CA GLU H 215 -54.05 -6.81 4.75
C GLU H 215 -53.66 -6.07 6.06
N VAL H 216 -53.03 -6.82 6.95
CA VAL H 216 -52.45 -6.28 8.17
C VAL H 216 -50.94 -6.53 8.04
N SER H 217 -50.23 -5.46 7.68
CA SER H 217 -48.84 -5.59 7.21
C SER H 217 -48.01 -4.35 7.54
N ALA H 218 -46.83 -4.59 8.12
CA ALA H 218 -45.85 -3.53 8.45
C ALA H 218 -44.44 -4.08 8.32
N TYR H 219 -43.48 -3.20 8.01
CA TYR H 219 -42.11 -3.65 7.95
C TYR H 219 -41.21 -2.54 8.39
N ASN H 220 -39.97 -2.91 8.62
CA ASN H 220 -38.94 -2.00 9.07
C ASN H 220 -38.21 -1.39 7.86
N LEU H 221 -38.69 -0.23 7.39
CA LEU H 221 -38.10 0.50 6.29
C LEU H 221 -36.64 0.95 6.46
N PHE H 222 -36.29 1.52 7.62
CA PHE H 222 -34.93 1.98 7.82
C PHE H 222 -34.00 0.75 7.75
N GLY H 223 -34.44 -0.37 8.32
CA GLY H 223 -33.67 -1.63 8.24
C GLY H 223 -33.53 -2.16 6.82
N TYR H 224 -34.64 -2.09 6.09
CA TYR H 224 -34.69 -2.38 4.67
C TYR H 224 -33.64 -1.54 3.89
N LEU H 225 -33.66 -0.21 4.02
CA LEU H 225 -32.57 0.64 3.47
C LEU H 225 -31.16 0.30 3.93
N SER H 226 -30.99 -0.11 5.18
CA SER H 226 -29.67 -0.38 5.70
C SER H 226 -29.00 -1.57 5.00
N ARG H 227 -29.84 -2.38 4.36
CA ARG H 227 -29.43 -3.61 3.69
C ARG H 227 -29.42 -3.42 2.19
N SER H 228 -29.74 -2.20 1.72
CA SER H 228 -29.51 -1.94 0.30
C SER H 228 -28.05 -2.22 -0.13
N ASP H 229 -27.90 -2.96 -1.22
CA ASP H 229 -26.61 -3.38 -1.68
C ASP H 229 -26.00 -2.44 -2.71
N VAL H 230 -26.65 -1.31 -2.99
CA VAL H 230 -26.16 -0.36 -3.99
C VAL H 230 -26.40 1.06 -3.46
N THR H 231 -25.79 2.02 -4.12
CA THR H 231 -25.98 3.44 -3.78
C THR H 231 -26.69 4.18 -4.91
N TRP H 232 -27.39 5.24 -4.50
CA TRP H 232 -28.11 6.11 -5.44
C TRP H 232 -28.99 5.32 -6.40
N ASN H 233 -30.02 4.71 -5.84
CA ASN H 233 -30.91 3.86 -6.62
C ASN H 233 -32.29 3.87 -6.12
N PRO H 234 -33.04 4.94 -6.35
CA PRO H 234 -34.39 5.06 -5.82
C PRO H 234 -35.22 3.84 -6.15
N SER H 235 -35.90 3.28 -5.16
CA SER H 235 -36.56 2.02 -5.44
C SER H 235 -37.88 1.95 -4.71
N VAL H 236 -38.94 1.75 -5.48
CA VAL H 236 -40.32 1.79 -4.97
C VAL H 236 -40.58 0.87 -3.78
N CYS H 237 -41.18 1.41 -2.70
CA CYS H 237 -41.48 0.60 -1.52
C CYS H 237 -42.95 0.59 -1.17
N SER H 238 -43.66 1.64 -1.56
CA SER H 238 -45.09 1.77 -1.36
C SER H 238 -45.70 2.70 -2.40
N VAL H 239 -46.93 2.40 -2.79
CA VAL H 239 -47.55 2.96 -3.96
C VAL H 239 -48.98 3.35 -3.61
N VAL H 240 -49.35 4.59 -3.85
CA VAL H 240 -50.75 5.02 -3.75
C VAL H 240 -51.06 5.71 -5.07
N GLY H 241 -51.77 5.05 -5.99
CA GLY H 241 -51.97 5.60 -7.31
C GLY H 241 -50.65 5.87 -7.97
N ASP H 242 -50.45 7.09 -8.45
CA ASP H 242 -49.13 7.46 -9.02
C ASP H 242 -48.11 7.96 -7.99
N SER H 243 -48.48 8.06 -6.73
CA SER H 243 -47.54 8.48 -5.72
C SER H 243 -46.61 7.31 -5.37
N LEU H 244 -45.29 7.49 -5.58
CA LEU H 244 -44.29 6.45 -5.34
C LEU H 244 -43.23 6.87 -4.29
N PHE H 245 -43.17 6.16 -3.18
CA PHE H 245 -42.07 6.32 -2.23
C PHE H 245 -40.96 5.47 -2.77
N CYS H 246 -39.88 6.15 -3.13
CA CYS H 246 -38.72 5.54 -3.77
C CYS H 246 -37.45 5.80 -3.02
N PRO H 247 -37.27 5.17 -1.84
CA PRO H 247 -36.09 5.48 -1.05
C PRO H 247 -34.83 4.70 -1.48
N THR H 248 -33.69 5.12 -0.97
CA THR H 248 -32.43 4.55 -1.38
C THR H 248 -31.34 4.92 -0.35
N SER H 249 -30.22 4.21 -0.36
CA SER H 249 -29.09 4.57 0.46
C SER H 249 -28.02 5.28 -0.40
N GLU H 250 -27.56 6.46 0.04
CA GLU H 250 -26.65 7.37 -0.72
C GLU H 250 -25.25 7.45 -0.10
N GLU H 251 -24.19 7.35 -0.92
CA GLU H 251 -22.86 7.51 -0.43
C GLU H 251 -22.01 8.06 -1.55
N PHE H 252 -21.08 8.98 -1.21
CA PHE H 252 -20.23 9.69 -2.20
C PHE H 252 -21.08 10.66 -3.07
N ILE H 253 -21.05 10.59 -4.39
CA ILE H 253 -21.74 11.59 -5.22
C ILE H 253 -22.74 10.99 -6.18
N LEU H 254 -23.93 11.54 -6.28
CA LEU H 254 -24.89 11.11 -7.31
C LEU H 254 -24.16 11.14 -8.68
N PRO H 255 -24.14 10.00 -9.39
CA PRO H 255 -23.29 9.96 -10.62
C PRO H 255 -23.82 10.71 -11.84
N VAL H 256 -25.01 11.29 -11.71
CA VAL H 256 -25.62 12.08 -12.79
C VAL H 256 -26.19 13.40 -12.23
N GLU H 257 -26.47 14.37 -13.10
CA GLU H 257 -27.20 15.56 -12.69
C GLU H 257 -28.59 15.30 -13.21
N HIS H 258 -29.56 15.19 -12.31
CA HIS H 258 -30.86 14.80 -12.82
C HIS H 258 -31.70 16.02 -13.22
N GLY H 259 -32.19 16.10 -14.45
CA GLY H 259 -33.05 17.20 -14.92
C GLY H 259 -34.46 16.68 -15.15
N ASN H 260 -35.25 16.62 -14.07
CA ASN H 260 -36.51 15.85 -14.11
C ASN H 260 -37.54 16.56 -14.97
N ASP H 261 -38.43 15.82 -15.61
CA ASP H 261 -39.50 16.48 -16.37
C ASP H 261 -40.77 16.62 -15.49
N ARG H 262 -40.59 16.81 -14.19
CA ARG H 262 -41.71 16.93 -13.23
C ARG H 262 -41.12 17.33 -11.93
N CYS H 263 -41.96 17.70 -10.96
CA CYS H 263 -41.43 18.04 -9.67
C CYS H 263 -41.14 16.73 -8.97
N GLU H 264 -40.20 16.72 -8.03
CA GLU H 264 -39.97 15.57 -7.14
C GLU H 264 -39.63 16.11 -5.81
N TRP H 265 -39.66 15.25 -4.82
CA TRP H 265 -39.43 15.68 -3.46
C TRP H 265 -38.39 14.78 -2.85
N PHE H 266 -37.58 15.33 -1.94
CA PHE H 266 -36.63 14.59 -1.17
C PHE H 266 -36.97 14.71 0.31
N LEU H 267 -36.89 13.60 1.03
CA LEU H 267 -37.04 13.57 2.46
C LEU H 267 -35.86 12.79 3.00
N GLN H 268 -35.00 13.49 3.75
CA GLN H 268 -33.78 12.93 4.26
C GLN H 268 -34.15 12.10 5.47
N LEU H 269 -33.55 10.94 5.61
CA LEU H 269 -34.04 10.06 6.64
C LEU H 269 -32.99 9.83 7.71
N SER H 270 -31.71 9.87 7.33
CA SER H 270 -30.70 9.80 8.30
C SER H 270 -29.56 10.67 7.78
N ASP H 271 -28.62 11.01 8.67
CA ASP H 271 -27.35 11.64 8.34
C ASP H 271 -27.60 12.89 7.46
N GLU H 272 -26.82 13.11 6.40
CA GLU H 272 -26.90 14.42 5.68
C GLU H 272 -26.54 14.36 4.20
N ILE H 273 -27.24 15.15 3.37
CA ILE H 273 -26.91 15.33 1.95
C ILE H 273 -26.89 16.81 1.60
N VAL H 274 -25.93 17.21 0.76
CA VAL H 274 -26.03 18.51 0.08
C VAL H 274 -26.36 18.32 -1.38
N TRP H 275 -27.32 19.06 -1.88
CA TRP H 275 -27.67 19.03 -3.26
C TRP H 275 -27.13 20.23 -3.99
N ASP H 276 -26.32 19.95 -5.01
CA ASP H 276 -25.84 20.94 -5.96
C ASP H 276 -26.92 21.14 -7.00
N VAL H 277 -27.49 22.34 -6.99
CA VAL H 277 -28.58 22.68 -7.89
C VAL H 277 -28.20 23.73 -8.97
N LYS H 278 -28.32 23.30 -10.20
CA LYS H 278 -28.00 24.10 -11.35
C LYS H 278 -29.24 24.23 -12.17
N ASP H 279 -29.23 25.23 -13.03
CA ASP H 279 -30.30 25.42 -13.96
C ASP H 279 -30.39 24.23 -14.90
N LYS H 280 -31.63 23.81 -15.19
CA LYS H 280 -31.86 22.65 -16.07
C LYS H 280 -31.37 22.86 -17.50
N GLU H 281 -31.71 24.00 -18.10
CA GLU H 281 -31.44 24.20 -19.52
C GLU H 281 -29.95 24.58 -19.78
N SER H 282 -29.38 25.35 -18.87
CA SER H 282 -28.09 26.02 -19.11
C SER H 282 -26.91 25.46 -18.29
N GLY H 283 -27.20 24.77 -17.19
CA GLY H 283 -26.14 24.20 -16.33
C GLY H 283 -25.57 25.15 -15.27
N LYS H 284 -26.03 26.40 -15.24
CA LYS H 284 -25.51 27.41 -14.30
C LYS H 284 -25.97 27.19 -12.84
N PRO H 285 -25.02 27.23 -11.88
CA PRO H 285 -25.32 27.01 -10.48
C PRO H 285 -26.43 27.92 -9.98
N ARG H 286 -27.37 27.39 -9.20
CA ARG H 286 -28.51 28.18 -8.69
C ARG H 286 -28.67 28.10 -7.21
N ALA H 287 -28.52 26.92 -6.62
CA ALA H 287 -28.60 26.81 -5.17
C ALA H 287 -27.84 25.60 -4.66
N ARG H 288 -27.68 25.51 -3.36
CA ARG H 288 -27.08 24.34 -2.74
C ARG H 288 -27.95 24.07 -1.51
N VAL H 289 -28.58 22.90 -1.44
CA VAL H 289 -29.62 22.61 -0.43
C VAL H 289 -28.99 21.61 0.53
N THR H 290 -28.87 21.95 1.82
CA THR H 290 -28.30 21.03 2.78
C THR H 290 -29.49 20.44 3.54
N ALA H 291 -29.51 19.09 3.60
CA ALA H 291 -30.62 18.36 4.20
C ALA H 291 -30.09 17.41 5.25
N ARG H 292 -30.57 17.58 6.50
CA ARG H 292 -30.28 16.65 7.59
C ARG H 292 -31.56 15.87 7.94
N ALA H 293 -31.47 14.91 8.86
CA ALA H 293 -32.60 13.99 9.20
C ALA H 293 -33.88 14.76 9.45
N GLY H 294 -34.92 14.52 8.65
CA GLY H 294 -36.21 15.19 8.88
C GLY H 294 -36.50 16.23 7.83
N ASP H 295 -35.43 16.75 7.22
CA ASP H 295 -35.54 17.73 6.13
C ASP H 295 -36.25 17.25 4.85
N ILE H 296 -37.26 18.01 4.43
CA ILE H 296 -37.97 17.74 3.21
C ILE H 296 -37.94 18.94 2.33
N CYS H 297 -37.68 18.71 1.05
CA CYS H 297 -37.68 19.77 0.03
C CYS H 297 -38.13 19.23 -1.29
N CYS H 298 -38.47 20.11 -2.21
CA CYS H 298 -38.78 19.69 -3.55
C CYS H 298 -37.73 20.21 -4.51
N MET H 299 -37.56 19.50 -5.61
CA MET H 299 -36.76 19.95 -6.74
C MET H 299 -37.69 20.37 -7.86
N PRO H 300 -37.73 21.68 -8.18
CA PRO H 300 -38.53 22.14 -9.28
C PRO H 300 -38.17 21.49 -10.63
N ALA H 301 -39.10 21.55 -11.58
CA ALA H 301 -38.92 20.93 -12.87
C ALA H 301 -37.95 21.72 -13.77
N ASP H 302 -37.50 22.88 -13.35
CA ASP H 302 -36.64 23.67 -14.24
C ASP H 302 -35.18 23.68 -13.75
N ILE H 303 -34.85 22.76 -12.87
CA ILE H 303 -33.48 22.62 -12.42
C ILE H 303 -32.97 21.19 -12.58
N ARG H 304 -31.68 20.99 -12.40
CA ARG H 304 -31.07 19.66 -12.37
C ARG H 304 -30.31 19.61 -11.06
N HIS H 305 -30.10 18.42 -10.50
CA HIS H 305 -29.54 18.29 -9.14
C HIS H 305 -28.61 17.11 -9.04
N GLN H 306 -27.61 17.23 -8.18
CA GLN H 306 -26.62 16.22 -7.97
C GLN H 306 -26.24 16.26 -6.50
N GLY H 307 -26.39 15.16 -5.76
CA GLY H 307 -26.26 15.19 -4.29
C GLY H 307 -24.92 14.71 -3.81
N TYR H 308 -24.52 15.17 -2.63
CA TYR H 308 -23.28 14.72 -1.97
C TYR H 308 -23.59 14.14 -0.54
N SER H 309 -23.10 12.91 -0.28
CA SER H 309 -23.31 12.29 0.98
C SER H 309 -22.04 11.67 1.51
N THR H 310 -21.49 12.28 2.56
CA THR H 310 -20.26 11.78 3.06
C THR H 310 -20.37 10.40 3.71
N LYS H 311 -21.27 10.24 4.67
CA LYS H 311 -21.55 8.90 5.22
C LYS H 311 -22.77 8.36 4.48
N ARG H 312 -22.83 7.03 4.34
CA ARG H 312 -23.97 6.37 3.72
C ARG H 312 -25.21 6.82 4.45
N SER H 313 -26.17 7.41 3.72
CA SER H 313 -27.33 8.00 4.35
C SER H 313 -28.63 7.47 3.69
N MET H 314 -29.75 7.53 4.42
CA MET H 314 -31.03 7.06 3.89
C MET H 314 -31.84 8.25 3.42
N LEU H 315 -32.39 8.13 2.20
CA LEU H 315 -33.10 9.20 1.56
C LEU H 315 -34.36 8.61 0.98
N LEU H 316 -35.45 9.35 1.08
CA LEU H 316 -36.67 8.97 0.42
C LEU H 316 -36.81 9.92 -0.72
N VAL H 317 -36.88 9.39 -1.94
CA VAL H 317 -37.19 10.20 -3.09
C VAL H 317 -38.67 9.96 -3.37
N TRP H 318 -39.44 11.02 -3.45
CA TRP H 318 -40.85 10.84 -3.63
C TRP H 318 -41.28 11.34 -4.99
N GLU H 319 -41.84 10.44 -5.78
CA GLU H 319 -42.09 10.68 -7.19
C GLU H 319 -43.58 10.65 -7.50
N ASN H 320 -44.02 11.47 -8.46
CA ASN H 320 -45.32 11.30 -9.08
C ASN H 320 -45.09 10.67 -10.50
N GLY H 321 -45.42 9.38 -10.69
CA GLY H 321 -45.17 8.68 -11.96
C GLY H 321 -46.21 8.84 -13.08
N SER H 322 -47.17 9.75 -12.91
CA SER H 322 -48.14 10.03 -13.98
C SER H 322 -47.47 10.37 -15.32
N PRO H 323 -47.93 9.75 -16.41
CA PRO H 323 -47.36 10.07 -17.73
C PRO H 323 -47.88 11.38 -18.33
N LYS H 324 -48.87 12.00 -17.71
CA LYS H 324 -49.38 13.29 -18.19
C LYS H 324 -48.38 14.41 -17.98
N ILE H 325 -47.59 14.35 -16.90
CA ILE H 325 -46.93 15.55 -16.37
C ILE H 325 -45.97 16.28 -17.32
N PRO H 326 -45.04 15.55 -17.98
CA PRO H 326 -44.12 16.15 -18.96
C PRO H 326 -44.87 17.05 -19.97
N GLN H 327 -45.80 16.49 -20.76
CA GLN H 327 -46.57 17.35 -21.68
C GLN H 327 -47.38 18.46 -21.01
N MET H 328 -47.75 18.32 -19.75
CA MET H 328 -48.43 19.42 -19.07
C MET H 328 -47.50 20.56 -18.73
N ILE H 329 -46.37 20.25 -18.06
CA ILE H 329 -45.39 21.29 -17.72
C ILE H 329 -44.95 22.03 -18.98
N ALA H 330 -44.71 21.29 -20.08
CA ALA H 330 -44.36 21.87 -21.40
C ALA H 330 -45.37 22.88 -21.97
N ASP H 331 -46.58 22.93 -21.43
CA ASP H 331 -47.65 23.80 -21.95
C ASP H 331 -48.12 24.89 -21.01
N GLY H 332 -47.54 24.94 -19.81
CA GLY H 332 -48.02 25.83 -18.77
C GLY H 332 -49.21 25.26 -18.01
N THR H 333 -49.68 24.09 -18.43
CA THR H 333 -50.80 23.44 -17.75
C THR H 333 -50.42 22.82 -16.41
N ALA H 334 -49.13 22.56 -16.20
CA ALA H 334 -48.60 22.28 -14.88
C ALA H 334 -47.51 23.32 -14.54
N PRO H 335 -47.31 23.64 -13.24
CA PRO H 335 -46.25 24.57 -12.80
C PRO H 335 -44.92 23.86 -12.43
N VAL H 336 -43.79 24.54 -12.63
CA VAL H 336 -42.47 23.90 -12.49
C VAL H 336 -42.12 23.81 -11.04
N VAL H 337 -42.79 24.60 -10.23
CA VAL H 337 -42.71 24.47 -8.79
C VAL H 337 -44.09 23.95 -8.30
N PRO H 338 -44.11 22.86 -7.47
CA PRO H 338 -45.35 22.12 -7.09
C PRO H 338 -46.35 22.88 -6.19
N VAL H 339 -45.87 23.89 -5.47
CA VAL H 339 -46.64 24.65 -4.48
C VAL H 339 -46.12 26.09 -4.47
N THR H 340 -47.01 27.08 -4.50
CA THR H 340 -46.58 28.51 -4.36
C THR H 340 -46.84 29.16 -2.95
N PHE H 341 -45.81 29.81 -2.39
CA PHE H 341 -45.82 30.48 -1.06
C PHE H 341 -44.47 30.29 -0.36
FE FE I . -6.04 -30.71 19.84
C1' PHB J . -7.42 -28.71 19.40
O1' PHB J . -6.67 -28.85 20.36
O2' PHB J . -7.52 -29.53 18.47
C1 PHB J . -8.18 -27.41 19.29
C2 PHB J . -8.19 -26.51 20.34
C3 PHB J . -8.75 -25.25 20.18
C4 PHB J . -9.28 -24.89 18.94
C5 PHB J . -9.29 -25.79 17.90
C6 PHB J . -8.73 -27.05 18.07
O4 PHB J . -9.79 -23.65 18.75
FE FE K . 41.32 -10.34 8.03
C1' PHB L . 40.61 -8.41 7.31
O1' PHB L . 40.44 -8.53 8.55
O2' PHB L . 41.24 -9.22 6.59
C1 PHB L . 40.00 -7.19 6.64
C2 PHB L . 39.29 -6.26 7.38
C3 PHB L . 38.73 -5.15 6.77
C4 PHB L . 38.88 -4.96 5.41
C5 PHB L . 39.59 -5.89 4.66
C6 PHB L . 40.15 -7.00 5.28
O4 PHB L . 38.33 -3.87 4.81
FE FE M . -1.20 26.71 -18.91
C1' PHB N . -0.58 24.78 -18.11
O1' PHB N . -0.50 25.69 -17.27
O2' PHB N . -1.04 24.91 -19.26
C1 PHB N . 0.08 23.49 -17.77
C2 PHB N . 0.39 22.55 -18.75
C3 PHB N . 0.93 21.32 -18.42
C4 PHB N . 1.17 21.01 -17.09
C5 PHB N . 0.81 21.92 -16.09
C6 PHB N . 0.29 23.15 -16.44
O4 PHB N . 1.88 19.92 -16.73
FE FE O . -34.10 13.62 -9.35
C1' PHB P . -32.69 11.90 -8.60
O1' PHB P . -33.46 12.73 -8.08
O2' PHB P . -32.29 11.94 -9.79
C1 PHB P . -32.06 10.87 -7.71
C2 PHB P . -31.32 9.84 -8.25
C3 PHB P . -30.74 8.88 -7.43
C4 PHB P . -30.88 8.96 -6.05
C5 PHB P . -31.56 10.04 -5.50
C6 PHB P . -32.15 10.98 -6.32
O4 PHB P . -30.39 7.96 -5.28
#